data_5U0Q
# 
_entry.id   5U0Q 
# 
_audit_conform.dict_name       mmcif_pdbx.dic 
_audit_conform.dict_version    5.379 
_audit_conform.dict_location   http://mmcif.pdb.org/dictionaries/ascii/mmcif_pdbx.dic 
# 
loop_
_database_2.database_id 
_database_2.database_code 
_database_2.pdbx_database_accession 
_database_2.pdbx_DOI 
PDB   5U0Q         pdb_00005u0q 10.2210/pdb5u0q/pdb 
WWPDB D_1000225115 ?            ?                   
# 
_pdbx_database_status.status_code                     REL 
_pdbx_database_status.status_code_sf                  REL 
_pdbx_database_status.status_code_mr                  ? 
_pdbx_database_status.entry_id                        5U0Q 
_pdbx_database_status.recvd_initial_deposition_date   2016-11-26 
_pdbx_database_status.SG_entry                        N 
_pdbx_database_status.deposit_site                    RCSB 
_pdbx_database_status.process_site                    RCSB 
_pdbx_database_status.status_code_cs                  ? 
_pdbx_database_status.methods_development_category    ? 
_pdbx_database_status.pdb_format_compatible           Y 
_pdbx_database_status.status_code_nmr_data            ? 
# 
loop_
_audit_author.name 
_audit_author.pdbx_ordinal 
_audit_author.identifier_ORCID 
'Luo, Z.'   1 ? 
'Sheng, J.' 2 ? 
# 
_citation.abstract                  ? 
_citation.abstract_id_CAS           ? 
_citation.book_id_ISBN              ? 
_citation.book_publisher            ? 
_citation.book_publisher_city       ? 
_citation.book_title                ? 
_citation.coordinate_linkage        ? 
_citation.country                   ? 
_citation.database_id_Medline       ? 
_citation.details                   ? 
_citation.id                        primary 
_citation.journal_abbrev            'To Be Published' 
_citation.journal_id_ASTM           ? 
_citation.journal_id_CSD            0353 
_citation.journal_id_ISSN           ? 
_citation.journal_full              ? 
_citation.journal_issue             ? 
_citation.journal_volume            ? 
_citation.language                  ? 
_citation.page_first                ? 
_citation.page_last                 ? 
_citation.title                     
;RNA-DNA heptamer duplex with one 2'-5'-linkage
;
_citation.year                      ? 
_citation.database_id_CSD           ? 
_citation.pdbx_database_id_DOI      ? 
_citation.pdbx_database_id_PubMed   ? 
_citation.unpublished_flag          ? 
# 
loop_
_citation_author.citation_id 
_citation_author.name 
_citation_author.ordinal 
_citation_author.identifier_ORCID 
primary 'Luo, Z.'   1 ? 
primary 'Sheng, J.' 2 ? 
primary 'Wang, R.'  3 ? 
# 
_cell.angle_alpha                  90.00 
_cell.angle_alpha_esd              ? 
_cell.angle_beta                   96.05 
_cell.angle_beta_esd               ? 
_cell.angle_gamma                  90.00 
_cell.angle_gamma_esd              ? 
_cell.entry_id                     5U0Q 
_cell.details                      ? 
_cell.formula_units_Z              ? 
_cell.length_a                     26.554 
_cell.length_a_esd                 ? 
_cell.length_b                     52.923 
_cell.length_b_esd                 ? 
_cell.length_c                     27.622 
_cell.length_c_esd                 ? 
_cell.volume                       ? 
_cell.volume_esd                   ? 
_cell.Z_PDB                        4 
_cell.reciprocal_angle_alpha       ? 
_cell.reciprocal_angle_beta        ? 
_cell.reciprocal_angle_gamma       ? 
_cell.reciprocal_angle_alpha_esd   ? 
_cell.reciprocal_angle_beta_esd    ? 
_cell.reciprocal_angle_gamma_esd   ? 
_cell.reciprocal_length_a          ? 
_cell.reciprocal_length_b          ? 
_cell.reciprocal_length_c          ? 
_cell.reciprocal_length_a_esd      ? 
_cell.reciprocal_length_b_esd      ? 
_cell.reciprocal_length_c_esd      ? 
_cell.pdbx_unique_axis             ? 
# 
_symmetry.entry_id                         5U0Q 
_symmetry.cell_setting                     ? 
_symmetry.Int_Tables_number                4 
_symmetry.space_group_name_Hall            ? 
_symmetry.space_group_name_H-M             'P 1 21 1' 
_symmetry.pdbx_full_space_group_name_H-M   ? 
# 
loop_
_entity.id 
_entity.type 
_entity.src_method 
_entity.pdbx_description 
_entity.formula_weight 
_entity.pdbx_number_of_molecules 
_entity.pdbx_ec 
_entity.pdbx_mutation 
_entity.pdbx_fragment 
_entity.details 
1 polymer     syn 
;RNA (5'-R(*UP*AP*GP*CP*UP*CP*C)-3')
;
2157.331 2   ? ? ? ? 
2 polymer     syn 
;DNA/RNA (5'-R(*GP*GP*AP*GP*C)-D(P*T)-R(P*A)-3')
;
2258.446 2   ? ? ? ? 
3 non-polymer syn 'MAGNESIUM ION'                                   24.305   3   ? ? ? ? 
4 non-polymer syn 'COBALT (II) ION'                                 58.933   1   ? ? ? ? 
5 water       nat water                                             18.015   118 ? ? ? ? 
# 
loop_
_entity_poly.entity_id 
_entity_poly.type 
_entity_poly.nstd_linkage 
_entity_poly.nstd_monomer 
_entity_poly.pdbx_seq_one_letter_code 
_entity_poly.pdbx_seq_one_letter_code_can 
_entity_poly.pdbx_strand_id 
_entity_poly.pdbx_target_identifier 
1 polyribonucleotide                                  no no UAGCUCC      UAGCUCC A,C ? 
2 'polydeoxyribonucleotide/polyribonucleotide hybrid' no no 'GGAGC(DT)A' GGAGCTA B,D ? 
# 
loop_
_entity_poly_seq.entity_id 
_entity_poly_seq.num 
_entity_poly_seq.mon_id 
_entity_poly_seq.hetero 
1 1 U  n 
1 2 A  n 
1 3 G  n 
1 4 C  n 
1 5 U  n 
1 6 C  n 
1 7 C  n 
2 1 G  n 
2 2 G  n 
2 3 A  n 
2 4 G  n 
2 5 C  n 
2 6 DT n 
2 7 A  n 
# 
loop_
_pdbx_entity_src_syn.entity_id 
_pdbx_entity_src_syn.pdbx_src_id 
_pdbx_entity_src_syn.pdbx_alt_source_flag 
_pdbx_entity_src_syn.pdbx_beg_seq_num 
_pdbx_entity_src_syn.pdbx_end_seq_num 
_pdbx_entity_src_syn.organism_scientific 
_pdbx_entity_src_syn.organism_common_name 
_pdbx_entity_src_syn.ncbi_taxonomy_id 
_pdbx_entity_src_syn.details 
1 1 sample 1 7 'synthetic construct' ? 32630 ? 
2 1 sample 1 7 'synthetic construct' ? 32630 ? 
# 
loop_
_struct_ref.id 
_struct_ref.db_name 
_struct_ref.db_code 
_struct_ref.pdbx_db_accession 
_struct_ref.pdbx_db_isoform 
_struct_ref.entity_id 
_struct_ref.pdbx_seq_one_letter_code 
_struct_ref.pdbx_align_begin 
1 PDB 5U0Q 5U0Q ? 1 ? 1 
2 PDB 5U0Q 5U0Q ? 2 ? 1 
# 
loop_
_struct_ref_seq.align_id 
_struct_ref_seq.ref_id 
_struct_ref_seq.pdbx_PDB_id_code 
_struct_ref_seq.pdbx_strand_id 
_struct_ref_seq.seq_align_beg 
_struct_ref_seq.pdbx_seq_align_beg_ins_code 
_struct_ref_seq.seq_align_end 
_struct_ref_seq.pdbx_seq_align_end_ins_code 
_struct_ref_seq.pdbx_db_accession 
_struct_ref_seq.db_align_beg 
_struct_ref_seq.pdbx_db_align_beg_ins_code 
_struct_ref_seq.db_align_end 
_struct_ref_seq.pdbx_db_align_end_ins_code 
_struct_ref_seq.pdbx_auth_seq_align_beg 
_struct_ref_seq.pdbx_auth_seq_align_end 
1 1 5U0Q A 1 ? 7 ? 5U0Q 1 ? 7  ? 1 7  
2 2 5U0Q B 1 ? 7 ? 5U0Q 8 ? 14 ? 8 14 
3 1 5U0Q C 1 ? 7 ? 5U0Q 1 ? 7  ? 1 7  
4 2 5U0Q D 1 ? 7 ? 5U0Q 8 ? 14 ? 8 14 
# 
loop_
_chem_comp.id 
_chem_comp.type 
_chem_comp.mon_nstd_flag 
_chem_comp.name 
_chem_comp.pdbx_synonyms 
_chem_comp.formula 
_chem_comp.formula_weight 
A   'RNA linking' y "ADENOSINE-5'-MONOPHOSPHATE" ? 'C10 H14 N5 O7 P' 347.221 
C   'RNA linking' y "CYTIDINE-5'-MONOPHOSPHATE"  ? 'C9 H14 N3 O8 P'  323.197 
CO  non-polymer   . 'COBALT (II) ION'            ? 'Co 2'            58.933  
DT  'DNA linking' y "THYMIDINE-5'-MONOPHOSPHATE" ? 'C10 H15 N2 O8 P' 322.208 
G   'RNA linking' y "GUANOSINE-5'-MONOPHOSPHATE" ? 'C10 H14 N5 O8 P' 363.221 
HOH non-polymer   . WATER                        ? 'H2 O'            18.015  
MG  non-polymer   . 'MAGNESIUM ION'              ? 'Mg 2'            24.305  
U   'RNA linking' y "URIDINE-5'-MONOPHOSPHATE"   ? 'C9 H13 N2 O9 P'  324.181 
# 
_exptl.absorpt_coefficient_mu     ? 
_exptl.absorpt_correction_T_max   ? 
_exptl.absorpt_correction_T_min   ? 
_exptl.absorpt_correction_type    ? 
_exptl.absorpt_process_details    ? 
_exptl.entry_id                   5U0Q 
_exptl.crystals_number            1 
_exptl.details                    ? 
_exptl.method                     'X-RAY DIFFRACTION' 
_exptl.method_details             ? 
# 
_exptl_crystal.colour                      ? 
_exptl_crystal.density_diffrn              ? 
_exptl_crystal.density_Matthews            2.19 
_exptl_crystal.density_method              ? 
_exptl_crystal.density_percent_sol         43.72 
_exptl_crystal.description                 ? 
_exptl_crystal.F_000                       ? 
_exptl_crystal.id                          1 
_exptl_crystal.preparation                 ? 
_exptl_crystal.size_max                    ? 
_exptl_crystal.size_mid                    ? 
_exptl_crystal.size_min                    ? 
_exptl_crystal.size_rad                    ? 
_exptl_crystal.colour_lustre               ? 
_exptl_crystal.colour_modifier             ? 
_exptl_crystal.colour_primary              ? 
_exptl_crystal.density_meas                ? 
_exptl_crystal.density_meas_esd            ? 
_exptl_crystal.density_meas_gt             ? 
_exptl_crystal.density_meas_lt             ? 
_exptl_crystal.density_meas_temp           ? 
_exptl_crystal.density_meas_temp_esd       ? 
_exptl_crystal.density_meas_temp_gt        ? 
_exptl_crystal.density_meas_temp_lt        ? 
_exptl_crystal.pdbx_crystal_image_url      ? 
_exptl_crystal.pdbx_crystal_image_format   ? 
_exptl_crystal.pdbx_mosaicity              ? 
_exptl_crystal.pdbx_mosaicity_esd          ? 
# 
_exptl_crystal_grow.apparatus       ? 
_exptl_crystal_grow.atmosphere      ? 
_exptl_crystal_grow.crystal_id      1 
_exptl_crystal_grow.details         ? 
_exptl_crystal_grow.method          'VAPOR DIFFUSION, HANGING DROP' 
_exptl_crystal_grow.method_ref      ? 
_exptl_crystal_grow.pH              5.5 
_exptl_crystal_grow.pressure        ? 
_exptl_crystal_grow.pressure_esd    ? 
_exptl_crystal_grow.seeding         ? 
_exptl_crystal_grow.seeding_ref     ? 
_exptl_crystal_grow.temp            293 
_exptl_crystal_grow.temp_details    ? 
_exptl_crystal_grow.temp_esd        ? 
_exptl_crystal_grow.time            ? 
_exptl_crystal_grow.pdbx_details    
;10% v/v (+/-)-2-Methyl-2,4-pentanediol,   0.040 M Sodium cacodylate trihydrate pH 5.5,   0.020 M Hexamine cobalt(III) chloride,  0.02 M Magnesium chloride hexahydrate
;
_exptl_crystal_grow.pdbx_pH_range   ? 
# 
_diffrn.ambient_environment    ? 
_diffrn.ambient_temp           100 
_diffrn.ambient_temp_details   ? 
_diffrn.ambient_temp_esd       ? 
_diffrn.crystal_id             1 
_diffrn.crystal_support        ? 
_diffrn.crystal_treatment      ? 
_diffrn.details                ? 
_diffrn.id                     1 
_diffrn.ambient_pressure       ? 
_diffrn.ambient_pressure_esd   ? 
_diffrn.ambient_pressure_gt    ? 
_diffrn.ambient_pressure_lt    ? 
_diffrn.ambient_temp_gt        ? 
_diffrn.ambient_temp_lt        ? 
# 
_diffrn_detector.details                      ? 
_diffrn_detector.detector                     CCD 
_diffrn_detector.diffrn_id                    1 
_diffrn_detector.type                         'ADSC QUANTUM 315' 
_diffrn_detector.area_resol_mean              ? 
_diffrn_detector.dtime                        ? 
_diffrn_detector.pdbx_frames_total            ? 
_diffrn_detector.pdbx_collection_time_total   ? 
_diffrn_detector.pdbx_collection_date         2016-10-28 
# 
_diffrn_radiation.collimation                      ? 
_diffrn_radiation.diffrn_id                        1 
_diffrn_radiation.filter_edge                      ? 
_diffrn_radiation.inhomogeneity                    ? 
_diffrn_radiation.monochromator                    ? 
_diffrn_radiation.polarisn_norm                    ? 
_diffrn_radiation.polarisn_ratio                   ? 
_diffrn_radiation.probe                            ? 
_diffrn_radiation.type                             ? 
_diffrn_radiation.xray_symbol                      ? 
_diffrn_radiation.wavelength_id                    1 
_diffrn_radiation.pdbx_monochromatic_or_laue_m_l   M 
_diffrn_radiation.pdbx_wavelength_list             ? 
_diffrn_radiation.pdbx_wavelength                  ? 
_diffrn_radiation.pdbx_diffrn_protocol             'SINGLE WAVELENGTH' 
_diffrn_radiation.pdbx_analyzer                    ? 
_diffrn_radiation.pdbx_scattering_type             x-ray 
# 
_diffrn_radiation_wavelength.id           1 
_diffrn_radiation_wavelength.wavelength   1.0 
_diffrn_radiation_wavelength.wt           1.0 
# 
_diffrn_source.current                     ? 
_diffrn_source.details                     ? 
_diffrn_source.diffrn_id                   1 
_diffrn_source.power                       ? 
_diffrn_source.size                        ? 
_diffrn_source.source                      SYNCHROTRON 
_diffrn_source.target                      ? 
_diffrn_source.type                        'ALS BEAMLINE 8.2.1' 
_diffrn_source.voltage                     ? 
_diffrn_source.take-off_angle              ? 
_diffrn_source.pdbx_wavelength_list        1.0 
_diffrn_source.pdbx_wavelength             ? 
_diffrn_source.pdbx_synchrotron_beamline   8.2.1 
_diffrn_source.pdbx_synchrotron_site       ALS 
# 
_reflns.B_iso_Wilson_estimate            ? 
_reflns.entry_id                         5U0Q 
_reflns.data_reduction_details           ? 
_reflns.data_reduction_method            ? 
_reflns.d_resolution_high                1.43 
_reflns.d_resolution_low                 50.00 
_reflns.details                          ? 
_reflns.limit_h_max                      ? 
_reflns.limit_h_min                      ? 
_reflns.limit_k_max                      ? 
_reflns.limit_k_min                      ? 
_reflns.limit_l_max                      ? 
_reflns.limit_l_min                      ? 
_reflns.number_all                       ? 
_reflns.number_obs                       14036 
_reflns.observed_criterion               ? 
_reflns.observed_criterion_F_max         ? 
_reflns.observed_criterion_F_min         ? 
_reflns.observed_criterion_I_max         ? 
_reflns.observed_criterion_I_min         ? 
_reflns.observed_criterion_sigma_F       ? 
_reflns.observed_criterion_sigma_I       ? 
_reflns.percent_possible_obs             98.9 
_reflns.R_free_details                   ? 
_reflns.Rmerge_F_all                     ? 
_reflns.Rmerge_F_obs                     ? 
_reflns.Friedel_coverage                 ? 
_reflns.number_gt                        ? 
_reflns.threshold_expression             ? 
_reflns.pdbx_redundancy                  3.0 
_reflns.pdbx_Rmerge_I_obs                0.055 
_reflns.pdbx_Rmerge_I_all                ? 
_reflns.pdbx_Rsym_value                  ? 
_reflns.pdbx_netI_over_av_sigmaI         ? 
_reflns.pdbx_netI_over_sigmaI            17.6 
_reflns.pdbx_res_netI_over_av_sigmaI_2   ? 
_reflns.pdbx_res_netI_over_sigmaI_2      ? 
_reflns.pdbx_chi_squared                 ? 
_reflns.pdbx_scaling_rejects             ? 
_reflns.pdbx_d_res_high_opt              ? 
_reflns.pdbx_d_res_low_opt               ? 
_reflns.pdbx_d_res_opt_method            ? 
_reflns.phase_calculation_details        ? 
_reflns.pdbx_Rrim_I_all                  ? 
_reflns.pdbx_Rpim_I_all                  ? 
_reflns.pdbx_d_opt                       ? 
_reflns.pdbx_number_measured_all         ? 
_reflns.pdbx_diffrn_id                   1 
_reflns.pdbx_ordinal                     1 
_reflns.pdbx_CC_half                     ? 
_reflns.pdbx_R_split                     ? 
# 
_reflns_shell.d_res_high                  1.43 
_reflns_shell.d_res_low                   1.48 
_reflns_shell.meanI_over_sigI_all         ? 
_reflns_shell.meanI_over_sigI_obs         2 
_reflns_shell.number_measured_all         ? 
_reflns_shell.number_measured_obs         ? 
_reflns_shell.number_possible             ? 
_reflns_shell.number_unique_all           ? 
_reflns_shell.number_unique_obs           ? 
_reflns_shell.percent_possible_all        99.9 
_reflns_shell.percent_possible_obs        ? 
_reflns_shell.Rmerge_F_all                ? 
_reflns_shell.Rmerge_F_obs                ? 
_reflns_shell.Rmerge_I_all                ? 
_reflns_shell.Rmerge_I_obs                0.614 
_reflns_shell.meanI_over_sigI_gt          ? 
_reflns_shell.meanI_over_uI_all           ? 
_reflns_shell.meanI_over_uI_gt            ? 
_reflns_shell.number_measured_gt          ? 
_reflns_shell.number_unique_gt            ? 
_reflns_shell.percent_possible_gt         ? 
_reflns_shell.Rmerge_F_gt                 ? 
_reflns_shell.Rmerge_I_gt                 ? 
_reflns_shell.pdbx_redundancy             3.0 
_reflns_shell.pdbx_Rsym_value             ? 
_reflns_shell.pdbx_chi_squared            ? 
_reflns_shell.pdbx_netI_over_sigmaI_all   ? 
_reflns_shell.pdbx_netI_over_sigmaI_obs   ? 
_reflns_shell.pdbx_Rrim_I_all             ? 
_reflns_shell.pdbx_Rpim_I_all             ? 
_reflns_shell.pdbx_rejects                ? 
_reflns_shell.pdbx_ordinal                1 
_reflns_shell.pdbx_diffrn_id              1 
_reflns_shell.pdbx_CC_half                ? 
_reflns_shell.pdbx_R_split                ? 
# 
_refine.aniso_B[1][1]                            3.42 
_refine.aniso_B[1][2]                            -0.00 
_refine.aniso_B[1][3]                            -1.16 
_refine.aniso_B[2][2]                            -1.49 
_refine.aniso_B[2][3]                            -0.00 
_refine.aniso_B[3][3]                            -1.64 
_refine.B_iso_max                                ? 
_refine.B_iso_mean                               24.656 
_refine.B_iso_min                                ? 
_refine.correlation_coeff_Fo_to_Fc               0.978 
_refine.correlation_coeff_Fo_to_Fc_free          0.975 
_refine.details                                  'HYDROGENS HAVE BEEN ADDED IN THE RIDING POSITIONS' 
_refine.diff_density_max                         ? 
_refine.diff_density_max_esd                     ? 
_refine.diff_density_min                         ? 
_refine.diff_density_min_esd                     ? 
_refine.diff_density_rms                         ? 
_refine.diff_density_rms_esd                     ? 
_refine.entry_id                                 5U0Q 
_refine.pdbx_refine_id                           'X-RAY DIFFRACTION' 
_refine.ls_abs_structure_details                 ? 
_refine.ls_abs_structure_Flack                   ? 
_refine.ls_abs_structure_Flack_esd               ? 
_refine.ls_abs_structure_Rogers                  ? 
_refine.ls_abs_structure_Rogers_esd              ? 
_refine.ls_d_res_high                            1.43 
_refine.ls_d_res_low                             18.11 
_refine.ls_extinction_coef                       ? 
_refine.ls_extinction_coef_esd                   ? 
_refine.ls_extinction_expression                 ? 
_refine.ls_extinction_method                     ? 
_refine.ls_goodness_of_fit_all                   ? 
_refine.ls_goodness_of_fit_all_esd               ? 
_refine.ls_goodness_of_fit_obs                   ? 
_refine.ls_goodness_of_fit_obs_esd               ? 
_refine.ls_hydrogen_treatment                    ? 
_refine.ls_matrix_type                           ? 
_refine.ls_number_constraints                    ? 
_refine.ls_number_parameters                     ? 
_refine.ls_number_reflns_all                     ? 
_refine.ls_number_reflns_obs                     13355 
_refine.ls_number_reflns_R_free                  662 
_refine.ls_number_reflns_R_work                  ? 
_refine.ls_number_restraints                     ? 
_refine.ls_percent_reflns_obs                    98.59 
_refine.ls_percent_reflns_R_free                 4.7 
_refine.ls_R_factor_all                          ? 
_refine.ls_R_factor_obs                          0.15376 
_refine.ls_R_factor_R_free                       0.17692 
_refine.ls_R_factor_R_free_error                 ? 
_refine.ls_R_factor_R_free_error_details         ? 
_refine.ls_R_factor_R_work                       0.15269 
_refine.ls_R_Fsqd_factor_obs                     ? 
_refine.ls_R_I_factor_obs                        ? 
_refine.ls_redundancy_reflns_all                 ? 
_refine.ls_redundancy_reflns_obs                 ? 
_refine.ls_restrained_S_all                      ? 
_refine.ls_restrained_S_obs                      ? 
_refine.ls_shift_over_esd_max                    ? 
_refine.ls_shift_over_esd_mean                   ? 
_refine.ls_structure_factor_coef                 ? 
_refine.ls_weighting_details                     ? 
_refine.ls_weighting_scheme                      ? 
_refine.ls_wR_factor_all                         ? 
_refine.ls_wR_factor_obs                         ? 
_refine.ls_wR_factor_R_free                      ? 
_refine.ls_wR_factor_R_work                      ? 
_refine.occupancy_max                            ? 
_refine.occupancy_min                            ? 
_refine.solvent_model_details                    ? 
_refine.solvent_model_param_bsol                 ? 
_refine.solvent_model_param_ksol                 ? 
_refine.ls_R_factor_gt                           ? 
_refine.ls_goodness_of_fit_gt                    ? 
_refine.ls_goodness_of_fit_ref                   ? 
_refine.ls_shift_over_su_max                     ? 
_refine.ls_shift_over_su_max_lt                  ? 
_refine.ls_shift_over_su_mean                    ? 
_refine.ls_shift_over_su_mean_lt                 ? 
_refine.pdbx_ls_sigma_I                          ? 
_refine.pdbx_ls_sigma_F                          ? 
_refine.pdbx_ls_sigma_Fsqd                       ? 
_refine.pdbx_data_cutoff_high_absF               ? 
_refine.pdbx_data_cutoff_high_rms_absF           ? 
_refine.pdbx_data_cutoff_low_absF                ? 
_refine.pdbx_isotropic_thermal_model             ? 
_refine.pdbx_ls_cross_valid_method               THROUGHOUT 
_refine.pdbx_method_to_determine_struct          'MOLECULAR REPLACEMENT' 
_refine.pdbx_starting_model                      5TKO 
_refine.pdbx_stereochemistry_target_values       ? 
_refine.pdbx_R_Free_selection_details            RANDOM 
_refine.pdbx_stereochem_target_val_spec_case     ? 
_refine.pdbx_overall_ESU_R                       0.071 
_refine.pdbx_overall_ESU_R_Free                  0.059 
_refine.pdbx_solvent_vdw_probe_radii             1.20 
_refine.pdbx_solvent_ion_probe_radii             0.80 
_refine.pdbx_solvent_shrinkage_radii             0.80 
_refine.pdbx_real_space_R                        ? 
_refine.pdbx_density_correlation                 ? 
_refine.pdbx_pd_number_of_powder_patterns        ? 
_refine.pdbx_pd_number_of_points                 ? 
_refine.pdbx_pd_meas_number_of_points            ? 
_refine.pdbx_pd_proc_ls_prof_R_factor            ? 
_refine.pdbx_pd_proc_ls_prof_wR_factor           ? 
_refine.pdbx_pd_Marquardt_correlation_coeff      ? 
_refine.pdbx_pd_Fsqrd_R_factor                   ? 
_refine.pdbx_pd_ls_matrix_band_width             ? 
_refine.pdbx_overall_phase_error                 ? 
_refine.pdbx_overall_SU_R_free_Cruickshank_DPI   ? 
_refine.pdbx_overall_SU_R_free_Blow_DPI          ? 
_refine.pdbx_overall_SU_R_Blow_DPI               ? 
_refine.pdbx_TLS_residual_ADP_flag               ? 
_refine.pdbx_diffrn_id                           1 
_refine.overall_SU_B                             3.572 
_refine.overall_SU_ML                            0.056 
_refine.overall_SU_R_Cruickshank_DPI             ? 
_refine.overall_SU_R_free                        ? 
_refine.overall_FOM_free_R_set                   ? 
_refine.overall_FOM_work_R_set                   ? 
_refine.pdbx_average_fsc_overall                 ? 
_refine.pdbx_average_fsc_work                    ? 
_refine.pdbx_average_fsc_free                    ? 
# 
_refine_hist.pdbx_refine_id                   'X-RAY DIFFRACTION' 
_refine_hist.cycle_id                         1 
_refine_hist.pdbx_number_atoms_protein        0 
_refine_hist.pdbx_number_atoms_nucleic_acid   584 
_refine_hist.pdbx_number_atoms_ligand         4 
_refine_hist.number_atoms_solvent             118 
_refine_hist.number_atoms_total               706 
_refine_hist.d_res_high                       1.43 
_refine_hist.d_res_low                        18.11 
# 
loop_
_refine_ls_restr.pdbx_refine_id 
_refine_ls_restr.criterion 
_refine_ls_restr.dev_ideal 
_refine_ls_restr.dev_ideal_target 
_refine_ls_restr.number 
_refine_ls_restr.rejects 
_refine_ls_restr.type 
_refine_ls_restr.weight 
_refine_ls_restr.pdbx_restraint_function 
'X-RAY DIFFRACTION' ? 0.012  0.011  650 ? r_bond_refined_d             ? ? 
'X-RAY DIFFRACTION' ? 0.005  0.020  286 ? r_bond_other_d               ? ? 
'X-RAY DIFFRACTION' ? 1.755  1.261  998 ? r_angle_refined_deg          ? ? 
'X-RAY DIFFRACTION' ? 5.576  3.000  684 ? r_angle_other_deg            ? ? 
'X-RAY DIFFRACTION' ? ?      ?      ?   ? r_dihedral_angle_1_deg       ? ? 
'X-RAY DIFFRACTION' ? ?      ?      ?   ? r_dihedral_angle_2_deg       ? ? 
'X-RAY DIFFRACTION' ? ?      ?      ?   ? r_dihedral_angle_3_deg       ? ? 
'X-RAY DIFFRACTION' ? ?      ?      ?   ? r_dihedral_angle_4_deg       ? ? 
'X-RAY DIFFRACTION' ? 0.114  0.200  110 ? r_chiral_restr               ? ? 
'X-RAY DIFFRACTION' ? 0.023  0.020  330 ? r_gen_planes_refined         ? ? 
'X-RAY DIFFRACTION' ? 0.010  0.020  144 ? r_gen_planes_other           ? ? 
'X-RAY DIFFRACTION' ? ?      ?      ?   ? r_nbd_refined                ? ? 
'X-RAY DIFFRACTION' ? ?      ?      ?   ? r_nbd_other                  ? ? 
'X-RAY DIFFRACTION' ? ?      ?      ?   ? r_nbtor_refined              ? ? 
'X-RAY DIFFRACTION' ? ?      ?      ?   ? r_nbtor_other                ? ? 
'X-RAY DIFFRACTION' ? ?      ?      ?   ? r_xyhbond_nbd_refined        ? ? 
'X-RAY DIFFRACTION' ? ?      ?      ?   ? r_xyhbond_nbd_other          ? ? 
'X-RAY DIFFRACTION' ? ?      ?      ?   ? r_metal_ion_refined          ? ? 
'X-RAY DIFFRACTION' ? ?      ?      ?   ? r_metal_ion_other            ? ? 
'X-RAY DIFFRACTION' ? ?      ?      ?   ? r_symmetry_vdw_refined       ? ? 
'X-RAY DIFFRACTION' ? ?      ?      ?   ? r_symmetry_vdw_other         ? ? 
'X-RAY DIFFRACTION' ? ?      ?      ?   ? r_symmetry_hbond_refined     ? ? 
'X-RAY DIFFRACTION' ? ?      ?      ?   ? r_symmetry_hbond_other       ? ? 
'X-RAY DIFFRACTION' ? ?      ?      ?   ? r_symmetry_metal_ion_refined ? ? 
'X-RAY DIFFRACTION' ? ?      ?      ?   ? r_symmetry_metal_ion_other   ? ? 
'X-RAY DIFFRACTION' ? ?      ?      ?   ? r_mcbond_it                  ? ? 
'X-RAY DIFFRACTION' ? ?      ?      ?   ? r_mcbond_other               ? ? 
'X-RAY DIFFRACTION' ? ?      ?      ?   ? r_mcangle_it                 ? ? 
'X-RAY DIFFRACTION' ? ?      ?      ?   ? r_mcangle_other              ? ? 
'X-RAY DIFFRACTION' ? 3.418  4.646  650 ? r_scbond_it                  ? ? 
'X-RAY DIFFRACTION' ? 3.416  4.646  651 ? r_scbond_other               ? ? 
'X-RAY DIFFRACTION' ? ?      ?      ?   ? r_scangle_it                 ? ? 
'X-RAY DIFFRACTION' ? 3.734  8.807  999 ? r_scangle_other              ? ? 
'X-RAY DIFFRACTION' ? 5.601  21.568 979 ? r_long_range_B_refined       ? ? 
'X-RAY DIFFRACTION' ? 5.560  21.513 976 ? r_long_range_B_other         ? ? 
'X-RAY DIFFRACTION' ? 4.285  3.000  936 ? r_rigid_bond_restr           ? ? 
'X-RAY DIFFRACTION' ? 36.362 5.000  64  ? r_sphericity_free            ? ? 
'X-RAY DIFFRACTION' ? 19.732 5.000  928 ? r_sphericity_bonded          ? ? 
# 
_refine_ls_shell.pdbx_refine_id                   'X-RAY DIFFRACTION' 
_refine_ls_shell.d_res_high                       1.426 
_refine_ls_shell.d_res_low                        1.503 
_refine_ls_shell.number_reflns_all                ? 
_refine_ls_shell.number_reflns_obs                ? 
_refine_ls_shell.number_reflns_R_free             85 
_refine_ls_shell.number_reflns_R_work             1915 
_refine_ls_shell.percent_reflns_obs               97.47 
_refine_ls_shell.percent_reflns_R_free            ? 
_refine_ls_shell.R_factor_all                     ? 
_refine_ls_shell.R_factor_obs                     ? 
_refine_ls_shell.R_factor_R_free                  0.239 
_refine_ls_shell.R_factor_R_free_error            ? 
_refine_ls_shell.R_factor_R_work                  0.255 
_refine_ls_shell.redundancy_reflns_all            ? 
_refine_ls_shell.redundancy_reflns_obs            ? 
_refine_ls_shell.wR_factor_all                    ? 
_refine_ls_shell.wR_factor_obs                    ? 
_refine_ls_shell.wR_factor_R_free                 ? 
_refine_ls_shell.wR_factor_R_work                 ? 
_refine_ls_shell.pdbx_total_number_of_bins_used   10 
_refine_ls_shell.pdbx_phase_error                 ? 
_refine_ls_shell.pdbx_fsc_work                    ? 
_refine_ls_shell.pdbx_fsc_free                    ? 
# 
_struct.entry_id                     5U0Q 
_struct.title                        
;RNA-DNA heptamer duplex with one 2'-5'-linkage
;
_struct.pdbx_model_details           ? 
_struct.pdbx_formula_weight          ? 
_struct.pdbx_formula_weight_method   ? 
_struct.pdbx_model_type_details      ? 
_struct.pdbx_CASP_flag               N 
# 
_struct_keywords.entry_id        5U0Q 
_struct_keywords.text            
;2'-5'-LINKAGE, RNA-DNA, RNA, DNA
;
_struct_keywords.pdbx_keywords   'RNA, DNA' 
# 
loop_
_struct_asym.id 
_struct_asym.pdbx_blank_PDB_chainid_flag 
_struct_asym.pdbx_modified 
_struct_asym.entity_id 
_struct_asym.details 
A N N 1 ? 
B N N 2 ? 
C N N 1 ? 
D N N 2 ? 
E N N 3 ? 
F N N 4 ? 
G N N 3 ? 
H N N 3 ? 
I N N 5 ? 
J N N 5 ? 
K N N 5 ? 
L N N 5 ? 
# 
loop_
_struct_conn.id 
_struct_conn.conn_type_id 
_struct_conn.pdbx_leaving_atom_flag 
_struct_conn.pdbx_PDB_id 
_struct_conn.ptnr1_label_asym_id 
_struct_conn.ptnr1_label_comp_id 
_struct_conn.ptnr1_label_seq_id 
_struct_conn.ptnr1_label_atom_id 
_struct_conn.pdbx_ptnr1_label_alt_id 
_struct_conn.pdbx_ptnr1_PDB_ins_code 
_struct_conn.pdbx_ptnr1_standard_comp_id 
_struct_conn.ptnr1_symmetry 
_struct_conn.ptnr2_label_asym_id 
_struct_conn.ptnr2_label_comp_id 
_struct_conn.ptnr2_label_seq_id 
_struct_conn.ptnr2_label_atom_id 
_struct_conn.pdbx_ptnr2_label_alt_id 
_struct_conn.pdbx_ptnr2_PDB_ins_code 
_struct_conn.ptnr1_auth_asym_id 
_struct_conn.ptnr1_auth_comp_id 
_struct_conn.ptnr1_auth_seq_id 
_struct_conn.ptnr2_auth_asym_id 
_struct_conn.ptnr2_auth_comp_id 
_struct_conn.ptnr2_auth_seq_id 
_struct_conn.ptnr2_symmetry 
_struct_conn.pdbx_ptnr3_label_atom_id 
_struct_conn.pdbx_ptnr3_label_seq_id 
_struct_conn.pdbx_ptnr3_label_comp_id 
_struct_conn.pdbx_ptnr3_label_asym_id 
_struct_conn.pdbx_ptnr3_label_alt_id 
_struct_conn.pdbx_ptnr3_PDB_ins_code 
_struct_conn.details 
_struct_conn.pdbx_dist_value 
_struct_conn.pdbx_value_order 
_struct_conn.pdbx_role 
covale1  covale one ? A A  2 "O2'" ? ? ? 1_555 A G   3 P  ? ? A A  2   A G   3   1_555 ? ? ? ? ? ? ?            1.652 ? ? 
covale2  covale one ? C A  2 "O2'" ? ? ? 1_555 C G   3 P  ? ? C A  2   C G   3   1_555 ? ? ? ? ? ? ?            1.648 ? ? 
metalc1  metalc ?   ? E MG . MG    ? ? ? 1_555 J HOH . O  ? ? B MG 101 B HOH 228 1_555 ? ? ? ? ? ? ?            1.729 ? ? 
metalc2  metalc ?   ? F CO . CO    ? ? ? 1_555 K HOH . O  ? ? C CO 101 C HOH 212 1_555 ? ? ? ? ? ? ?            1.949 ? ? 
metalc3  metalc ?   ? F CO . CO    ? ? ? 1_555 K HOH . O  ? ? C CO 101 C HOH 227 1_555 ? ? ? ? ? ? ?            2.154 ? ? 
metalc4  metalc ?   ? G MG . MG    ? ? ? 1_555 K HOH . O  ? ? C MG 102 C HOH 220 1_555 ? ? ? ? ? ? ?            2.462 ? ? 
metalc5  metalc ?   ? H MG . MG    ? ? ? 1_555 L HOH . O  ? ? D MG 101 D HOH 216 1_555 ? ? ? ? ? ? ?            2.079 ? ? 
hydrog1  hydrog ?   ? A A  2 N6    ? ? ? 1_555 B DT  6 O2 ? ? A A  2   B DT  13  1_555 ? ? ? ? ? ? 'A-DT PAIR'  ?     ? ? 
hydrog2  hydrog ?   ? A G  3 N1    ? ? ? 1_555 B C   5 N3 ? ? A G  3   B C   12  1_555 ? ? ? ? ? ? WATSON-CRICK ?     ? ? 
hydrog3  hydrog ?   ? A G  3 N2    ? ? ? 1_555 B C   5 O2 ? ? A G  3   B C   12  1_555 ? ? ? ? ? ? WATSON-CRICK ?     ? ? 
hydrog4  hydrog ?   ? A G  3 O6    ? ? ? 1_555 B C   5 N4 ? ? A G  3   B C   12  1_555 ? ? ? ? ? ? WATSON-CRICK ?     ? ? 
hydrog5  hydrog ?   ? A C  4 N3    ? ? ? 1_555 B G   4 N1 ? ? A C  4   B G   11  1_555 ? ? ? ? ? ? WATSON-CRICK ?     ? ? 
hydrog6  hydrog ?   ? A C  4 N4    ? ? ? 1_555 B G   4 O6 ? ? A C  4   B G   11  1_555 ? ? ? ? ? ? WATSON-CRICK ?     ? ? 
hydrog7  hydrog ?   ? A C  4 O2    ? ? ? 1_555 B G   4 N2 ? ? A C  4   B G   11  1_555 ? ? ? ? ? ? WATSON-CRICK ?     ? ? 
hydrog8  hydrog ?   ? A U  5 N3    ? ? ? 1_555 B A   3 N1 ? ? A U  5   B A   10  1_555 ? ? ? ? ? ? WATSON-CRICK ?     ? ? 
hydrog9  hydrog ?   ? A U  5 O4    ? ? ? 1_555 B A   3 N6 ? ? A U  5   B A   10  1_555 ? ? ? ? ? ? WATSON-CRICK ?     ? ? 
hydrog10 hydrog ?   ? A C  6 N3    ? ? ? 1_555 B G   2 N1 ? ? A C  6   B G   9   1_555 ? ? ? ? ? ? WATSON-CRICK ?     ? ? 
hydrog11 hydrog ?   ? A C  6 N4    ? ? ? 1_555 B G   2 O6 ? ? A C  6   B G   9   1_555 ? ? ? ? ? ? WATSON-CRICK ?     ? ? 
hydrog12 hydrog ?   ? A C  6 O2    ? ? ? 1_555 B G   2 N2 ? ? A C  6   B G   9   1_555 ? ? ? ? ? ? WATSON-CRICK ?     ? ? 
hydrog13 hydrog ?   ? A C  7 N3    ? ? ? 1_555 B G   1 N1 ? ? A C  7   B G   8   1_555 ? ? ? ? ? ? WATSON-CRICK ?     ? ? 
hydrog14 hydrog ?   ? A C  7 N4    ? ? ? 1_555 B G   1 O6 ? ? A C  7   B G   8   1_555 ? ? ? ? ? ? WATSON-CRICK ?     ? ? 
hydrog15 hydrog ?   ? A C  7 O2    ? ? ? 1_555 B G   1 N2 ? ? A C  7   B G   8   1_555 ? ? ? ? ? ? WATSON-CRICK ?     ? ? 
hydrog16 hydrog ?   ? C A  2 N6    ? ? ? 1_555 D DT  6 O2 ? ? C A  2   D DT  13  1_555 ? ? ? ? ? ? 'A-DT PAIR'  ?     ? ? 
hydrog17 hydrog ?   ? C G  3 N1    ? ? ? 1_555 D C   5 N3 ? ? C G  3   D C   12  1_555 ? ? ? ? ? ? WATSON-CRICK ?     ? ? 
hydrog18 hydrog ?   ? C G  3 N2    ? ? ? 1_555 D C   5 O2 ? ? C G  3   D C   12  1_555 ? ? ? ? ? ? WATSON-CRICK ?     ? ? 
hydrog19 hydrog ?   ? C G  3 O6    ? ? ? 1_555 D C   5 N4 ? ? C G  3   D C   12  1_555 ? ? ? ? ? ? WATSON-CRICK ?     ? ? 
hydrog20 hydrog ?   ? C C  4 N3    ? ? ? 1_555 D G   4 N1 ? ? C C  4   D G   11  1_555 ? ? ? ? ? ? WATSON-CRICK ?     ? ? 
hydrog21 hydrog ?   ? C C  4 N4    ? ? ? 1_555 D G   4 O6 ? ? C C  4   D G   11  1_555 ? ? ? ? ? ? WATSON-CRICK ?     ? ? 
hydrog22 hydrog ?   ? C C  4 O2    ? ? ? 1_555 D G   4 N2 ? ? C C  4   D G   11  1_555 ? ? ? ? ? ? WATSON-CRICK ?     ? ? 
hydrog23 hydrog ?   ? C U  5 N3    ? ? ? 1_555 D A   3 N1 ? ? C U  5   D A   10  1_555 ? ? ? ? ? ? WATSON-CRICK ?     ? ? 
hydrog24 hydrog ?   ? C U  5 O4    ? ? ? 1_555 D A   3 N6 ? ? C U  5   D A   10  1_555 ? ? ? ? ? ? WATSON-CRICK ?     ? ? 
hydrog25 hydrog ?   ? C C  6 N3    ? ? ? 1_555 D G   2 N1 ? ? C C  6   D G   9   1_555 ? ? ? ? ? ? WATSON-CRICK ?     ? ? 
hydrog26 hydrog ?   ? C C  6 N4    ? ? ? 1_555 D G   2 O6 ? ? C C  6   D G   9   1_555 ? ? ? ? ? ? WATSON-CRICK ?     ? ? 
hydrog27 hydrog ?   ? C C  6 O2    ? ? ? 1_555 D G   2 N2 ? ? C C  6   D G   9   1_555 ? ? ? ? ? ? WATSON-CRICK ?     ? ? 
hydrog28 hydrog ?   ? C C  7 N3    ? ? ? 1_555 D G   1 N1 ? ? C C  7   D G   8   1_555 ? ? ? ? ? ? WATSON-CRICK ?     ? ? 
hydrog29 hydrog ?   ? C C  7 N4    ? ? ? 1_555 D G   1 O6 ? ? C C  7   D G   8   1_555 ? ? ? ? ? ? WATSON-CRICK ?     ? ? 
hydrog30 hydrog ?   ? C C  7 O2    ? ? ? 1_555 D G   1 N2 ? ? C C  7   D G   8   1_555 ? ? ? ? ? ? WATSON-CRICK ?     ? ? 
# 
loop_
_struct_conn_type.id 
_struct_conn_type.criteria 
_struct_conn_type.reference 
covale ? ? 
metalc ? ? 
hydrog ? ? 
# 
loop_
_struct_site.id 
_struct_site.pdbx_evidence_code 
_struct_site.pdbx_auth_asym_id 
_struct_site.pdbx_auth_comp_id 
_struct_site.pdbx_auth_seq_id 
_struct_site.pdbx_auth_ins_code 
_struct_site.pdbx_num_residues 
_struct_site.details 
AC1 Software B MG 101 ? 1  'binding site for residue MG B 101'              
AC2 Software C CO 101 ? 2  'binding site for residue CO C 101'              
AC3 Software C MG 102 ? 2  'binding site for residue MG C 102'              
AC4 Software D MG 101 ? 1  'binding site for residue MG D 101'              
AC5 Software C A  2   ? 19 'binding site for Di-nucleotide A C 2 and G C 3' 
# 
loop_
_struct_site_gen.id 
_struct_site_gen.site_id 
_struct_site_gen.pdbx_num_res 
_struct_site_gen.label_comp_id 
_struct_site_gen.label_asym_id 
_struct_site_gen.label_seq_id 
_struct_site_gen.pdbx_auth_ins_code 
_struct_site_gen.auth_comp_id 
_struct_site_gen.auth_asym_id 
_struct_site_gen.auth_seq_id 
_struct_site_gen.label_atom_id 
_struct_site_gen.label_alt_id 
_struct_site_gen.symmetry 
_struct_site_gen.details 
1  AC1 1  HOH J . ? HOH B 228 . ? 1_555 ? 
2  AC2 2  HOH K . ? HOH C 212 . ? 1_555 ? 
3  AC2 2  HOH K . ? HOH C 227 . ? 1_555 ? 
4  AC3 2  HOH K . ? HOH C 215 . ? 1_555 ? 
5  AC3 2  HOH K . ? HOH C 220 . ? 1_555 ? 
6  AC4 1  HOH L . ? HOH D 216 . ? 1_555 ? 
7  AC5 19 A   A 2 ? A   A 2   . ? 1_455 ? 
8  AC5 19 HOH I . ? HOH A 103 . ? 1_455 ? 
9  AC5 19 HOH I . ? HOH A 111 . ? 1_454 ? 
10 AC5 19 HOH I . ? HOH A 113 . ? 1_455 ? 
11 AC5 19 HOH I . ? HOH A 127 . ? 1_455 ? 
12 AC5 19 A   B 3 ? A   B 10  . ? 1_454 ? 
13 AC5 19 G   B 4 ? G   B 11  . ? 1_454 ? 
14 AC5 19 C   B 5 ? C   B 12  . ? 1_454 ? 
15 AC5 19 HOH J . ? HOH B 208 . ? 1_454 ? 
16 AC5 19 U   C 1 ? U   C 1   . ? 1_555 ? 
17 AC5 19 C   C 4 ? C   C 4   . ? 1_555 ? 
18 AC5 19 HOH K . ? HOH C 201 . ? 1_555 ? 
19 AC5 19 HOH K . ? HOH C 204 . ? 1_555 ? 
20 AC5 19 HOH K . ? HOH C 205 . ? 1_555 ? 
21 AC5 19 HOH K . ? HOH C 210 . ? 1_555 ? 
22 AC5 19 HOH K . ? HOH C 211 . ? 1_555 ? 
23 AC5 19 HOH K . ? HOH C 217 . ? 1_555 ? 
24 AC5 19 C   D 5 ? C   D 12  . ? 1_555 ? 
25 AC5 19 DT  D 6 ? DT  D 13  . ? 1_555 ? 
# 
_atom_sites.entry_id                    5U0Q 
_atom_sites.fract_transf_matrix[1][1]   -0.02233180 
_atom_sites.fract_transf_matrix[1][2]   -0.02924399 
_atom_sites.fract_transf_matrix[1][3]   -0.00895681 
_atom_sites.fract_transf_matrix[2][1]   0.01458521 
_atom_sites.fract_transf_matrix[2][2]   -0.00855522 
_atom_sites.fract_transf_matrix[2][3]   -0.00843213 
_atom_sites.fract_transf_matrix[3][1]   0.00633548 
_atom_sites.fract_transf_matrix[3][2]   -0.01910090 
_atom_sites.fract_transf_matrix[3][3]   0.03033833 
_atom_sites.fract_transf_vector[1]      -0.145207 
_atom_sites.fract_transf_vector[2]      0.581258 
_atom_sites.fract_transf_vector[3]      0.148632 
# 
loop_
_atom_type.symbol 
C  
CO 
MG 
N  
O  
P  
# 
loop_
_atom_site.group_PDB 
_atom_site.id 
_atom_site.type_symbol 
_atom_site.label_atom_id 
_atom_site.label_alt_id 
_atom_site.label_comp_id 
_atom_site.label_asym_id 
_atom_site.label_entity_id 
_atom_site.label_seq_id 
_atom_site.pdbx_PDB_ins_code 
_atom_site.Cartn_x 
_atom_site.Cartn_y 
_atom_site.Cartn_z 
_atom_site.occupancy 
_atom_site.B_iso_or_equiv 
_atom_site.pdbx_formal_charge 
_atom_site.auth_seq_id 
_atom_site.auth_comp_id 
_atom_site.auth_asym_id 
_atom_site.auth_atom_id 
_atom_site.pdbx_PDB_model_num 
ATOM   1   O  "O5'" . U   A 1 1 ? -21.330 -3.115  -2.028  1.00 18.41 ?  1   U   A "O5'" 1 
ATOM   2   C  "C5'" . U   A 1 1 ? -20.400 -2.195  -2.602  1.00 19.22 ?  1   U   A "C5'" 1 
ATOM   3   C  "C4'" . U   A 1 1 ? -19.370 -2.886  -3.426  1.00 16.77 ?  1   U   A "C4'" 1 
ATOM   4   O  "O4'" . U   A 1 1 ? -18.423 -3.707  -2.681  1.00 19.57 ?  1   U   A "O4'" 1 
ATOM   5   C  "C3'" . U   A 1 1 ? -19.921 -3.772  -4.543  1.00 17.87 ?  1   U   A "C3'" 1 
ATOM   6   O  "O3'" . U   A 1 1 ? -19.109 -3.711  -5.709  1.00 18.62 ?  1   U   A "O3'" 1 
ATOM   7   C  "C2'" . U   A 1 1 ? -19.777 -5.163  -3.934  1.00 17.32 ?  1   U   A "C2'" 1 
ATOM   8   O  "O2'" . U   A 1 1 ? -19.750 -6.224  -4.878  1.00 22.05 ?  1   U   A "O2'" 1 
ATOM   9   C  "C1'" . U   A 1 1 ? -18.501 -5.050  -3.086  1.00 18.99 ?  1   U   A "C1'" 1 
ATOM   10  N  N1    . U   A 1 1 ? -18.510 -5.887  -1.864  1.00 19.02 ?  1   U   A N1    1 
ATOM   11  C  C2    . U   A 1 1 ? -17.866 -7.111  -1.888  1.00 22.00 ?  1   U   A C2    1 
ATOM   12  O  O2    . U   A 1 1 ? -17.259 -7.520  -2.866  1.00 23.10 ?  1   U   A O2    1 
ATOM   13  N  N3    . U   A 1 1 ? -17.980 -7.846  -0.732  1.00 20.50 ?  1   U   A N3    1 
ATOM   14  C  C4    . U   A 1 1 ? -18.581 -7.449  0.453   1.00 22.68 ?  1   U   A C4    1 
ATOM   15  O  O4    . U   A 1 1 ? -18.569 -8.202  1.431   1.00 24.67 ?  1   U   A O4    1 
ATOM   16  C  C5    . U   A 1 1 ? -19.187 -6.158  0.404   1.00 19.90 ?  1   U   A C5    1 
ATOM   17  C  C6    . U   A 1 1 ? -19.161 -5.457  -0.732  1.00 17.77 ?  1   U   A C6    1 
ATOM   18  P  P     . A   A 1 2 ? -19.097 -2.452  -6.727  1.00 20.66 ?  2   A   A P     1 
ATOM   19  O  OP1   . A   A 1 2 ? -20.354 -1.665  -6.594  1.00 21.30 ?  2   A   A OP1   1 
ATOM   20  O  OP2   . A   A 1 2 ? -18.698 -2.977  -8.051  1.00 24.17 ?  2   A   A OP2   1 
ATOM   21  O  "O5'" . A   A 1 2 ? -17.961 -1.495  -6.161  1.00 18.85 ?  2   A   A "O5'" 1 
ATOM   22  C  "C5'" . A   A 1 2 ? -16.612 -1.948  -6.057  1.00 21.69 ?  2   A   A "C5'" 1 
ATOM   23  C  "C4'" . A   A 1 2 ? -15.960 -1.169  -4.927  1.00 20.20 ?  2   A   A "C4'" 1 
ATOM   24  O  "O4'" . A   A 1 2 ? -16.670 -1.450  -3.711  1.00 18.55 ?  2   A   A "O4'" 1 
ATOM   25  C  "C3'" . A   A 1 2 ? -14.535 -1.563  -4.583  1.00 21.28 ?  2   A   A "C3'" 1 
ATOM   26  O  "O3'" . A   A 1 2 ? -13.606 -0.931  -5.467  1.00 21.62 ?  2   A   A "O3'" 1 
ATOM   27  C  "C2'" . A   A 1 2 ? -14.389 -1.138  -3.113  1.00 19.45 ?  2   A   A "C2'" 1 
ATOM   28  O  "O2'" . A   A 1 2 ? -13.976 0.231   -3.053  1.00 21.19 ?  2   A   A "O2'" 1 
ATOM   29  C  "C1'" . A   A 1 2 ? -15.848 -1.150  -2.613  1.00 16.21 ?  2   A   A "C1'" 1 
ATOM   30  N  N9    . A   A 1 2 ? -16.110 -2.066  -1.513  1.00 17.87 ?  2   A   A N9    1 
ATOM   31  C  C8    . A   A 1 2 ? -16.915 -1.821  -0.425  1.00 16.31 ?  2   A   A C8    1 
ATOM   32  N  N7    . A   A 1 2 ? -16.979 -2.822  0.424   1.00 16.84 ?  2   A   A N7    1 
ATOM   33  C  C5    . A   A 1 2 ? -16.171 -3.797  -0.150  1.00 16.88 ?  2   A   A C5    1 
ATOM   34  C  C6    . A   A 1 2 ? -15.805 -5.099  0.272   1.00 16.15 ?  2   A   A C6    1 
ATOM   35  N  N6    . A   A 1 2 ? -16.183 -5.636  1.442   1.00 17.59 ?  2   A   A N6    1 
ATOM   36  N  N1    . A   A 1 2 ? -15.002 -5.818  -0.545  1.00 17.28 ?  2   A   A N1    1 
ATOM   37  C  C2    . A   A 1 2 ? -14.610 -5.269  -1.710  1.00 15.03 ?  2   A   A C2    1 
ATOM   38  N  N3    . A   A 1 2 ? -14.849 -4.047  -2.192  1.00 18.68 ?  2   A   A N3    1 
ATOM   39  C  C4    . A   A 1 2 ? -15.643 -3.352  -1.353  1.00 19.10 ?  2   A   A C4    1 
ATOM   40  P  P     . G   A 1 3 ? -12.579 0.675   -2.290  1.00 22.69 ?  3   G   A P     1 
ATOM   41  O  OP1   . G   A 1 3 ? -12.374 2.098   -2.701  1.00 24.19 ?  3   G   A OP1   1 
ATOM   42  O  OP2   . G   A 1 3 ? -11.488 -0.319  -2.444  1.00 23.55 ?  3   G   A OP2   1 
ATOM   43  O  "O5'" . G   A 1 3 ? -12.890 0.602   -0.717  1.00 19.95 ?  3   G   A "O5'" 1 
ATOM   44  C  "C5'" . G   A 1 3 ? -13.784 1.523   -0.077  1.00 21.54 ?  3   G   A "C5'" 1 
ATOM   45  C  "C4'" . G   A 1 3 ? -14.226 0.970   1.243   1.00 20.85 ?  3   G   A "C4'" 1 
ATOM   46  O  "O4'" . G   A 1 3 ? -14.937 -0.307  1.051   1.00 18.66 ?  3   G   A "O4'" 1 
ATOM   47  C  "C3'" . G   A 1 3 ? -13.132 0.574   2.193   1.00 22.95 ?  3   G   A "C3'" 1 
ATOM   48  O  "O3'" . G   A 1 3 ? -12.707 1.762   2.806   1.00 23.37 ?  3   G   A "O3'" 1 
ATOM   49  C  "C2'" . G   A 1 3 ? -13.905 -0.308  3.154   1.00 19.47 ?  3   G   A "C2'" 1 
ATOM   50  O  "O2'" . G   A 1 3 ? -14.792 0.406   3.975   1.00 20.64 ?  3   G   A "O2'" 1 
ATOM   51  C  "C1'" . G   A 1 3 ? -14.664 -1.174  2.147   1.00 18.10 ?  3   G   A "C1'" 1 
ATOM   52  N  N9    . G   A 1 3 ? -13.834 -2.272  1.673   1.00 18.47 ?  3   G   A N9    1 
ATOM   53  C  C8    . G   A 1 3 ? -13.136 -2.354  0.488   1.00 18.70 ?  3   G   A C8    1 
ATOM   54  N  N7    . G   A 1 3 ? -12.542 -3.512  0.324   1.00 18.19 ?  3   G   A N7    1 
ATOM   55  C  C5    . G   A 1 3 ? -12.760 -4.184  1.520   1.00 16.69 ?  3   G   A C5    1 
ATOM   56  C  C6    . G   A 1 3 ? -12.324 -5.468  1.949   1.00 18.77 ?  3   G   A C6    1 
ATOM   57  O  O6    . G   A 1 3 ? -11.664 -6.301  1.329   1.00 21.59 ?  3   G   A O6    1 
ATOM   58  N  N1    . G   A 1 3 ? -12.797 -5.769  3.223   1.00 19.51 ?  3   G   A N1    1 
ATOM   59  C  C2    . G   A 1 3 ? -13.548 -4.921  4.008   1.00 18.86 ?  3   G   A C2    1 
ATOM   60  N  N2    . G   A 1 3 ? -13.883 -5.372  5.221   1.00 19.13 ?  3   G   A N2    1 
ATOM   61  N  N3    . G   A 1 3 ? -14.013 -3.754  3.593   1.00 17.39 ?  3   G   A N3    1 
ATOM   62  C  C4    . G   A 1 3 ? -13.554 -3.434  2.366   1.00 17.35 ?  3   G   A C4    1 
ATOM   63  P  P     . C   A 1 4 ? -11.153 1.900   3.255   1.00 25.89 ?  4   C   A P     1 
ATOM   64  O  OP1   . C   A 1 4 ? -10.922 3.298   3.694   1.00 32.05 ?  4   C   A OP1   1 
ATOM   65  O  OP2   . C   A 1 4 ? -10.238 1.296   2.269   1.00 28.35 ?  4   C   A OP2   1 
ATOM   66  O  "O5'" . C   A 1 4 ? -11.056 0.992   4.560   1.00 23.69 ?  4   C   A "O5'" 1 
ATOM   67  C  "C5'" . C   A 1 4 ? -11.941 1.202   5.669   1.00 26.74 ?  4   C   A "C5'" 1 
ATOM   68  C  "C4'" . C   A 1 4 ? -11.907 0.044   6.638   1.00 27.51 ?  4   C   A "C4'" 1 
ATOM   69  O  "O4'" . C   A 1 4 ? -12.471 -1.181  6.057   1.00 28.28 ?  4   C   A "O4'" 1 
ATOM   70  C  "C3'" . C   A 1 4 ? -10.558 -0.402  7.167   1.00 29.87 ?  4   C   A "C3'" 1 
ATOM   71  O  "O3'" . C   A 1 4 ? -10.230 0.453   8.200   1.00 32.41 ?  4   C   A "O3'" 1 
ATOM   72  C  "C2'" . C   A 1 4 ? -10.868 -1.798  7.680   1.00 29.29 ?  4   C   A "C2'" 1 
ATOM   73  O  "O2'" . C   A 1 4 ? -11.572 -1.937  8.890   1.00 32.91 ?  4   C   A "O2'" 1 
ATOM   74  C  "C1'" . C   A 1 4 ? -11.756 -2.308  6.549   1.00 26.32 ?  4   C   A "C1'" 1 
ATOM   75  N  N1    . C   A 1 4 ? -10.990 -2.908  5.449   1.00 21.99 ?  4   C   A N1    1 
ATOM   76  C  C2    . C   A 1 4 ? -10.501 -4.201  5.626   1.00 25.18 ?  4   C   A C2    1 
ATOM   77  O  O2    . C   A 1 4 ? -10.738 -4.785  6.688   1.00 24.47 ?  4   C   A O2    1 
ATOM   78  N  N3    . C   A 1 4 ? -9.859  -4.815  4.604   1.00 21.33 ?  4   C   A N3    1 
ATOM   79  C  C4    . C   A 1 4 ? -9.625  -4.150  3.474   1.00 21.03 ?  4   C   A C4    1 
ATOM   80  N  N4    . C   A 1 4 ? -8.920  -4.762  2.525   1.00 23.32 ?  4   C   A N4    1 
ATOM   81  C  C5    . C   A 1 4 ? -10.093 -2.813  3.276   1.00 20.29 ?  4   C   A C5    1 
ATOM   82  C  C6    . C   A 1 4 ? -10.707 -2.217  4.305   1.00 24.44 ?  4   C   A C6    1 
ATOM   83  P  P     . U   A 1 5 ? -8.687  0.685   8.596   1.00 27.78 ?  5   U   A P     1 
ATOM   84  O  OP1   . U   A 1 5 ? -8.593  1.734   9.658   1.00 33.03 ?  5   U   A OP1   1 
ATOM   85  O  OP2   . U   A 1 5 ? -7.829  0.785   7.411   1.00 31.79 ?  5   U   A OP2   1 
ATOM   86  O  "O5'" . U   A 1 5 ? -8.274  -0.643  9.357   1.00 31.50 ?  5   U   A "O5'" 1 
ATOM   87  C  "C5'" . U   A 1 5 ? -8.786  -0.960  10.665  1.00 34.57 ?  5   U   A "C5'" 1 
ATOM   88  C  "C4'" . U   A 1 5 ? -8.356  -2.343  11.044  1.00 29.93 ?  5   U   A "C4'" 1 
ATOM   89  O  "O4'" . U   A 1 5 ? -8.843  -3.316  10.052  1.00 29.31 ?  5   U   A "O4'" 1 
ATOM   90  C  "C3'" . U   A 1 5 ? -6.866  -2.572  11.024  1.00 28.92 ?  5   U   A "C3'" 1 
ATOM   91  O  "O3'" . U   A 1 5 ? -6.225  -2.026  12.168  1.00 35.72 ?  5   U   A "O3'" 1 
ATOM   92  C  "C2'" . U   A 1 5 ? -6.815  -4.091  10.973  1.00 24.51 ?  5   U   A "C2'" 1 
ATOM   93  O  "O2'" . U   A 1 5 ? -7.138  -4.671  12.214  1.00 31.64 ?  5   U   A "O2'" 1 
ATOM   94  C  "C1'" . U   A 1 5 ? -7.892  -4.363  9.927   1.00 22.61 ?  5   U   A "C1'" 1 
ATOM   95  N  N1    . U   A 1 5 ? -7.399  -4.420  8.544   1.00 22.76 ?  5   U   A N1    1 
ATOM   96  C  C2    . U   A 1 5 ? -6.740  -5.581  8.166   1.00 21.88 ?  5   U   A C2    1 
ATOM   97  O  O2    . U   A 1 5 ? -6.511  -6.490  8.946   1.00 24.04 ?  5   U   A O2    1 
ATOM   98  N  N3    . U   A 1 5 ? -6.341  -5.619  6.850   1.00 20.71 ?  5   U   A N3    1 
ATOM   99  C  C4    . U   A 1 5 ? -6.528  -4.643  5.893   1.00 24.30 ?  5   U   A C4    1 
ATOM   100 O  O4    . U   A 1 5 ? -6.130  -4.836  4.746   1.00 22.69 ?  5   U   A O4    1 
ATOM   101 C  C5    . U   A 1 5 ? -7.207  -3.471  6.362   1.00 19.14 ?  5   U   A C5    1 
ATOM   102 C  C6    . U   A 1 5 ? -7.606  -3.400  7.636   1.00 24.46 ?  5   U   A C6    1 
ATOM   103 P  P     . C   A 1 6 ? -4.742  -1.464  12.038  1.00 31.98 ?  6   C   A P     1 
ATOM   104 O  OP1   . C   A 1 6 ? -4.297  -0.911  13.369  1.00 33.41 ?  6   C   A OP1   1 
ATOM   105 O  OP2   . C   A 1 6 ? -4.621  -0.645  10.816  1.00 44.59 ?  6   C   A OP2   1 
ATOM   106 O  "O5'" . C   A 1 6 ? -3.833  -2.746  11.834  1.00 31.29 ?  6   C   A "O5'" 1 
ATOM   107 C  "C5'" . C   A 1 6 ? -3.726  -3.729  12.838  1.00 30.61 ?  6   C   A "C5'" 1 
ATOM   108 C  "C4'" . C   A 1 6 ? -3.035  -4.939  12.292  1.00 28.67 ?  6   C   A "C4'" 1 
ATOM   109 O  "O4'" . C   A 1 6 ? -3.760  -5.447  11.134  1.00 28.17 ?  6   C   A "O4'" 1 
ATOM   110 C  "C3'" . C   A 1 6 ? -1.635  -4.752  11.747  1.00 22.97 ?  6   C   A "C3'" 1 
ATOM   111 O  "O3'" . C   A 1 6 ? -0.730  -4.754  12.830  1.00 27.40 ?  6   C   A "O3'" 1 
ATOM   112 C  "C2'" . C   A 1 6 ? -1.488  -6.019  10.920  1.00 22.88 ?  6   C   A "C2'" 1 
ATOM   113 O  "O2'" . C   A 1 6 ? -1.277  -7.170  11.723  1.00 25.30 ?  6   C   A "O2'" 1 
ATOM   114 C  "C1'" . C   A 1 6 ? -2.860  -6.075  10.249  1.00 22.55 ?  6   C   A "C1'" 1 
ATOM   115 N  N1    . C   A 1 6 ? -2.920  -5.388  8.950   1.00 21.11 ?  6   C   A N1    1 
ATOM   116 C  C2    . C   A 1 6 ? -2.302  -6.022  7.857   1.00 18.95 ?  6   C   A C2    1 
ATOM   117 O  O2    . C   A 1 6 ? -1.691  -7.088  8.045   1.00 19.97 ?  6   C   A O2    1 
ATOM   118 N  N3    . C   A 1 6 ? -2.341  -5.430  6.641   1.00 18.90 ?  6   C   A N3    1 
ATOM   119 C  C4    . C   A 1 6 ? -3.011  -4.292  6.472   1.00 22.10 ?  6   C   A C4    1 
ATOM   120 N  N4    . C   A 1 6 ? -3.016  -3.755  5.243   1.00 21.64 ?  6   C   A N4    1 
ATOM   121 C  C5    . C   A 1 6 ? -3.604  -3.593  7.573   1.00 21.39 ?  6   C   A C5    1 
ATOM   122 C  C6    . C   A 1 6 ? -3.576  -4.196  8.776   1.00 20.38 ?  6   C   A C6    1 
ATOM   123 P  P     . C   A 1 7 ? 0.544   -3.839  12.777  1.00 28.11 ?  7   C   A P     1 
ATOM   124 O  OP1   . C   A 1 7 ? 1.147   -3.805  14.104  1.00 34.15 ?  7   C   A OP1   1 
ATOM   125 O  OP2   . C   A 1 7 ? 0.170   -2.533  12.135  1.00 35.32 ?  7   C   A OP2   1 
ATOM   126 O  "O5'" . C   A 1 7 ? 1.548   -4.612  11.816  1.00 26.71 ?  7   C   A "O5'" 1 
ATOM   127 C  "C5'" . C   A 1 7 ? 2.113   -5.870  12.218  1.00 29.90 ?  7   C   A "C5'" 1 
ATOM   128 C  "C4'" . C   A 1 7 ? 2.931   -6.451  11.101  1.00 28.19 ?  7   C   A "C4'" 1 
ATOM   129 O  "O4'" . C   A 1 7 ? 2.060   -6.734  9.986   1.00 24.92 ?  7   C   A "O4'" 1 
ATOM   130 C  "C3'" . C   A 1 7 ? 4.011   -5.596  10.470  1.00 29.66 ?  7   C   A "C3'" 1 
ATOM   131 O  "O3'" . C   A 1 7 ? 5.184   -5.741  11.209  1.00 33.07 ?  7   C   A "O3'" 1 
ATOM   132 C  "C2'" . C   A 1 7 ? 4.221   -6.320  9.157   1.00 25.65 ?  7   C   A "C2'" 1 
ATOM   133 O  "O2'" . C   A 1 7 ? 4.955   -7.532  9.254   1.00 36.11 ?  7   C   A "O2'" 1 
ATOM   134 C  "C1'" . C   A 1 7 ? 2.785   -6.682  8.797   1.00 23.67 ?  7   C   A "C1'" 1 
ATOM   135 N  N1    . C   A 1 7 ? 2.123   -5.742  7.870   1.00 22.42 ?  7   C   A N1    1 
ATOM   136 C  C2    . C   A 1 7 ? 2.396   -5.864  6.496   1.00 25.53 ?  7   C   A C2    1 
ATOM   137 O  O2    . C   A 1 7 ? 3.198   -6.732  6.114   1.00 25.68 ?  7   C   A O2    1 
ATOM   138 N  N3    . C   A 1 7 ? 1.788   -5.022  5.627   1.00 22.33 ?  7   C   A N3    1 
ATOM   139 C  C4    . C   A 1 7 ? 0.924   -4.111  6.078   1.00 22.02 ?  7   C   A C4    1 
ATOM   140 N  N4    . C   A 1 7 ? 0.367   -3.293  5.193   1.00 22.04 ?  7   C   A N4    1 
ATOM   141 C  C5    . C   A 1 7 ? 0.666   -3.939  7.470   1.00 23.69 ?  7   C   A C5    1 
ATOM   142 C  C6    . C   A 1 7 ? 1.246   -4.794  8.316   1.00 22.69 ?  7   C   A C6    1 
ATOM   143 O  "O5'" . G   B 2 1 ? 2.285   -4.990  -4.533  1.00 37.75 ?  8   G   B "O5'" 1 
ATOM   144 C  "C5'" . G   B 2 1 ? 3.320   -5.871  -5.037  1.00 33.14 ?  8   G   B "C5'" 1 
ATOM   145 C  "C4'" . G   B 2 1 ? 4.008   -6.608  -3.917  1.00 26.34 ?  8   G   B "C4'" 1 
ATOM   146 O  "O4'" . G   B 2 1 ? 4.801   -5.801  -3.005  1.00 31.28 ?  8   G   B "O4'" 1 
ATOM   147 C  "C3'" . G   B 2 1 ? 3.159   -7.510  -3.032  1.00 30.31 ?  8   G   B "C3'" 1 
ATOM   148 O  "O3'" . G   B 2 1 ? 2.868   -8.762  -3.616  1.00 43.39 ?  8   G   B "O3'" 1 
ATOM   149 C  "C2'" . G   B 2 1 ? 4.054   -7.674  -1.815  1.00 28.51 ?  8   G   B "C2'" 1 
ATOM   150 O  "O2'" . G   B 2 1 ? 5.054   -8.660  -1.948  1.00 29.50 ?  8   G   B "O2'" 1 
ATOM   151 C  "C1'" . G   B 2 1 ? 4.623   -6.259  -1.681  1.00 25.83 ?  8   G   B "C1'" 1 
ATOM   152 N  N9    . G   B 2 1 ? 3.692   -5.384  -0.974  1.00 27.63 ?  8   G   B N9    1 
ATOM   153 C  C8    . G   B 2 1 ? 2.798   -4.457  -1.467  1.00 27.13 ?  8   G   B C8    1 
ATOM   154 N  N7    . G   B 2 1 ? 2.042   -3.932  -0.539  1.00 27.42 ?  8   G   B N7    1 
ATOM   155 C  C5    . G   B 2 1 ? 2.427   -4.588  0.625   1.00 28.13 ?  8   G   B C5    1 
ATOM   156 C  C6    . G   B 2 1 ? 1.983   -4.425  1.970   1.00 21.98 ?  8   G   B C6    1 
ATOM   157 O  O6    . G   B 2 1 ? 1.079   -3.706  2.401   1.00 23.94 ?  8   G   B O6    1 
ATOM   158 N  N1    . G   B 2 1 ? 2.647   -5.290  2.831   1.00 23.80 ?  8   G   B N1    1 
ATOM   159 C  C2    . G   B 2 1 ? 3.630   -6.174  2.464   1.00 25.33 ?  8   G   B C2    1 
ATOM   160 N  N2    . G   B 2 1 ? 4.163   -6.925  3.447   1.00 24.09 ?  8   G   B N2    1 
ATOM   161 N  N3    . G   B 2 1 ? 4.077   -6.309  1.228   1.00 25.89 ?  8   G   B N3    1 
ATOM   162 C  C4    . G   B 2 1 ? 3.449   -5.478  0.372   1.00 25.75 ?  8   G   B C4    1 
ATOM   163 P  P     . G   B 2 2 ? 1.409   -9.470  -3.376  1.00 32.66 ?  9   G   B P     1 
ATOM   164 O  OP1   . G   B 2 2 ? 1.265   -10.581 -4.308  1.00 37.68 ?  9   G   B OP1   1 
ATOM   165 O  OP2   . G   B 2 2 ? 0.354   -8.413  -3.415  1.00 28.93 ?  9   G   B OP2   1 
ATOM   166 O  "O5'" . G   B 2 2 ? 1.530   -10.026 -1.883  1.00 31.10 ?  9   G   B "O5'" 1 
ATOM   167 C  "C5'" . G   B 2 2 ? 2.461   -11.039 -1.502  1.00 29.79 ?  9   G   B "C5'" 1 
ATOM   168 C  "C4'" . G   B 2 2 ? 2.553   -11.041 -0.018  1.00 26.41 ?  9   G   B "C4'" 1 
ATOM   169 O  "O4'" . G   B 2 2 ? 2.881   -9.694  0.448   1.00 29.94 ?  9   G   B "O4'" 1 
ATOM   170 C  "C3'" . G   B 2 2 ? 1.299   -11.376 0.778   1.00 26.67 ?  9   G   B "C3'" 1 
ATOM   171 O  "O3'" . G   B 2 2 ? 1.126   -12.768 0.815   1.00 27.84 ?  9   G   B "O3'" 1 
ATOM   172 C  "C2'" . G   B 2 2 ? 1.695   -10.837 2.142   1.00 22.89 ?  9   G   B "C2'" 1 
ATOM   173 O  "O2'" . G   B 2 2 ? 2.635   -11.671 2.794   1.00 27.88 ?  9   G   B "O2'" 1 
ATOM   174 C  "C1'" . G   B 2 2 ? 2.331   -9.499  1.744   1.00 26.13 ?  9   G   B "C1'" 1 
ATOM   175 N  N9    . G   B 2 2 ? 1.342   -8.412  1.713   1.00 22.80 ?  9   G   B N9    1 
ATOM   176 C  C8    . G   B 2 2 ? 0.856   -7.715  0.635   1.00 23.10 ?  9   G   B C8    1 
ATOM   177 N  N7    . G   B 2 2 ? -0.090  -6.875  0.955   1.00 22.29 ?  9   G   B N7    1 
ATOM   178 C  C5    . G   B 2 2 ? -0.193  -6.981  2.336   1.00 21.22 ?  9   G   B C5    1 
ATOM   179 C  C6    . G   B 2 2 ? -1.015  -6.279  3.259   1.00 20.51 ?  9   G   B C6    1 
ATOM   180 O  O6    . G   B 2 2 ? -1.846  -5.397  3.031   1.00 21.39 ?  9   G   B O6    1 
ATOM   181 N  N1    . G   B 2 2 ? -0.841  -6.748  4.557   1.00 18.37 ?  9   G   B N1    1 
ATOM   182 C  C2    . G   B 2 2 ? 0.036   -7.744  4.926   1.00 21.42 ?  9   G   B C2    1 
ATOM   183 N  N2    . G   B 2 2 ? 0.069   -8.072  6.227   1.00 21.34 ?  9   G   B N2    1 
ATOM   184 N  N3    . G   B 2 2 ? 0.840   -8.363  4.084   1.00 22.46 ?  9   G   B N3    1 
ATOM   185 C  C4    . G   B 2 2 ? 0.665   -7.943  2.814   1.00 21.63 ?  9   G   B C4    1 
ATOM   186 P  P     . A   B 2 3 ? -0.307  -13.409 1.262   1.00 23.79 ?  10  A   B P     1 
ATOM   187 O  OP1   . A   B 2 3 ? -0.257  -14.854 0.954   1.00 27.04 ?  10  A   B OP1   1 
ATOM   188 O  OP2   . A   B 2 3 ? -1.359  -12.607 0.700   1.00 24.87 ?  10  A   B OP2   1 
ATOM   189 O  "O5'" . A   B 2 3 ? -0.441  -13.105 2.816   1.00 20.56 ?  10  A   B "O5'" 1 
ATOM   190 C  "C5'" . A   B 2 3 ? 0.297   -13.816 3.797   1.00 22.81 ?  10  A   B "C5'" 1 
ATOM   191 C  "C4'" . A   B 2 3 ? -0.326  -13.581 5.142   1.00 21.62 ?  10  A   B "C4'" 1 
ATOM   192 O  "O4'" . A   B 2 3 ? -0.148  -12.192 5.571   1.00 21.03 ?  10  A   B "O4'" 1 
ATOM   193 C  "C3'" . A   B 2 3 ? -1.829  -13.785 5.250   1.00 21.09 ?  10  A   B "C3'" 1 
ATOM   194 O  "O3'" . A   B 2 3 ? -2.025  -15.186 5.340   1.00 20.51 ?  10  A   B "O3'" 1 
ATOM   195 C  "C2'" . A   B 2 3 ? -2.129  -12.998 6.519   1.00 19.16 ?  10  A   B "C2'" 1 
ATOM   196 O  "O2'" . A   B 2 3 ? -1.713  -13.699 7.669   1.00 20.90 ?  10  A   B "O2'" 1 
ATOM   197 C  "C1'" . A   B 2 3 ? -1.298  -11.744 6.259   1.00 19.34 ?  10  A   B "C1'" 1 
ATOM   198 N  N9    . A   B 2 3 ? -1.977  -10.754 5.427   1.00 18.20 ?  10  A   B N9    1 
ATOM   199 C  C8    . A   B 2 3 ? -1.793  -10.506 4.089   1.00 19.70 ?  10  A   B C8    1 
ATOM   200 N  N7    . A   B 2 3 ? -2.491  -9.494  3.638   1.00 21.20 ?  10  A   B N7    1 
ATOM   201 C  C5    . A   B 2 3 ? -3.160  -9.028  4.759   1.00 18.35 ?  10  A   B C5    1 
ATOM   202 C  C6    . A   B 2 3 ? -4.107  -8.002  4.933   1.00 17.25 ?  10  A   B C6    1 
ATOM   203 N  N6    . A   B 2 3 ? -4.502  -7.190  3.959   1.00 20.14 ?  10  A   B N6    1 
ATOM   204 N  N1    . A   B 2 3 ? -4.666  -7.867  6.157   1.00 18.84 ?  10  A   B N1    1 
ATOM   205 C  C2    . A   B 2 3 ? -4.261  -8.690  7.141   1.00 18.08 ?  10  A   B C2    1 
ATOM   206 N  N3    . A   B 2 3 ? -3.430  -9.725  7.083   1.00 17.98 ?  10  A   B N3    1 
ATOM   207 C  C4    . A   B 2 3 ? -2.916  -9.848  5.848   1.00 17.87 ?  10  A   B C4    1 
ATOM   208 P  P     . G   B 2 4 ? -3.445  -15.797 4.790   1.00 20.08 ?  11  G   B P     1 
ATOM   209 O  OP1   . G   B 2 4 ? -3.420  -17.270 5.065   1.00 21.73 ?  11  G   B OP1   1 
ATOM   210 O  OP2   . G   B 2 4 ? -3.727  -15.317 3.448   1.00 23.73 ?  11  G   B OP2   1 
ATOM   211 O  "O5'" . G   B 2 4 ? -4.483  -15.148 5.802   1.00 18.37 ?  11  G   B "O5'" 1 
ATOM   212 C  "C5'" . G   B 2 4 ? -5.799  -14.726 5.417   1.00 17.99 ?  11  G   B "C5'" 1 
ATOM   213 C  "C4'" . G   B 2 4 ? -6.367  -13.950 6.550   1.00 18.72 ?  11  G   B "C4'" 1 
ATOM   214 O  "O4'" . G   B 2 4 ? -5.606  -12.697 6.670   1.00 19.01 ?  11  G   B "O4'" 1 
ATOM   215 C  "C3'" . G   B 2 4 ? -7.796  -13.496 6.442   1.00 19.98 ?  11  G   B "C3'" 1 
ATOM   216 O  "O3'" . G   B 2 4 ? -8.615  -14.567 6.896   1.00 19.50 ?  11  G   B "O3'" 1 
ATOM   217 C  "C2'" . G   B 2 4 ? -7.799  -12.332 7.419   1.00 20.32 ?  11  G   B "C2'" 1 
ATOM   218 O  "O2'" . G   B 2 4 ? -7.700  -12.755 8.778   1.00 20.84 ?  11  G   B "O2'" 1 
ATOM   219 C  "C1'" . G   B 2 4 ? -6.491  -11.648 7.005   1.00 18.15 ?  11  G   B "C1'" 1 
ATOM   220 N  N9    . G   B 2 4 ? -6.639  -10.790 5.839   1.00 21.06 ?  11  G   B N9    1 
ATOM   221 C  C8    . G   B 2 4 ? -6.115  -10.993 4.584   1.00 20.18 ?  11  G   B C8    1 
ATOM   222 N  N7    . G   B 2 4 ? -6.462  -10.071 3.728   1.00 17.65 ?  11  G   B N7    1 
ATOM   223 C  C5    . G   B 2 4 ? -7.248  -9.200  4.466   1.00 19.17 ?  11  G   B C5    1 
ATOM   224 C  C6    . G   B 2 4 ? -7.913  -8.006  4.075   1.00 17.88 ?  11  G   B C6    1 
ATOM   225 O  O6    . G   B 2 4 ? -7.901  -7.447  2.977   1.00 20.62 ?  11  G   B O6    1 
ATOM   226 N  N1    . G   B 2 4 ? -8.635  -7.455  5.128   1.00 20.18 ?  11  G   B N1    1 
ATOM   227 C  C2    . G   B 2 4 ? -8.686  -7.965  6.406   1.00 19.85 ?  11  G   B C2    1 
ATOM   228 N  N2    . G   B 2 4 ? -9.425  -7.278  7.293   1.00 23.41 ?  11  G   B N2    1 
ATOM   229 N  N3    . G   B 2 4 ? -8.077  -9.082  6.780   1.00 19.98 ?  11  G   B N3    1 
ATOM   230 C  C4    . G   B 2 4 ? -7.377  -9.639  5.769   1.00 18.42 ?  11  G   B C4    1 
ATOM   231 P  P     . C   B 2 5 ? -10.089 -14.730 6.278   1.00 20.30 ?  12  C   B P     1 
ATOM   232 O  OP1   . C   B 2 5 ? -10.655 -15.951 6.879   1.00 22.40 ?  12  C   B OP1   1 
ATOM   233 O  OP2   . C   B 2 5 ? -10.060 -14.481 4.829   1.00 22.77 ?  12  C   B OP2   1 
ATOM   234 O  "O5'" . C   B 2 5 ? -10.903 -13.504 6.873   1.00 20.81 ?  12  C   B "O5'" 1 
ATOM   235 C  "C5'" . C   B 2 5 ? -11.137 -13.417 8.284   1.00 22.54 ?  12  C   B "C5'" 1 
ATOM   236 C  "C4'" . C   B 2 5 ? -11.829 -12.126 8.600   1.00 22.19 ?  12  C   B "C4'" 1 
ATOM   237 O  "O4'" . C   B 2 5 ? -11.040 -11.020 8.100   1.00 21.10 ?  12  C   B "O4'" 1 
ATOM   238 C  "C3'" . C   B 2 5 ? -13.167 -11.942 7.928   1.00 25.02 ?  12  C   B "C3'" 1 
ATOM   239 O  "O3'" . C   B 2 5 ? -14.137 -12.626 8.711   1.00 28.10 ?  12  C   B "O3'" 1 
ATOM   240 C  "C2'" . C   B 2 5 ? -13.322 -10.433 7.939   1.00 21.45 ?  12  C   B "C2'" 1 
ATOM   241 O  "O2'" . C   B 2 5 ? -13.721 -9.954  9.200   1.00 25.73 ?  12  C   B "O2'" 1 
ATOM   242 C  "C1'" . C   B 2 5 ? -11.896 -9.993  7.634   1.00 20.61 ?  12  C   B "C1'" 1 
ATOM   243 N  N1    . C   B 2 5 ? -11.632 -9.761  6.194   1.00 21.29 ?  12  C   B N1    1 
ATOM   244 C  C2    . C   B 2 5 ? -12.168 -8.610  5.609   1.00 21.33 ?  12  C   B C2    1 
ATOM   245 O  O2    . C   B 2 5 ? -12.855 -7.844  6.318   1.00 26.01 ?  12  C   B O2    1 
ATOM   246 N  N3    . C   B 2 5 ? -11.879 -8.323  4.317   1.00 18.83 ?  12  C   B N3    1 
ATOM   247 C  C4    . C   B 2 5 ? -11.130 -9.169  3.595   1.00 16.39 ?  12  C   B C4    1 
ATOM   248 N  N4    . C   B 2 5 ? -10.896 -8.866  2.309   1.00 19.93 ?  12  C   B N4    1 
ATOM   249 C  C5    . C   B 2 5 ? -10.603 -10.372 4.154   1.00 20.16 ?  12  C   B C5    1 
ATOM   250 C  C6    . C   B 2 5 ? -10.863 -10.618 5.452   1.00 19.36 ?  12  C   B C6    1 
ATOM   251 P  P     . DT  B 2 6 ? -15.378 -13.341 8.017   1.00 28.53 ?  13  DT  B P     1 
ATOM   252 O  OP1   . DT  B 2 6 ? -16.186 -13.957 9.108   1.00 30.59 ?  13  DT  B OP1   1 
ATOM   253 O  OP2   . DT  B 2 6 ? -14.861 -14.167 6.927   1.00 26.67 ?  13  DT  B OP2   1 
ATOM   254 O  "O5'" . DT  B 2 6 ? -16.161 -12.115 7.379   1.00 28.28 ?  13  DT  B "O5'" 1 
ATOM   255 C  "C5'" . DT  B 2 6 ? -16.822 -11.101 8.146   1.00 29.42 ?  13  DT  B "C5'" 1 
ATOM   256 C  "C4'" . DT  B 2 6 ? -17.261 -9.993  7.213   1.00 28.35 ?  13  DT  B "C4'" 1 
ATOM   257 O  "O4'" . DT  B 2 6 ? -16.108 -9.488  6.504   1.00 28.16 ?  13  DT  B "O4'" 1 
ATOM   258 C  "C3'" . DT  B 2 6 ? -18.205 -10.442 6.094   1.00 36.63 ?  13  DT  B "C3'" 1 
ATOM   259 O  "O3'" . DT  B 2 6 ? -19.544 -10.538 6.605   1.00 32.69 ?  13  DT  B "O3'" 1 
ATOM   260 C  "C2'" . DT  B 2 6 ? -17.942 -9.399  5.021   1.00 27.54 ?  13  DT  B "C2'" 1 
ATOM   261 C  "C1'" . DT  B 2 6 ? -16.455 -9.078  5.193   1.00 30.67 ?  13  DT  B "C1'" 1 
ATOM   262 N  N1    . DT  B 2 6 ? -15.526 -9.739  4.219   1.00 24.55 ?  13  DT  B N1    1 
ATOM   263 C  C2    . DT  B 2 6 ? -15.181 -9.038  3.078   1.00 21.45 ?  13  DT  B C2    1 
ATOM   264 O  O2    . DT  B 2 6 ? -15.570 -7.900  2.851   1.00 23.05 ?  13  DT  B O2    1 
ATOM   265 N  N3    . DT  B 2 6 ? -14.314 -9.697  2.242   1.00 22.10 ?  13  DT  B N3    1 
ATOM   266 C  C4    . DT  B 2 6 ? -13.748 -10.956 2.439   1.00 24.78 ?  13  DT  B C4    1 
ATOM   267 O  O4    . DT  B 2 6 ? -13.002 -11.440 1.589   1.00 23.94 ?  13  DT  B O4    1 
ATOM   268 C  C5    . DT  B 2 6 ? -14.154 -11.626 3.653   1.00 23.00 ?  13  DT  B C5    1 
ATOM   269 C  C7    . DT  B 2 6 ? -13.588 -12.978 3.957   1.00 24.37 ?  13  DT  B C7    1 
ATOM   270 C  C6    . DT  B 2 6 ? -14.984 -10.978 4.483   1.00 24.47 ?  13  DT  B C6    1 
ATOM   271 P  P     . A   B 2 7 ? -20.692 -11.000 5.746   1.00 28.67 ?  14  A   B P     1 
ATOM   272 O  OP1   . A   B 2 7 ? -21.676 -11.671 6.643   1.00 37.48 ?  14  A   B OP1   1 
ATOM   273 O  OP2   . A   B 2 7 ? -20.144 -11.650 4.531   1.00 31.23 ?  14  A   B OP2   1 
ATOM   274 O  "O5'" . A   B 2 7 ? -21.330 -9.622  5.318   1.00 29.98 ?  14  A   B "O5'" 1 
ATOM   275 C  "C5'" . A   B 2 7 ? -21.732 -8.648  6.277   1.00 32.64 ?  14  A   B "C5'" 1 
ATOM   276 C  "C4'" . A   B 2 7 ? -22.628 -7.639  5.597   1.00 27.65 ?  14  A   B "C4'" 1 
ATOM   277 O  "O4'" . A   B 2 7 ? -21.943 -7.048  4.448   1.00 21.77 ?  14  A   B "O4'" 1 
ATOM   278 C  "C3'" . A   B 2 7 ? -23.914 -8.226  5.000   1.00 23.11 ?  14  A   B "C3'" 1 
ATOM   279 O  "O3'" . A   B 2 7 ? -24.911 -8.462  5.990   1.00 26.09 ?  14  A   B "O3'" 1 
ATOM   280 C  "C2'" . A   B 2 7 ? -24.262 -7.197  3.929   1.00 20.72 ?  14  A   B "C2'" 1 
ATOM   281 O  "O2'" . A   B 2 7 ? -25.010 -6.105  4.415   1.00 23.95 ?  14  A   B "O2'" 1 
ATOM   282 C  "C1'" . A   B 2 7 ? -22.870 -6.821  3.403   1.00 18.63 ?  14  A   B "C1'" 1 
ATOM   283 N  N9    . A   B 2 7 ? -22.412 -7.565  2.227   1.00 19.91 ?  14  A   B N9    1 
ATOM   284 C  C8    . A   B 2 7 ? -21.909 -8.842  2.157   1.00 21.58 ?  14  A   B C8    1 
ATOM   285 N  N7    . A   B 2 7 ? -21.596 -9.220  0.938   1.00 22.50 ?  14  A   B N7    1 
ATOM   286 C  C5    . A   B 2 7 ? -21.922 -8.123  0.158   1.00 18.52 ?  14  A   B C5    1 
ATOM   287 C  C6    . A   B 2 7 ? -21.763 -7.863  -1.205  1.00 18.71 ?  14  A   B C6    1 
ATOM   288 N  N6    . A   B 2 7 ? -21.339 -8.786  -2.079  1.00 22.60 ?  14  A   B N6    1 
ATOM   289 N  N1    . A   B 2 7 ? -22.194 -6.667  -1.671  1.00 20.44 ?  14  A   B N1    1 
ATOM   290 C  C2    . A   B 2 7 ? -22.598 -5.748  -0.780  1.00 19.11 ?  14  A   B C2    1 
ATOM   291 N  N3    . A   B 2 7 ? -22.834 -5.894  0.521   1.00 17.74 ?  14  A   B N3    1 
ATOM   292 C  C4    . A   B 2 7 ? -22.348 -7.066  0.953   1.00 17.70 ?  14  A   B C4    1 
ATOM   293 O  "O5'" . U   C 1 1 ? 6.618   21.456  -5.393  1.00 30.03 ?  1   U   C "O5'" 1 
ATOM   294 C  "C5'" . U   C 1 1 ? 5.375   21.120  -4.793  1.00 31.03 ?  1   U   C "C5'" 1 
ATOM   295 C  "C4'" . U   C 1 1 ? 5.604   20.551  -3.407  1.00 22.90 ?  1   U   C "C4'" 1 
ATOM   296 O  "O4'" . U   C 1 1 ? 6.359   19.304  -3.348  1.00 26.72 ?  1   U   C "O4'" 1 
ATOM   297 C  "C3'" . U   C 1 1 ? 6.194   21.451  -2.321  1.00 23.27 ?  1   U   C "C3'" 1 
ATOM   298 O  "O3'" . U   C 1 1 ? 5.626   21.114  -1.034  1.00 26.06 ?  1   U   C "O3'" 1 
ATOM   299 C  "C2'" . U   C 1 1 ? 7.638   20.972  -2.276  1.00 24.17 ?  1   U   C "C2'" 1 
ATOM   300 O  "O2'" . U   C 1 1 ? 8.233   21.294  -1.036  1.00 31.40 ?  1   U   C "O2'" 1 
ATOM   301 C  "C1'" . U   C 1 1 ? 7.467   19.467  -2.487  1.00 26.26 ?  1   U   C "C1'" 1 
ATOM   302 N  N1    . U   C 1 1 ? 8.641   18.874  -3.132  1.00 24.84 ?  1   U   C N1    1 
ATOM   303 C  C2    . U   C 1 1 ? 9.543   18.214  -2.314  1.00 28.24 ?  1   U   C C2    1 
ATOM   304 O  O2    . U   C 1 1 ? 9.366   18.060  -1.116  1.00 32.26 ?  1   U   C O2    1 
ATOM   305 N  N3    . U   C 1 1 ? 10.637  17.699  -2.961  1.00 25.61 ?  1   U   C N3    1 
ATOM   306 C  C4    . U   C 1 1 ? 10.960  17.830  -4.299  1.00 23.26 ?  1   U   C C4    1 
ATOM   307 O  O4    . U   C 1 1 ? 12.000  17.321  -4.720  1.00 28.31 ?  1   U   C O4    1 
ATOM   308 C  C5    . U   C 1 1 ? 9.973   18.506  -5.088  1.00 22.67 ?  1   U   C C5    1 
ATOM   309 C  C6    . U   C 1 1 ? 8.871   18.996  -4.493  1.00 21.59 ?  1   U   C C6    1 
ATOM   310 P  P     . A   C 1 2 ? 4.191   21.663  -0.583  1.00 28.35 ?  2   A   C P     1 
ATOM   311 O  OP1   . A   C 1 2 ? 3.902   22.964  -1.283  1.00 36.47 -1 2   A   C OP1   1 
ATOM   312 O  OP2   . A   C 1 2 ? 4.152   21.541  0.915   1.00 33.75 ?  2   A   C OP2   1 
ATOM   313 O  "O5'" . A   C 1 2 ? 3.172   20.589  -1.163  1.00 24.39 ?  2   A   C "O5'" 1 
ATOM   314 C  "C5'" . A   C 1 2 ? 3.221   19.263  -0.666  1.00 26.03 ?  2   A   C "C5'" 1 
ATOM   315 C  "C4'" . A   C 1 2 ? 2.559   18.369  -1.679  1.00 22.09 ?  2   A   C "C4'" 1 
ATOM   316 O  "O4'" . A   C 1 2 ? 3.302   18.467  -2.914  1.00 22.10 ?  2   A   C "O4'" 1 
ATOM   317 C  "C3'" . A   C 1 2 ? 2.627   16.890  -1.309  1.00 21.87 ?  2   A   C "C3'" 1 
ATOM   318 O  "O3'" . A   C 1 2 ? 1.583   16.524  -0.420  1.00 25.88 ?  2   A   C "O3'" 1 
ATOM   319 C  "C2'" . A   C 1 2 ? 2.602   16.192  -2.663  1.00 19.31 ?  2   A   C "C2'" 1 
ATOM   320 O  "O2'" . A   C 1 2 ? 1.291   15.933  -3.114  1.00 20.64 ?  2   A   C "O2'" 1 
ATOM   321 C  "C1'" . A   C 1 2 ? 3.247   17.228  -3.591  1.00 20.47 ?  2   A   C "C1'" 1 
ATOM   322 N  N9    . A   C 1 2 ? 4.565   16.886  -4.099  1.00 19.42 ?  2   A   C N9    1 
ATOM   323 C  C8    . A   C 1 2 ? 5.024   17.122  -5.376  1.00 21.47 ?  2   A   C C8    1 
ATOM   324 N  N7    . A   C 1 2 ? 6.260   16.727  -5.577  1.00 19.69 ?  2   A   C N7    1 
ATOM   325 C  C5    . A   C 1 2 ? 6.640   16.189  -4.354  1.00 19.80 ?  2   A   C C5    1 
ATOM   326 C  C6    . A   C 1 2 ? 7.821   15.543  -3.928  1.00 17.93 ?  2   A   C C6    1 
ATOM   327 N  N6    . A   C 1 2 ? 8.860   15.291  -4.728  1.00 21.26 ?  2   A   C N6    1 
ATOM   328 N  N1    . A   C 1 2 ? 7.881   15.133  -2.644  1.00 19.99 ?  2   A   C N1    1 
ATOM   329 C  C2    . A   C 1 2 ? 6.813   15.324  -1.859  1.00 19.99 ?  2   A   C C2    1 
ATOM   330 N  N3    . A   C 1 2 ? 5.635   15.883  -2.150  1.00 21.12 ?  2   A   C N3    1 
ATOM   331 C  C4    . A   C 1 2 ? 5.609   16.291  -3.430  1.00 17.14 ?  2   A   C C4    1 
ATOM   332 P  P     . G   C 1 3 ? 0.782   14.391  -3.396  1.00 23.30 ?  3   G   C P     1 
ATOM   333 O  OP1   . G   C 1 3 ? -0.616  14.623  -3.784  1.00 26.31 ?  3   G   C OP1   1 
ATOM   334 O  OP2   . G   C 1 3 ? 1.194   13.455  -2.327  1.00 25.30 -1 3   G   C OP2   1 
ATOM   335 O  "O5'" . G   C 1 3 ? 1.584   13.904  -4.664  1.00 19.35 ?  3   G   C "O5'" 1 
ATOM   336 C  "C5'" . G   C 1 3 ? 1.306   14.513  -5.925  1.00 20.64 ?  3   G   C "C5'" 1 
ATOM   337 C  "C4'" . G   C 1 3 ? 2.389   14.180  -6.882  1.00 17.93 ?  3   G   C "C4'" 1 
ATOM   338 O  "O4'" . G   C 1 3 ? 3.645   14.738  -6.400  1.00 18.64 ?  3   G   C "O4'" 1 
ATOM   339 C  "C3'" . G   C 1 3 ? 2.736   12.713  -7.135  1.00 20.24 ?  3   G   C "C3'" 1 
ATOM   340 O  "O3'" . G   C 1 3 ? 1.801   12.127  -8.022  1.00 22.53 ?  3   G   C "O3'" 1 
ATOM   341 C  "C2'" . G   C 1 3 ? 4.131   12.857  -7.747  1.00 17.83 ?  3   G   C "C2'" 1 
ATOM   342 O  "O2'" . G   C 1 3 ? 4.058   13.320  -9.063  1.00 18.76 ?  3   G   C "O2'" 1 
ATOM   343 C  "C1'" . G   C 1 3 ? 4.728   13.933  -6.820  1.00 18.10 ?  3   G   C "C1'" 1 
ATOM   344 N  N9    . G   C 1 3 ? 5.344   13.319  -5.651  1.00 19.04 ?  3   G   C N9    1 
ATOM   345 C  C8    . G   C 1 3 ? 4.805   13.168  -4.398  1.00 19.67 ?  3   G   C C8    1 
ATOM   346 N  N7    . G   C 1 3 ? 5.583   12.517  -3.581  1.00 18.44 ?  3   G   C N7    1 
ATOM   347 C  C5    . G   C 1 3 ? 6.711   12.226  -4.338  1.00 19.00 ?  3   G   C C5    1 
ATOM   348 C  C6    . G   C 1 3 ? 7.901   11.503  -4.001  1.00 17.87 ?  3   G   C C6    1 
ATOM   349 O  O6    . G   C 1 3 ? 8.224   10.994  -2.916  1.00 21.26 ?  3   G   C O6    1 
ATOM   350 N  N1    . G   C 1 3 ? 8.783   11.457  -5.076  1.00 18.63 ?  3   G   C N1    1 
ATOM   351 C  C2    . G   C 1 3 ? 8.519   11.946  -6.331  1.00 16.82 ?  3   G   C C2    1 
ATOM   352 N  N2    . G   C 1 3 ? 9.470   11.777  -7.238  1.00 17.09 ?  3   G   C N2    1 
ATOM   353 N  N3    . G   C 1 3 ? 7.427   12.610  -6.653  1.00 17.30 ?  3   G   C N3    1 
ATOM   354 C  C4    . G   C 1 3 ? 6.583   12.730  -5.614  1.00 16.33 ?  3   G   C C4    1 
ATOM   355 P  P     . C   C 1 4 ? 1.619   10.524  -8.074  1.00 27.40 ?  4   C   C P     1 
ATOM   356 O  OP1   . C   C 1 4 ? 0.508   10.281  -8.995  1.00 35.24 ?  4   C   C OP1   1 
ATOM   357 O  OP2   . C   C 1 4 ? 1.525   10.008  -6.678  1.00 29.36 -1 4   C   C OP2   1 
ATOM   358 O  "O5'" . C   C 1 4 ? 3.030   9.890   -8.468  1.00 28.19 ?  4   C   C "O5'" 1 
ATOM   359 C  "C5'" . C   C 1 4 ? 3.600   9.881   -9.762  1.00 35.91 ?  4   C   C "C5'" 1 
ATOM   360 C  "C4'" . C   C 1 4 ? 5.065   9.500   -9.676  1.00 28.02 ?  4   C   C "C4'" 1 
ATOM   361 O  "O4'" . C   C 1 4 ? 5.706   10.100  -8.535  1.00 24.50 ?  4   C   C "O4'" 1 
ATOM   362 C  "C3'" . C   C 1 4 ? 5.452   8.026   -9.521  1.00 22.23 ?  4   C   C "C3'" 1 
ATOM   363 O  "O3'" . C   C 1 4 ? 5.373   7.442   -10.809 1.00 23.57 ?  4   C   C "O3'" 1 
ATOM   364 C  "C2'" . C   C 1 4 ? 6.923   8.169   -9.193  1.00 19.91 ?  4   C   C "C2'" 1 
ATOM   365 O  "O2'" . C   C 1 4 ? 7.699   8.531   -10.317 1.00 23.97 ?  4   C   C "O2'" 1 
ATOM   366 C  "C1'" . C   C 1 4 ? 6.891   9.370   -8.246  1.00 18.62 ?  4   C   C "C1'" 1 
ATOM   367 N  N1    . C   C 1 4 ? 6.891   8.958   -6.815  1.00 21.70 ?  4   C   C N1    1 
ATOM   368 C  C2    . C   C 1 4 ? 8.063   8.373   -6.297  1.00 19.63 ?  4   C   C C2    1 
ATOM   369 O  O2    . C   C 1 4 ? 9.057   8.252   -7.038  1.00 20.78 ?  4   C   C O2    1 
ATOM   370 N  N3    . C   C 1 4 ? 8.090   7.971   -5.006  1.00 18.81 ?  4   C   C N3    1 
ATOM   371 C  C4    . C   C 1 4 ? 7.032   8.178   -4.224  1.00 20.02 ?  4   C   C C4    1 
ATOM   372 N  N4    . C   C 1 4 ? 7.114   7.776   -2.951  1.00 22.29 ?  4   C   C N4    1 
ATOM   373 C  C5    . C   C 1 4 ? 5.812   8.738   -4.727  1.00 20.34 ?  4   C   C C5    1 
ATOM   374 C  C6    . C   C 1 4 ? 5.788   9.105   -6.018  1.00 21.17 ?  4   C   C C6    1 
ATOM   375 P  P     . U   C 1 5 ? 5.277   5.824   -10.984 1.00 22.56 ?  5   U   C P     1 
ATOM   376 O  OP1   . U   C 1 5 ? 4.926   5.543   -12.391 1.00 28.17 ?  5   U   C OP1   1 
ATOM   377 O  OP2   . U   C 1 5 ? 4.422   5.295   -9.899  1.00 27.23 -1 5   U   C OP2   1 
ATOM   378 O  "O5'" . U   C 1 5 ? 6.754   5.325   -10.644 1.00 20.19 ?  5   U   C "O5'" 1 
ATOM   379 C  "C5'" . U   C 1 5 ? 7.809   5.440   -11.614 1.00 21.00 ?  5   U   C "C5'" 1 
ATOM   380 C  "C4'" . U   C 1 5 ? 8.952   4.578   -11.179 1.00 18.45 ?  5   U   C "C4'" 1 
ATOM   381 O  "O4'" . U   C 1 5 ? 9.520   5.067   -9.931  1.00 18.04 ?  5   U   C "O4'" 1 
ATOM   382 C  "C3'" . U   C 1 5 ? 8.585   3.145   -10.858 1.00 21.83 ?  5   U   C "C3'" 1 
ATOM   383 O  "O3'" . U   C 1 5 ? 8.523   2.487   -12.097 1.00 20.85 ?  5   U   C "O3'" 1 
ATOM   384 C  "C2'" . U   C 1 5 ? 9.752   2.723   -10.000 1.00 16.81 ?  5   U   C "C2'" 1 
ATOM   385 O  "O2'" . U   C 1 5 ? 10.900  2.493   -10.766 1.00 19.21 ?  5   U   C "O2'" 1 
ATOM   386 C  "C1'" . U   C 1 5 ? 9.907   3.963   -9.124  1.00 16.09 ?  5   U   C "C1'" 1 
ATOM   387 N  N1    . U   C 1 5 ? 9.161   3.987   -7.850  1.00 16.05 ?  5   U   C N1    1 
ATOM   388 C  C2    . U   C 1 5 ? 9.740   3.335   -6.777  1.00 16.99 ?  5   U   C C2    1 
ATOM   389 O  O2    . U   C 1 5 ? 10.729  2.651   -6.884  1.00 18.12 ?  5   U   C O2    1 
ATOM   390 N  N3    . U   C 1 5 ? 9.105   3.512   -5.578  1.00 17.18 ?  5   U   C N3    1 
ATOM   391 C  C4    . U   C 1 5 ? 7.958   4.231   -5.341  1.00 18.20 ?  5   U   C C4    1 
ATOM   392 O  O4    . U   C 1 5 ? 7.532   4.329   -4.188  1.00 19.04 ?  5   U   C O4    1 
ATOM   393 C  C5    . U   C 1 5 ? 7.419   4.885   -6.498  1.00 17.48 ?  5   U   C C5    1 
ATOM   394 C  C6    . U   C 1 5 ? 8.031   4.748   -7.683  1.00 17.54 ?  5   U   C C6    1 
ATOM   395 P  P     . C   C 1 6 ? 7.527   1.204   -12.187 1.00 20.49 ?  6   C   C P     1 
ATOM   396 O  OP1   . C   C 1 6 ? 7.647   0.641   -13.586 1.00 25.24 ?  6   C   C OP1   1 
ATOM   397 O  OP2   . C   C 1 6 ? 6.191   1.522   -11.643 1.00 22.64 -1 6   C   C OP2   1 
ATOM   398 O  "O5'" . C   C 1 6 ? 8.184   0.205   -11.153 1.00 19.42 ?  6   C   C "O5'" 1 
ATOM   399 C  "C5'" . C   C 1 6 ? 7.445   -0.609  -10.259 1.00 21.40 ?  6   C   C "C5'" 1 
ATOM   400 C  "C4'" . C   C 1 6 ? 8.485   -1.236  -9.372  1.00 18.90 ?  6   C   C "C4'" 1 
ATOM   401 O  "O4'" . C   C 1 6 ? 9.024   -0.226  -8.488  1.00 18.65 ?  6   C   C "O4'" 1 
ATOM   402 C  "C3'" . C   C 1 6 ? 8.033   -2.346  -8.457  1.00 20.60 ?  6   C   C "C3'" 1 
ATOM   403 O  "O3'" . C   C 1 6 ? 7.988   -3.572  -9.154  1.00 21.61 ?  6   C   C "O3'" 1 
ATOM   404 C  "C2'" . C   C 1 6 ? 9.093   -2.298  -7.370  1.00 20.34 ?  6   C   C "C2'" 1 
ATOM   405 O  "O2'" . C   C 1 6 ? 10.294  -2.868  -7.798  1.00 20.51 ?  6   C   C "O2'" 1 
ATOM   406 C  "C1'" . C   C 1 6 ? 9.260   -0.783  -7.225  1.00 19.77 ?  6   C   C "C1'" 1 
ATOM   407 N  N1    . C   C 1 6 ? 8.333   -0.165  -6.256  1.00 19.15 ?  6   C   C N1    1 
ATOM   408 C  C2    . C   C 1 6 ? 8.537   -0.428  -4.903  1.00 19.67 ?  6   C   C C2    1 
ATOM   409 O  O2    . C   C 1 6 ? 9.509   -1.134  -4.571  1.00 19.96 ?  6   C   C O2    1 
ATOM   410 N  N3    . C   C 1 6 ? 7.679   0.098   -3.990  1.00 18.63 ?  6   C   C N3    1 
ATOM   411 C  C4    . C   C 1 6 ? 6.694   0.907   -4.394  1.00 20.62 ?  6   C   C C4    1 
ATOM   412 N  N4    . C   C 1 6 ? 5.861   1.388   -3.477  1.00 22.59 ?  6   C   C N4    1 
ATOM   413 C  C5    . C   C 1 6 ? 6.454   1.172   -5.770  1.00 21.53 ?  6   C   C C5    1 
ATOM   414 C  C6    . C   C 1 6 ? 7.310   0.650   -6.655  1.00 19.45 ?  6   C   C C6    1 
ATOM   415 P  P     . C   C 1 7 ? 6.889   -4.691  -8.689  1.00 22.97 ?  7   C   C P     1 
ATOM   416 O  OP1   . C   C 1 7 ? 6.900   -5.749  -9.688  1.00 25.05 ?  7   C   C OP1   1 
ATOM   417 O  OP2   . C   C 1 7 ? 5.615   -4.021  -8.344  1.00 25.72 -1 7   C   C OP2   1 
ATOM   418 O  "O5'" . C   C 1 7 ? 7.470   -5.216  -7.329  1.00 24.51 ?  7   C   C "O5'" 1 
ATOM   419 C  "C5'" . C   C 1 7 ? 8.737   -5.854  -7.269  1.00 24.35 ?  7   C   C "C5'" 1 
ATOM   420 C  "C4'" . C   C 1 7 ? 8.967   -6.287  -5.856  1.00 22.87 ?  7   C   C "C4'" 1 
ATOM   421 O  "O4'" . C   C 1 7 ? 9.153   -5.105  -5.006  1.00 26.42 ?  7   C   C "O4'" 1 
ATOM   422 C  "C3'" . C   C 1 7 ? 7.844   -7.067  -5.175  1.00 26.59 ?  7   C   C "C3'" 1 
ATOM   423 O  "O3'" . C   C 1 7 ? 7.882   -8.454  -5.498  1.00 31.62 ?  7   C   C "O3'" 1 
ATOM   424 C  "C2'" . C   C 1 7 ? 8.190   -6.861  -3.708  1.00 26.06 ?  7   C   C "C2'" 1 
ATOM   425 O  "O2'" . C   C 1 7 ? 9.261   -7.690  -3.324  1.00 30.36 ?  7   C   C "O2'" 1 
ATOM   426 C  "C1'" . C   C 1 7 ? 8.655   -5.400  -3.706  1.00 24.23 ?  7   C   C "C1'" 1 
ATOM   427 N  N1    . C   C 1 7 ? 7.588   -4.447  -3.380  1.00 22.23 ?  7   C   C N1    1 
ATOM   428 C  C2    . C   C 1 7 ? 7.267   -4.268  -2.029  1.00 20.72 ?  7   C   C C2    1 
ATOM   429 O  O2    . C   C 1 7 ? 7.842   -4.955  -1.187  1.00 24.12 ?  7   C   C O2    1 
ATOM   430 N  N3    . C   C 1 7 ? 6.332   -3.359  -1.685  1.00 23.79 ?  7   C   C N3    1 
ATOM   431 C  C4    . C   C 1 7 ? 5.714   -2.651  -2.628  1.00 20.52 ?  7   C   C C4    1 
ATOM   432 N  N4    . C   C 1 7 ? 4.828   -1.734  -2.235  1.00 22.29 ?  7   C   C N4    1 
ATOM   433 C  C5    . C   C 1 7 ? 6.017   -2.812  -4.011  1.00 21.17 ?  7   C   C C5    1 
ATOM   434 C  C6    . C   C 1 7 ? 6.938   -3.727  -4.341  1.00 21.40 ?  7   C   C C6    1 
ATOM   435 O  "O5'" . G   D 2 1 ? 3.239   -0.947  7.901   1.00 40.16 ?  8   G   D "O5'" 1 
ATOM   436 C  "C5'" . G   D 2 1 ? 4.222   -1.451  8.831   1.00 44.02 ?  8   G   D "C5'" 1 
ATOM   437 C  "C4'" . G   D 2 1 ? 5.032   -2.522  8.160   1.00 33.78 ?  8   G   D "C4'" 1 
ATOM   438 O  "O4'" . G   D 2 1 ? 4.272   -3.381  7.251   1.00 43.87 ?  8   G   D "O4'" 1 
ATOM   439 C  "C3'" . G   D 2 1 ? 6.200   -2.027  7.320   1.00 31.23 ?  8   G   D "C3'" 1 
ATOM   440 O  "O3'" . G   D 2 1 ? 7.349   -1.662  8.091   1.00 41.12 ?  8   G   D "O3'" 1 
ATOM   441 C  "C2'" . G   D 2 1 ? 6.508   -3.258  6.499   1.00 35.49 ?  8   G   D "C2'" 1 
ATOM   442 O  "O2'" . G   D 2 1 ? 7.285   -4.124  7.302   1.00 35.43 ?  8   G   D "O2'" 1 
ATOM   443 C  "C1'" . G   D 2 1 ? 5.088   -3.729  6.139   1.00 35.60 ?  8   G   D "C1'" 1 
ATOM   444 N  N9    . G   D 2 1 ? 4.602   -3.050  4.931   1.00 29.60 ?  8   G   D N9    1 
ATOM   445 C  C8    . G   D 2 1 ? 3.622   -2.093  4.792   1.00 28.21 ?  8   G   D C8    1 
ATOM   446 N  N7    . G   D 2 1 ? 3.492   -1.666  3.561   1.00 35.89 ?  8   G   D N7    1 
ATOM   447 C  C5    . G   D 2 1 ? 4.441   -2.386  2.845   1.00 27.55 ?  8   G   D C5    1 
ATOM   448 C  C6    . G   D 2 1 ? 4.771   -2.362  1.463   1.00 23.38 ?  8   G   D C6    1 
ATOM   449 O  O6    . G   D 2 1 ? 4.270   -1.684  0.559   1.00 24.68 ?  8   G   D O6    1 
ATOM   450 N  N1    . G   D 2 1 ? 5.787   -3.260  1.167   1.00 24.41 ?  8   G   D N1    1 
ATOM   451 C  C2    . G   D 2 1 ? 6.402   -4.089  2.070   1.00 24.78 ?  8   G   D C2    1 
ATOM   452 N  N2    . G   D 2 1 ? 7.350   -4.904  1.580   1.00 23.21 ?  8   G   D N2    1 
ATOM   453 N  N3    . G   D 2 1 ? 6.128   -4.102  3.363   1.00 30.12 ?  8   G   D N3    1 
ATOM   454 C  C4    . G   D 2 1 ? 5.136   -3.241  3.677   1.00 26.55 ?  8   G   D C4    1 
ATOM   455 P  P     . G   D 2 2 ? 8.321   -0.508  7.589   1.00 34.15 ?  9   G   D P     1 
ATOM   456 O  OP1   . G   D 2 2 ? 9.257   -0.166  8.718   1.00 39.09 ?  9   G   D OP1   1 
ATOM   457 O  OP2   . G   D 2 2 ? 7.478   0.594   6.948   1.00 38.57 -1 9   G   D OP2   1 
ATOM   458 O  "O5'" . G   D 2 2 ? 9.109   -1.195  6.390   1.00 32.91 ?  9   G   D "O5'" 1 
ATOM   459 C  "C5'" . G   D 2 2 ? 10.037  -2.247  6.616   1.00 35.86 ?  9   G   D "C5'" 1 
ATOM   460 C  "C4'" . G   D 2 2 ? 10.544  -2.712  5.292   1.00 32.71 ?  9   G   D "C4'" 1 
ATOM   461 O  "O4'" . G   D 2 2 ? 9.415   -3.082  4.454   1.00 35.23 ?  9   G   D "O4'" 1 
ATOM   462 C  "C3'" . G   D 2 2 ? 11.221  -1.664  4.436   1.00 31.23 ?  9   G   D "C3'" 1 
ATOM   463 O  "O3'" . G   D 2 2 ? 12.542  -1.432  4.901   1.00 28.64 ?  9   G   D "O3'" 1 
ATOM   464 C  "C2'" . G   D 2 2 ? 11.203  -2.380  3.106   1.00 24.52 ?  9   G   D "C2'" 1 
ATOM   465 O  "O2'" . G   D 2 2 ? 12.168  -3.397  3.200   1.00 29.90 ?  9   G   D "O2'" 1 
ATOM   466 C  "C1'" . G   D 2 2 ? 9.764   -2.910  3.101   1.00 22.88 ?  9   G   D "C1'" 1 
ATOM   467 N  N9    . G   D 2 2 ? 8.854   -1.938  2.509   1.00 23.70 ?  9   G   D N9    1 
ATOM   468 C  C8    . G   D 2 2 ? 7.942   -1.111  3.124   1.00 28.76 ?  9   G   D C8    1 
ATOM   469 N  N7    . G   D 2 2 ? 7.286   -0.354  2.281   1.00 28.98 ?  9   G   D N7    1 
ATOM   470 C  C5    . G   D 2 2 ? 7.825   -0.677  1.038   1.00 23.73 ?  9   G   D C5    1 
ATOM   471 C  C6    . G   D 2 2 ? 7.537   -0.159  -0.266  1.00 22.39 ?  9   G   D C6    1 
ATOM   472 O  O6    . G   D 2 2 ? 6.697   0.692   -0.600  1.00 24.11 ?  9   G   D O6    1 
ATOM   473 N  N1    . G   D 2 2 ? 8.306   -0.780  -1.242  1.00 20.06 ?  9   G   D N1    1 
ATOM   474 C  C2    . G   D 2 2 ? 9.236   -1.765  -1.011  1.00 21.22 ?  9   G   D C2    1 
ATOM   475 N  N2    . G   D 2 2 ? 9.894   -2.214  -2.081  1.00 20.90 ?  9   G   D N2    1 
ATOM   476 N  N3    . G   D 2 2 ? 9.525   -2.246  0.195   1.00 23.79 ?  9   G   D N3    1 
ATOM   477 C  C4    . G   D 2 2 ? 8.768   -1.678  1.159   1.00 22.85 ?  9   G   D C4    1 
ATOM   478 P  P     . A   D 2 3 ? 13.268  -0.013  4.612   1.00 28.02 ?  10  A   D P     1 
ATOM   479 O  OP1   . A   D 2 3 ? 14.481  0.060   5.508   1.00 38.93 ?  10  A   D OP1   1 
ATOM   480 O  OP2   . A   D 2 3 ? 12.239  1.091   4.632   1.00 27.03 -1 10  A   D OP2   1 
ATOM   481 O  "O5'" . A   D 2 3 ? 13.635  -0.143  3.060   1.00 25.57 ?  10  A   D "O5'" 1 
ATOM   482 C  "C5'" . A   D 2 3 ? 14.636  -1.069  2.648   1.00 26.37 ?  10  A   D "C5'" 1 
ATOM   483 C  "C4'" . A   D 2 3 ? 14.791  -1.019  1.156   1.00 23.70 ?  10  A   D "C4'" 1 
ATOM   484 O  "O4'" . A   D 2 3 ? 13.531  -1.431  0.513   1.00 22.43 ?  10  A   D "O4'" 1 
ATOM   485 C  "C3'" . A   D 2 3 ? 15.045  0.352   0.543   1.00 23.56 ?  10  A   D "C3'" 1 
ATOM   486 O  "O3'" . A   D 2 3 ? 16.405  0.806   0.733   1.00 26.58 ?  10  A   D "O3'" 1 
ATOM   487 C  "C2'" . A   D 2 3 ? 14.688  0.074   -0.903  1.00 19.44 ?  10  A   D "C2'" 1 
ATOM   488 O  "O2'" . A   D 2 3 ? 15.697  -0.707  -1.517  1.00 24.81 ?  10  A   D "O2'" 1 
ATOM   489 C  "C1'" . A   D 2 3 ? 13.405  -0.749  -0.719  1.00 21.31 ?  10  A   D "C1'" 1 
ATOM   490 N  N9    . A   D 2 3 ? 12.260  0.136   -0.625  1.00 17.93 ?  10  A   D N9    1 
ATOM   491 C  C8    . A   D 2 3 ? 11.556  0.560   0.472   1.00 16.77 ?  10  A   D C8    1 
ATOM   492 N  N7    . A   D 2 3 ? 10.566  1.368   0.187   1.00 18.36 ?  10  A   D N7    1 
ATOM   493 C  C5    . A   D 2 3 ? 10.640  1.506   -1.190  1.00 16.70 ?  10  A   D C5    1 
ATOM   494 C  C6    . A   D 2 3 ? 9.893   2.262   -2.104  1.00 16.31 ?  10  A   D C6    1 
ATOM   495 N  N6    . A   D 2 3 ? 8.876   3.047   -1.758  1.00 17.68 ?  10  A   D N6    1 
ATOM   496 N  N1    . A   D 2 3 ? 10.234  2.180   -3.408  1.00 16.93 ?  10  A   D N1    1 
ATOM   497 C  C2    . A   D 2 3 ? 11.234  1.361   -3.762  1.00 18.36 ?  10  A   D C2    1 
ATOM   498 N  N3    . A   D 2 3 ? 12.015  0.603   -2.996  1.00 18.37 ?  10  A   D N3    1 
ATOM   499 C  C4    . A   D 2 3 ? 11.665  0.730   -1.704  1.00 17.19 ?  10  A   D C4    1 
ATOM   500 P  P     . G   D 2 4 ? 16.697  2.393   0.880   1.00 28.56 ?  11  G   D P     1 
ATOM   501 O  OP1   . G   D 2 4 ? 18.124  2.526   1.199   1.00 35.20 ?  11  G   D OP1   1 
ATOM   502 O  OP2   . G   D 2 4 ? 15.670  3.036   1.697   1.00 29.80 -1 11  G   D OP2   1 
ATOM   503 O  "O5'" . G   D 2 4 ? 16.387  3.024   -0.546  1.00 29.27 ?  11  G   D "O5'" 1 
ATOM   504 C  "C5'" . G   D 2 4 ? 17.313  2.926   -1.579  1.00 33.43 ?  11  G   D "C5'" 1 
ATOM   505 C  "C4'" . G   D 2 4 ? 16.625  3.242   -2.871  1.00 22.29 ?  11  G   D "C4'" 1 
ATOM   506 O  "O4'" . G   D 2 4 ? 15.265  2.672   -2.992  1.00 21.55 ?  11  G   D "O4'" 1 
ATOM   507 C  "C3'" . G   D 2 4 ? 16.391  4.698   -3.155  1.00 21.05 ?  11  G   D "C3'" 1 
ATOM   508 O  "O3'" . G   D 2 4 ? 17.625  5.328   -3.507  1.00 21.18 ?  11  G   D "O3'" 1 
ATOM   509 C  "C2'" . G   D 2 4 ? 15.465  4.569   -4.352  1.00 19.86 ?  11  G   D "C2'" 1 
ATOM   510 O  "O2'" . G   D 2 4 ? 16.248  4.090   -5.388  1.00 19.21 ?  11  G   D "O2'" 1 
ATOM   511 C  "C1'" . G   D 2 4 ? 14.504  3.507   -3.828  1.00 18.80 ?  11  G   D "C1'" 1 
ATOM   512 N  N9    . G   D 2 4 ? 13.402  4.083   -3.073  1.00 19.13 ?  11  G   D N9    1 
ATOM   513 C  C8    . G   D 2 4 ? 13.161  4.030   -1.719  1.00 20.37 ?  11  G   D C8    1 
ATOM   514 N  N7    . G   D 2 4 ? 12.106  4.711   -1.362  1.00 20.36 ?  11  G   D N7    1 
ATOM   515 C  C5    . G   D 2 4 ? 11.605  5.219   -2.557  1.00 16.81 ?  11  G   D C5    1 
ATOM   516 C  C6    . G   D 2 4 ? 10.487  6.057   -2.806  1.00 17.19 ?  11  G   D C6    1 
ATOM   517 O  O6    . G   D 2 4 ? 9.641   6.495   -1.997  1.00 20.86 ?  11  G   D O6    1 
ATOM   518 N  N1    . G   D 2 4 ? 10.396  6.400   -4.155  1.00 16.05 ?  11  G   D N1    1 
ATOM   519 C  C2    . G   D 2 4 ? 11.232  5.963   -5.132  1.00 16.50 ?  11  G   D C2    1 
ATOM   520 N  N2    . G   D 2 4 ? 10.966  6.388   -6.382  1.00 18.09 ?  11  G   D N2    1 
ATOM   521 N  N3    . G   D 2 4 ? 12.282  5.192   -4.912  1.00 16.75 ?  11  G   D N3    1 
ATOM   522 C  C4    . G   D 2 4 ? 12.395  4.846   -3.616  1.00 16.97 ?  11  G   D C4    1 
ATOM   523 P  P     . C   D 2 5 ? 17.884  6.908   -3.290  1.00 20.82 ?  12  C   D P     1 
ATOM   524 O  OP1   . C   D 2 5 ? 19.326  7.092   -3.618  1.00 25.84 ?  12  C   D OP1   1 
ATOM   525 O  OP2   . C   D 2 5 ? 17.350  7.312   -1.978  1.00 21.69 -1 12  C   D OP2   1 
ATOM   526 O  "O5'" . C   D 2 5 ? 16.957  7.565   -4.405  1.00 19.38 ?  12  C   D "O5'" 1 
ATOM   527 C  "C5'" . C   D 2 5 ? 17.252  7.364   -5.805  1.00 19.87 ?  12  C   D "C5'" 1 
ATOM   528 C  "C4'" . C   D 2 5 ? 16.304  8.140   -6.656  1.00 17.65 ?  12  C   D "C4'" 1 
ATOM   529 O  "O4'" . C   D 2 5 ? 14.963  7.686   -6.370  1.00 16.90 ?  12  C   D "O4'" 1 
ATOM   530 C  "C3'" . C   D 2 5 ? 16.203  9.643   -6.461  1.00 20.15 ?  12  C   D "C3'" 1 
ATOM   531 O  "O3'" . C   D 2 5 ? 17.303  10.305  -7.122  1.00 23.08 ?  12  C   D "O3'" 1 
ATOM   532 C  "C2'" . C   D 2 5 ? 14.855  9.933   -7.129  1.00 17.59 ?  12  C   D "C2'" 1 
ATOM   533 O  "O2'" . C   D 2 5 ? 14.952  9.847   -8.551  1.00 22.89 ?  12  C   D "O2'" 1 
ATOM   534 C  "C1'" . C   D 2 5 ? 14.056  8.701   -6.671  1.00 16.04 ?  12  C   D "C1'" 1 
ATOM   535 N  N1    . C   D 2 5 ? 13.202  8.916   -5.489  1.00 17.12 ?  12  C   D N1    1 
ATOM   536 C  C2    . C   D 2 5 ? 12.032  9.642   -5.684  1.00 15.82 ?  12  C   D C2    1 
ATOM   537 O  O2    . C   D 2 5 ? 11.809  10.103  -6.799  1.00 17.18 ?  12  C   D O2    1 
ATOM   538 N  N3    . C   D 2 5 ? 11.210  9.869   -4.636  1.00 17.91 ?  12  C   D N3    1 
ATOM   539 C  C4    . C   D 2 5 ? 11.507  9.356   -3.438  1.00 16.59 ?  12  C   D C4    1 
ATOM   540 N  N4    . C   D 2 5 ? 10.676  9.598   -2.436  1.00 16.72 ?  12  C   D N4    1 
ATOM   541 C  C5    . C   D 2 5 ? 12.733  8.659   -3.199  1.00 17.17 ?  12  C   D C5    1 
ATOM   542 C  C6    . C   D 2 5 ? 13.516  8.422   -4.251  1.00 16.59 ?  12  C   D C6    1 
ATOM   543 P  P     . DT  D 2 6 ? 17.920  11.597  -6.458  1.00 23.66 ?  13  DT  D P     1 
ATOM   544 O  OP1   . DT  D 2 6 ? 18.991  12.124  -7.333  1.00 28.32 ?  13  DT  D OP1   1 
ATOM   545 O  OP2   . DT  D 2 6 ? 18.083  11.356  -5.026  1.00 24.00 -1 13  DT  D OP2   1 
ATOM   546 O  "O5'" . DT  D 2 6 ? 16.715  12.613  -6.471  1.00 22.39 ?  13  DT  D "O5'" 1 
ATOM   547 C  "C5'" . DT  D 2 6 ? 16.292  13.159  -7.717  1.00 23.24 ?  13  DT  D "C5'" 1 
ATOM   548 C  "C4'" . DT  D 2 6 ? 15.123  14.050  -7.411  1.00 26.30 ?  13  DT  D "C4'" 1 
ATOM   549 O  "O4'" . DT  D 2 6 ? 14.141  13.210  -6.779  1.00 26.79 ?  13  DT  D "O4'" 1 
ATOM   550 C  "C3'" . DT  D 2 6 ? 15.453  15.134  -6.383  1.00 32.61 ?  13  DT  D "C3'" 1 
ATOM   551 O  "O3'" . DT  D 2 6 ? 15.589  16.296  -7.174  1.00 30.86 ?  13  DT  D "O3'" 1 
ATOM   552 C  "C2'" . DT  D 2 6 ? 14.164  15.263  -5.599  1.00 40.59 ?  13  DT  D "C2'" 1 
ATOM   553 C  "C1'" . DT  D 2 6 ? 13.410  13.956  -5.848  1.00 30.53 ?  13  DT  D "C1'" 1 
ATOM   554 N  N1    . DT  D 2 6 ? 13.309  13.183  -4.612  1.00 24.28 ?  13  DT  D N1    1 
ATOM   555 C  C2    . DT  D 2 6 ? 12.154  13.347  -3.895  1.00 21.81 ?  13  DT  D C2    1 
ATOM   556 O  O2    . DT  D 2 6 ? 11.216  14.012  -4.302  1.00 29.83 ?  13  DT  D O2    1 
ATOM   557 N  N3    . DT  D 2 6 ? 12.137  12.705  -2.678  1.00 22.75 ?  13  DT  D N3    1 
ATOM   558 C  C4    . DT  D 2 6 ? 13.145  11.935  -2.129  1.00 21.09 ?  13  DT  D C4    1 
ATOM   559 O  O4    . DT  D 2 6 ? 12.986  11.408  -1.031  1.00 24.48 ?  13  DT  D O4    1 
ATOM   560 C  C5    . DT  D 2 6 ? 14.336  11.818  -2.935  1.00 22.85 ?  13  DT  D C5    1 
ATOM   561 C  C7    . DT  D 2 6 ? 15.468  10.971  -2.442  1.00 22.94 ?  13  DT  D C7    1 
ATOM   562 C  C6    . DT  D 2 6 ? 14.354  12.432  -4.124  1.00 23.43 ?  13  DT  D C6    1 
ATOM   563 P  P     . A   D 2 7 ? 16.596  17.382  -6.880  1.00 33.00 ?  14  A   D P     1 
ATOM   564 O  OP1   . A   D 2 7 ? 17.847  17.052  -7.611  1.00 44.30 ?  14  A   D OP1   1 
ATOM   565 O  OP2   . A   D 2 7 ? 16.581  17.691  -5.416  1.00 38.53 -1 14  A   D OP2   1 
ATOM   566 O  "O5'" . A   D 2 7 ? 15.910  18.538  -7.717  1.00 38.99 ?  14  A   D "O5'" 1 
ATOM   567 C  "C5'" . A   D 2 7 ? 15.607  18.374  -9.110  1.00 29.66 ?  14  A   D "C5'" 1 
ATOM   568 C  "C4'" . A   D 2 7 ? 14.461  19.275  -9.456  1.00 28.06 ?  14  A   D "C4'" 1 
ATOM   569 O  "O4'" . A   D 2 7 ? 13.333  18.939  -8.597  1.00 30.89 ?  14  A   D "O4'" 1 
ATOM   570 C  "C3'" . A   D 2 7 ? 14.662  20.774  -9.252  1.00 27.57 ?  14  A   D "C3'" 1 
ATOM   571 O  "O3'" . A   D 2 7 ? 15.389  21.414  -10.307 1.00 32.29 ?  14  A   D "O3'" 1 
ATOM   572 C  "C2'" . A   D 2 7 ? 13.225  21.258  -9.136  1.00 28.02 ?  14  A   D "C2'" 1 
ATOM   573 O  "O2'" . A   D 2 7 ? 12.695  21.537  -10.430 1.00 28.82 ?  14  A   D "O2'" 1 
ATOM   574 C  "C1'" . A   D 2 7 ? 12.591  20.110  -8.322  1.00 27.07 ?  14  A   D "C1'" 1 
ATOM   575 N  N9    . A   D 2 7 ? 12.609  20.340  -6.870  1.00 26.32 ?  14  A   D N9    1 
ATOM   576 C  C8    . A   D 2 7 ? 13.535  19.987  -5.913  1.00 25.02 ?  14  A   D C8    1 
ATOM   577 N  N7    . A   D 2 7 ? 13.224  20.391  -4.702  1.00 24.74 ?  14  A   D N7    1 
ATOM   578 C  C5    . A   D 2 7 ? 12.025  21.069  -4.878  1.00 22.13 ?  14  A   D C5    1 
ATOM   579 C  C6    . A   D 2 7 ? 11.154  21.711  -3.978  1.00 23.82 ?  14  A   D C6    1 
ATOM   580 N  N6    . A   D 2 7 ? 11.384  21.814  -2.671  1.00 26.02 ?  14  A   D N6    1 
ATOM   581 N  N1    . A   D 2 7 ? 10.024  22.264  -4.483  1.00 23.90 ?  14  A   D N1    1 
ATOM   582 C  C2    . A   D 2 7 ? 9.774   22.129  -5.791  1.00 21.92 ?  14  A   D C2    1 
ATOM   583 N  N3    . A   D 2 7 ? 10.528  21.587  -6.737  1.00 20.32 ?  14  A   D N3    1 
ATOM   584 C  C4    . A   D 2 7 ? 11.634  21.038  -6.208  1.00 20.41 ?  14  A   D C4    1 
HETATM 585 MG MG    . MG  E 3 . ? -3.403  -17.275 0.202   1.00 24.39 ?  101 MG  B MG    1 
HETATM 586 CO CO    . CO  F 4 . ? 5.087   -8.582  -11.337 1.00 34.98 ?  101 CO  C CO    1 
HETATM 587 MG MG    . MG  G 3 . ? 3.714   2.769   -14.907 1.00 29.55 ?  102 MG  C MG    1 
HETATM 588 MG MG    . MG  H 3 . ? 10.674  5.909   2.224   1.00 21.73 ?  101 MG  D MG    1 
HETATM 589 O  O     . HOH I 5 . ? -9.059  4.564   4.976   1.00 31.36 ?  101 HOH A O     1 
HETATM 590 O  O     . HOH I 5 . ? -5.644  -3.277  2.688   1.00 36.76 ?  102 HOH A O     1 
HETATM 591 O  O     . HOH I 5 . ? -17.023 -1.665  -9.609  1.00 29.58 ?  103 HOH A O     1 
HETATM 592 O  O     . HOH I 5 . ? -13.957 3.764   -4.005  1.00 41.32 ?  104 HOH A O     1 
HETATM 593 O  O     . HOH I 5 . ? -20.452 0.504   -5.063  1.00 22.18 ?  105 HOH A O     1 
HETATM 594 O  O     . HOH I 5 . ? -7.639  -0.376  4.994   1.00 39.92 ?  106 HOH A O     1 
HETATM 595 O  O     . HOH I 5 . ? -9.665  -6.602  -0.470  1.00 41.42 ?  107 HOH A O     1 
HETATM 596 O  O     . HOH I 5 . ? -13.943 -8.311  -0.220  1.00 22.43 ?  108 HOH A O     1 
HETATM 597 O  O     . HOH I 5 . ? -0.814  -0.249  13.265  1.00 43.54 ?  109 HOH A O     1 
HETATM 598 O  O     . HOH I 5 . ? -11.988 -4.136  10.470  1.00 71.40 ?  110 HOH A O     1 
HETATM 599 O  O     . HOH I 5 . ? -6.714  -7.824  11.362  1.00 52.73 ?  111 HOH A O     1 
HETATM 600 O  O     . HOH I 5 . ? 6.673   -7.825  7.071   1.00 35.17 ?  112 HOH A O     1 
HETATM 601 O  O     . HOH I 5 . ? -16.966 -5.116  -8.656  1.00 35.40 ?  113 HOH A O     1 
HETATM 602 O  O     . HOH I 5 . ? -10.085 -0.562  0.153   1.00 31.79 ?  114 HOH A O     1 
HETATM 603 O  O     . HOH I 5 . ? -12.595 -5.871  8.528   1.00 37.76 ?  115 HOH A O     1 
HETATM 604 O  O     . HOH I 5 . ? -15.770 -3.649  6.439   1.00 34.92 ?  116 HOH A O     1 
HETATM 605 O  O     . HOH I 5 . ? -15.273 3.045   4.898   1.00 32.20 ?  117 HOH A O     1 
HETATM 606 O  O     . HOH I 5 . ? -16.257 -10.107 -0.877  1.00 33.88 ?  118 HOH A O     1 
HETATM 607 O  O     . HOH I 5 . ? -10.962 -3.857  -2.046  1.00 38.34 ?  119 HOH A O     1 
HETATM 608 O  O     . HOH I 5 . ? -2.061  -1.332  15.192  1.00 55.08 ?  120 HOH A O     1 
HETATM 609 O  O     . HOH I 5 . ? -4.370  -1.160  4.876   1.00 32.97 ?  121 HOH A O     1 
HETATM 610 O  O     . HOH I 5 . ? -8.575  -3.188  0.029   1.00 37.03 ?  122 HOH A O     1 
HETATM 611 O  O     . HOH I 5 . ? -10.010 -5.225  12.746  1.00 42.44 ?  123 HOH A O     1 
HETATM 612 O  O     . HOH I 5 . ? -14.963 -5.204  -5.071  1.00 40.05 ?  124 HOH A O     1 
HETATM 613 O  O     . HOH I 5 . ? -18.729 -9.495  -4.836  1.00 48.23 ?  125 HOH A O     1 
HETATM 614 O  O     . HOH I 5 . ? -14.532 -8.130  -4.425  1.00 57.83 ?  126 HOH A O     1 
HETATM 615 O  O     . HOH I 5 . ? -13.571 -3.879  -7.162  1.00 40.71 ?  127 HOH A O     1 
HETATM 616 O  O     . HOH I 5 . ? -12.471 -4.681  -4.627  1.00 53.92 ?  128 HOH A O     1 
HETATM 617 O  O     . HOH I 5 . ? -16.902 0.917   -8.440  1.00 41.60 ?  129 HOH A O     1 
HETATM 618 O  O     . HOH I 5 . ? -19.027 -6.477  -9.218  1.00 34.25 ?  130 HOH A O     1 
HETATM 619 O  O     . HOH I 5 . ? -21.260 -3.341  -11.106 1.00 26.40 ?  131 HOH A O     1 
HETATM 620 O  O     . HOH I 5 . ? -8.710  0.861   -5.341  1.00 35.82 ?  132 HOH A O     1 
HETATM 621 O  O     . HOH I 5 . ? -6.479  3.041   3.279   1.00 55.39 ?  133 HOH A O     1 
HETATM 622 O  O     . HOH J 5 . ? -21.050 -11.292 9.031   1.00 48.24 ?  201 HOH B O     1 
HETATM 623 O  O     . HOH J 5 . ? 5.990   -10.252 -3.756  1.00 70.51 ?  202 HOH B O     1 
HETATM 624 O  O     . HOH J 5 . ? -8.637  -13.051 2.996   1.00 37.80 ?  203 HOH B O     1 
HETATM 625 O  O     . HOH J 5 . ? -5.367  -9.704  1.251   1.00 37.53 ?  204 HOH B O     1 
HETATM 626 O  O     . HOH J 5 . ? -16.648 -14.560 4.848   1.00 45.19 ?  205 HOH B O     1 
HETATM 627 O  O     . HOH J 5 . ? -19.245 -6.582  3.813   1.00 38.02 ?  206 HOH B O     1 
HETATM 628 O  O     . HOH J 5 . ? -9.948  -7.290  10.056  1.00 37.90 ?  207 HOH B O     1 
HETATM 629 O  O     . HOH J 5 . ? -0.990  -18.667 5.345   1.00 30.70 ?  208 HOH B O     1 
HETATM 630 O  O     . HOH J 5 . ? -3.868  -12.678 2.426   1.00 27.58 ?  209 HOH B O     1 
HETATM 631 O  O     . HOH J 5 . ? -14.883 -7.455  8.534   1.00 45.47 ?  210 HOH B O     1 
HETATM 632 O  O     . HOH J 5 . ? -2.101  -9.728  0.801   1.00 32.59 ?  211 HOH B O     1 
HETATM 633 O  O     . HOH J 5 . ? -7.677  -9.965  9.589   1.00 37.33 ?  212 HOH B O     1 
HETATM 634 O  O     . HOH J 5 . ? -1.629  -2.830  1.667   1.00 45.08 ?  213 HOH B O     1 
HETATM 635 O  O     . HOH J 5 . ? -3.846  -19.148 2.802   1.00 50.08 ?  214 HOH B O     1 
HETATM 636 O  O     . HOH J 5 . ? -9.508  -11.678 10.883  1.00 44.60 ?  215 HOH B O     1 
HETATM 637 O  O     . HOH J 5 . ? -9.071  -10.856 1.006   1.00 44.72 ?  216 HOH B O     1 
HETATM 638 O  O     . HOH J 5 . ? -21.646 -12.402 1.999   1.00 43.26 ?  217 HOH B O     1 
HETATM 639 O  O     . HOH J 5 . ? -27.199 -10.138 7.158   1.00 48.27 ?  218 HOH B O     1 
HETATM 640 O  O     . HOH J 5 . ? 0.380   -1.284  -0.456  1.00 51.06 ?  219 HOH B O     1 
HETATM 641 O  O     . HOH J 5 . ? -18.982 -13.206 10.410  1.00 52.63 ?  220 HOH B O     1 
HETATM 642 O  O     . HOH J 5 . ? -2.183  -8.556  -1.494  1.00 40.56 ?  221 HOH B O     1 
HETATM 643 O  O     . HOH J 5 . ? -17.202 -11.370 1.478   1.00 48.54 ?  222 HOH B O     1 
HETATM 644 O  O     . HOH J 5 . ? -6.495  -14.126 1.650   1.00 57.22 ?  223 HOH B O     1 
HETATM 645 O  O     . HOH J 5 . ? -11.577 -8.994  -1.264  1.00 51.33 ?  224 HOH B O     1 
HETATM 646 O  O     . HOH J 5 . ? -11.853 -13.591 -1.196  1.00 45.24 ?  225 HOH B O     1 
HETATM 647 O  O     . HOH J 5 . ? -17.046 -10.958 11.372  1.00 46.54 ?  226 HOH B O     1 
HETATM 648 O  O     . HOH J 5 . ? -12.985 -18.887 5.579   1.00 33.10 ?  227 HOH B O     1 
HETATM 649 O  O     . HOH J 5 . ? -2.245  -18.309 0.963   1.00 20.24 ?  228 HOH B O     1 
HETATM 650 O  O     . HOH J 5 . ? -22.826 -13.287 10.165  1.00 59.36 ?  229 HOH B O     1 
HETATM 651 O  O     . HOH J 5 . ? -2.556  -3.863  -0.650  1.00 35.62 ?  230 HOH B O     1 
HETATM 652 O  O     . HOH J 5 . ? -23.007 -12.084 -3.836  1.00 55.33 ?  231 HOH B O     1 
HETATM 653 O  O     . HOH J 5 . ? -6.379  -9.374  -0.344  1.00 42.64 ?  232 HOH B O     1 
HETATM 654 O  O     . HOH J 5 . ? -5.562  -14.264 -2.007  1.00 46.00 ?  233 HOH B O     1 
HETATM 655 O  O     . HOH K 5 . ? 2.244   20.890  2.402   1.00 33.44 ?  201 HOH C O     1 
HETATM 656 O  O     . HOH K 5 . ? 9.076   23.656  -0.859  1.00 36.71 ?  202 HOH C O     1 
HETATM 657 O  O     . HOH K 5 . ? 11.767  -3.550  -5.772  1.00 22.77 ?  203 HOH C O     1 
HETATM 658 O  O     . HOH K 5 . ? 2.950   13.280  -0.390  1.00 41.92 ?  204 HOH C O     1 
HETATM 659 O  O     . HOH K 5 . ? 2.146   13.369  -10.864 1.00 35.86 ?  205 HOH C O     1 
HETATM 660 O  O     . HOH K 5 . ? 4.714   -1.994  -6.920  1.00 33.09 ?  206 HOH C O     1 
HETATM 661 O  O     . HOH K 5 . ? 5.139   5.119   -3.327  1.00 34.87 ?  207 HOH C O     1 
HETATM 662 O  O     . HOH K 5 . ? 3.141   -0.815  -4.226  1.00 41.46 ?  208 HOH C O     1 
HETATM 663 O  O     . HOH K 5 . ? 5.495   2.296   -9.059  1.00 28.13 ?  209 HOH C O     1 
HETATM 664 O  O     . HOH K 5 . ? 8.979   15.062  -7.514  1.00 23.88 ?  210 HOH C O     1 
HETATM 665 O  O     . HOH K 5 . ? 9.883   13.680  -1.290  1.00 30.25 ?  211 HOH C O     1 
HETATM 666 O  O     . HOH K 5 . ? 6.908   -7.916  -11.533 1.00 40.48 ?  212 HOH C O     1 
HETATM 667 O  O     . HOH K 5 . ? 4.313   7.399   -14.460 1.00 49.04 ?  213 HOH C O     1 
HETATM 668 O  O     . HOH K 5 . ? 10.961  2.470   -13.640 1.00 31.26 ?  214 HOH C O     1 
HETATM 669 O  O     . HOH K 5 . ? 5.435   0.350   -15.448 1.00 43.84 ?  215 HOH C O     1 
HETATM 670 O  O     . HOH K 5 . ? 11.904  -6.492  -3.008  1.00 34.68 ?  216 HOH C O     1 
HETATM 671 O  O     . HOH K 5 . ? -1.604  17.366  -3.610  1.00 35.02 ?  217 HOH C O     1 
HETATM 672 O  O     . HOH K 5 . ? 11.790  15.905  -0.952  1.00 47.83 ?  218 HOH C O     1 
HETATM 673 O  O     . HOH K 5 . ? 3.364   2.882   -4.176  1.00 48.79 ?  219 HOH C O     1 
HETATM 674 O  O     . HOH K 5 . ? 5.854   3.983   -14.824 1.00 53.51 ?  220 HOH C O     1 
HETATM 675 O  O     . HOH K 5 . ? 8.704   -8.027  -0.314  1.00 44.23 ?  221 HOH C O     1 
HETATM 676 O  O     . HOH K 5 . ? 4.031   5.974   -6.722  1.00 35.75 ?  222 HOH C O     1 
HETATM 677 O  O     . HOH K 5 . ? 2.273   10.572  -3.537  1.00 50.99 ?  223 HOH C O     1 
HETATM 678 O  O     . HOH K 5 . ? 6.712   18.707  1.183   1.00 69.95 ?  224 HOH C O     1 
HETATM 679 O  O     . HOH K 5 . ? 0.326   24.029  -0.793  1.00 62.90 ?  225 HOH C O     1 
HETATM 680 O  O     . HOH K 5 . ? 3.977   0.185   -8.377  1.00 37.35 ?  226 HOH C O     1 
HETATM 681 O  O     . HOH K 5 . ? 2.954   -8.880  -11.307 1.00 33.19 ?  227 HOH C O     1 
HETATM 682 O  O     . HOH L 5 . ? 18.829  3.663   -5.859  1.00 50.36 ?  201 HOH D O     1 
HETATM 683 O  O     . HOH L 5 . ? 15.684  20.762  -12.948 1.00 51.41 ?  202 HOH D O     1 
HETATM 684 O  O     . HOH L 5 . ? 13.247  3.140   3.065   1.00 49.57 ?  203 HOH D O     1 
HETATM 685 O  O     . HOH L 5 . ? 14.408  9.620   0.537   1.00 33.50 ?  204 HOH D O     1 
HETATM 686 O  O     . HOH L 5 . ? 14.812  7.153   -0.867  1.00 29.01 ?  205 HOH D O     1 
HETATM 687 O  O     . HOH L 5 . ? 11.781  16.789  -7.613  1.00 39.52 ?  206 HOH D O     1 
HETATM 688 O  O     . HOH L 5 . ? 19.634  14.758  -6.390  1.00 85.26 ?  207 HOH D O     1 
HETATM 689 O  O     . HOH L 5 . ? 10.968  9.555   0.435   1.00 43.93 ?  208 HOH D O     1 
HETATM 690 O  O     . HOH L 5 . ? 0.458   -0.970  8.672   1.00 82.72 ?  209 HOH D O     1 
HETATM 691 O  O     . HOH L 5 . ? 14.550  17.948  -3.338  1.00 45.59 ?  210 HOH D O     1 
HETATM 692 O  O     . HOH L 5 . ? 7.914   -4.122  10.165  1.00 53.19 ?  211 HOH D O     1 
HETATM 693 O  O     . HOH L 5 . ? 12.146  -4.166  -2.129  1.00 34.66 ?  212 HOH D O     1 
HETATM 694 O  O     . HOH L 5 . ? 19.133  11.689  -10.292 1.00 40.08 ?  213 HOH D O     1 
HETATM 695 O  O     . HOH L 5 . ? 14.825  5.915   1.490   1.00 33.97 ?  214 HOH D O     1 
HETATM 696 O  O     . HOH L 5 . ? 12.619  12.071  -9.111  1.00 30.15 ?  215 HOH D O     1 
HETATM 697 O  O     . HOH L 5 . ? 11.673  6.886   0.685   1.00 41.26 ?  216 HOH D O     1 
HETATM 698 O  O     . HOH L 5 . ? 20.055  4.823   0.235   1.00 45.47 ?  217 HOH D O     1 
HETATM 699 O  O     . HOH L 5 . ? 7.890   2.623   4.442   1.00 49.39 ?  218 HOH D O     1 
HETATM 700 O  O     . HOH L 5 . ? 17.178  20.660  -3.658  1.00 56.77 ?  219 HOH D O     1 
HETATM 701 O  O     . HOH L 5 . ? 1.644   0.953   2.079   1.00 41.68 ?  220 HOH D O     1 
HETATM 702 O  O     . HOH L 5 . ? 15.271  -3.923  4.882   1.00 57.08 ?  221 HOH D O     1 
HETATM 703 O  O     . HOH L 5 . ? 14.110  15.765  -1.867  1.00 68.19 ?  222 HOH D O     1 
HETATM 704 O  O     . HOH L 5 . ? 11.000  -5.299  7.120   1.00 49.30 ?  223 HOH D O     1 
HETATM 705 O  O     . HOH L 5 . ? 20.424  2.282   -3.447  1.00 56.29 ?  224 HOH D O     1 
HETATM 706 O  O     . HOH L 5 . ? 8.323   9.000   1.201   1.00 62.72 ?  225 HOH D O     1 
# 
loop_
_atom_site_anisotrop.id 
_atom_site_anisotrop.type_symbol 
_atom_site_anisotrop.pdbx_label_atom_id 
_atom_site_anisotrop.pdbx_label_alt_id 
_atom_site_anisotrop.pdbx_label_comp_id 
_atom_site_anisotrop.pdbx_label_asym_id 
_atom_site_anisotrop.pdbx_label_seq_id 
_atom_site_anisotrop.pdbx_PDB_ins_code 
_atom_site_anisotrop.U[1][1] 
_atom_site_anisotrop.U[2][2] 
_atom_site_anisotrop.U[3][3] 
_atom_site_anisotrop.U[1][2] 
_atom_site_anisotrop.U[1][3] 
_atom_site_anisotrop.U[2][3] 
_atom_site_anisotrop.pdbx_auth_seq_id 
_atom_site_anisotrop.pdbx_auth_comp_id 
_atom_site_anisotrop.pdbx_auth_asym_id 
_atom_site_anisotrop.pdbx_auth_atom_id 
1   O  "O5'" . U   A 1 ? 0.2256 0.1772 0.2964 -0.1074 -0.0378 -0.0589 1   U   A "O5'" 
2   C  "C5'" . U   A 1 ? 0.2283 0.2196 0.2821 -0.0864 -0.0065 -0.0284 1   U   A "C5'" 
3   C  "C4'" . U   A 1 ? 0.2368 0.1850 0.2150 -0.1003 -0.0580 -0.0703 1   U   A "C4'" 
4   O  "O4'" . U   A 1 ? 0.2319 0.2067 0.3047 -0.0470 -0.0220 -0.0214 1   U   A "O4'" 
5   C  "C3'" . U   A 1 ? 0.2616 0.2389 0.1784 -0.0439 -0.0903 -0.0843 1   U   A "C3'" 
6   O  "O3'" . U   A 1 ? 0.2210 0.2213 0.2652 -0.1007 -0.0759 -0.1089 1   U   A "O3'" 
7   C  "C2'" . U   A 1 ? 0.2285 0.2330 0.1967 -0.1001 -0.0305 -0.0666 1   U   A "C2'" 
8   O  "O2'" . U   A 1 ? 0.3146 0.2260 0.2971 -0.1146 -0.0906 -0.1316 1   U   A "O2'" 
9   C  "C1'" . U   A 1 ? 0.2101 0.2216 0.2897 -0.0269 -0.0481 -0.0151 1   U   A "C1'" 
10  N  N1    . U   A 1 ? 0.1973 0.2393 0.2860 -0.0983 -0.0563 -0.0457 1   U   A N1    
11  C  C2    . U   A 1 ? 0.2010 0.3285 0.3062 -0.0345 -0.0720 -0.0384 1   U   A C2    
12  O  O2    . U   A 1 ? 0.2416 0.2696 0.3664 -0.0596 -0.0597 -0.1070 1   U   A O2    
13  N  N3    . U   A 1 ? 0.2059 0.2483 0.3246 -0.1599 -0.1084 -0.0421 1   U   A N3    
14  C  C4    . U   A 1 ? 0.2269 0.2829 0.3517 -0.0776 -0.1018 -0.0327 1   U   A C4    
15  O  O4    . U   A 1 ? 0.2570 0.2906 0.3894 -0.1055 -0.1001 0.0017  1   U   A O4    
16  C  C5    . U   A 1 ? 0.1690 0.2790 0.3081 -0.0981 -0.0474 -0.0240 1   U   A C5    
17  C  C6    . U   A 1 ? 0.1658 0.2255 0.2838 -0.1106 -0.0659 -0.0663 1   U   A C6    
18  P  P     . A   A 2 ? 0.2490 0.2702 0.2656 -0.1086 -0.0587 -0.0628 2   A   A P     
19  O  OP1   . A   A 2 ? 0.2376 0.2572 0.3142 -0.1220 -0.0291 -0.0205 2   A   A OP1   
20  O  OP2   . A   A 2 ? 0.2478 0.3574 0.3131 -0.0664 -0.0019 -0.0581 2   A   A OP2   
21  O  "O5'" . A   A 2 ? 0.2559 0.2150 0.2451 -0.0964 -0.0414 -0.0800 2   A   A "O5'" 
22  C  "C5'" . A   A 2 ? 0.2857 0.2665 0.2718 0.0080  0.0151  -0.0605 2   A   A "C5'" 
23  C  "C4'" . A   A 2 ? 0.2970 0.2285 0.2420 0.0056  -0.0035 -0.0077 2   A   A "C4'" 
24  O  "O4'" . A   A 2 ? 0.2261 0.2667 0.2121 -0.0893 -0.0588 -0.0301 2   A   A "O4'" 
25  C  "C3'" . A   A 2 ? 0.2475 0.2773 0.2837 -0.0284 0.0033  -0.0290 2   A   A "C3'" 
26  O  "O3'" . A   A 2 ? 0.2383 0.3234 0.2597 -0.1453 -0.0727 -0.1088 2   A   A "O3'" 
27  C  "C2'" . A   A 2 ? 0.2609 0.2054 0.2726 -0.0569 0.0266  0.0051  2   A   A "C2'" 
28  O  "O2'" . A   A 2 ? 0.2489 0.2409 0.3153 -0.1063 -0.0890 -0.0434 2   A   A "O2'" 
29  C  "C1'" . A   A 2 ? 0.2446 0.1820 0.1892 -0.1089 -0.0296 -0.0885 2   A   A "C1'" 
30  N  N9    . A   A 2 ? 0.2316 0.2093 0.2379 -0.1047 -0.0720 -0.0522 2   A   A N9    
31  C  C8    . A   A 2 ? 0.2201 0.1845 0.2150 -0.0776 -0.1025 -0.0911 2   A   A C8    
32  N  N7    . A   A 2 ? 0.2004 0.2194 0.2199 -0.0685 -0.0698 -0.0738 2   A   A N7    
33  C  C5    . A   A 2 ? 0.2164 0.2195 0.2054 -0.0518 -0.0785 -0.0629 2   A   A C5    
34  C  C6    . A   A 2 ? 0.1593 0.2190 0.2352 -0.0954 -0.0568 -0.0363 2   A   A C6    
35  N  N6    . A   A 2 ? 0.2070 0.2320 0.2295 -0.0862 -0.0336 -0.0561 2   A   A N6    
36  N  N1    . A   A 2 ? 0.2077 0.2077 0.2410 -0.0944 -0.0654 -0.0636 2   A   A N1    
37  C  C2    . A   A 2 ? 0.1594 0.2060 0.2053 -0.0546 -0.0648 -0.0965 2   A   A C2    
38  N  N3    . A   A 2 ? 0.2157 0.2212 0.2728 -0.0806 -0.0334 -0.0129 2   A   A N3    
39  C  C4    . A   A 2 ? 0.2136 0.2521 0.2598 -0.0590 -0.0487 -0.0340 2   A   A C4    
40  P  P     . G   A 3 ? 0.2521 0.2648 0.3450 -0.0861 -0.0434 -0.0177 3   G   A P     
41  O  OP1   . G   A 3 ? 0.3260 0.2461 0.3467 -0.1694 -0.0659 -0.0201 3   G   A OP1   
42  O  OP2   . G   A 3 ? 0.2415 0.2862 0.3670 -0.0901 -0.0088 -0.0660 3   G   A OP2   
43  O  "O5'" . G   A 3 ? 0.2133 0.1675 0.3770 -0.1438 -0.0458 -0.0699 3   G   A "O5'" 
44  C  "C5'" . G   A 3 ? 0.2825 0.2254 0.3104 -0.0390 -0.0578 -0.0407 3   G   A "C5'" 
45  C  "C4'" . G   A 3 ? 0.3209 0.1346 0.3365 -0.0785 -0.0684 -0.0770 3   G   A "C4'" 
46  O  "O4'" . G   A 3 ? 0.2740 0.1809 0.2539 -0.1048 -0.0949 -0.1030 3   G   A "O4'" 
47  C  "C3'" . G   A 3 ? 0.3924 0.2018 0.2777 -0.0405 -0.0590 -0.1316 3   G   A "C3'" 
48  O  "O3'" . G   A 3 ? 0.3110 0.2614 0.3151 -0.0658 -0.1227 -0.1582 3   G   A "O3'" 
49  C  "C2'" . G   A 3 ? 0.1668 0.3069 0.2656 -0.0586 -0.1250 -0.1094 3   G   A "C2'" 
50  O  "O2'" . G   A 3 ? 0.2257 0.2174 0.3407 -0.0810 -0.0443 -0.0855 3   G   A "O2'" 
51  C  "C1'" . G   A 3 ? 0.1868 0.2487 0.2519 -0.1163 -0.0832 -0.0788 3   G   A "C1'" 
52  N  N9    . G   A 3 ? 0.2047 0.2248 0.2722 -0.0968 -0.1190 -0.0930 3   G   A N9    
53  C  C8    . G   A 3 ? 0.2387 0.1888 0.2827 -0.1053 -0.0783 -0.0318 3   G   A C8    
54  N  N7    . G   A 3 ? 0.2457 0.1849 0.2604 -0.1022 -0.1232 -0.0743 3   G   A N7    
55  C  C5    . G   A 3 ? 0.1800 0.2183 0.2357 -0.0766 -0.0990 -0.0807 3   G   A C5    
56  C  C6    . G   A 3 ? 0.1642 0.2644 0.2845 -0.0618 -0.0643 -0.0405 3   G   A C6    
57  O  O6    . G   A 3 ? 0.2500 0.2515 0.3187 -0.0225 -0.0177 -0.0190 3   G   A O6    
58  N  N1    . G   A 3 ? 0.2475 0.2141 0.2793 -0.0811 -0.0871 -0.0587 3   G   A N1    
59  C  C2    . G   A 3 ? 0.2089 0.2149 0.2925 -0.0750 -0.0673 -0.0326 3   G   A C2    
60  N  N2    . G   A 3 ? 0.1947 0.2398 0.2921 -0.0716 -0.0623 -0.0498 3   G   A N2    
61  N  N3    . G   A 3 ? 0.2109 0.1958 0.2539 -0.0574 -0.0854 -0.0736 3   G   A N3    
62  C  C4    . G   A 3 ? 0.2085 0.2341 0.2166 -0.0837 -0.1071 -0.0988 3   G   A C4    
63  P  P     . C   A 4 ? 0.3004 0.2667 0.4165 -0.1367 -0.1080 -0.1289 4   C   A P     
64  O  OP1   . C   A 4 ? 0.4283 0.2640 0.5254 -0.2189 -0.1690 -0.1224 4   C   A OP1   
65  O  OP2   . C   A 4 ? 0.2409 0.3844 0.4517 -0.1223 -0.0670 -0.0941 4   C   A OP2   
66  O  "O5'" . C   A 4 ? 0.2653 0.2430 0.3917 -0.1197 -0.0973 -0.1480 4   C   A "O5'" 
67  C  "C5'" . C   A 4 ? 0.1521 0.5096 0.3540 0.0129  -0.1555 -0.1839 4   C   A "C5'" 
68  C  "C4'" . C   A 4 ? 0.3898 0.3743 0.2809 -0.0837 -0.0917 -0.2192 4   C   A "C4'" 
69  O  "O4'" . C   A 4 ? 0.3798 0.3276 0.3671 -0.0448 -0.1630 -0.1961 4   C   A "O4'" 
70  C  "C3'" . C   A 4 ? 0.4022 0.3569 0.3757 -0.0514 -0.0521 -0.1636 4   C   A "C3'" 
71  O  "O3'" . C   A 4 ? 0.4235 0.4513 0.3564 0.1059  -0.1743 -0.1831 4   C   A "O3'" 
72  C  "C2'" . C   A 4 ? 0.3456 0.4049 0.3621 0.0184  -0.1443 -0.0850 4   C   A "C2'" 
73  O  "O2'" . C   A 4 ? 0.5559 0.3187 0.3758 -0.0666 -0.1305 -0.2071 4   C   A "O2'" 
74  C  "C1'" . C   A 4 ? 0.3452 0.2624 0.3924 -0.0769 -0.0744 -0.1659 4   C   A "C1'" 
75  N  N1    . C   A 4 ? 0.2328 0.3193 0.2835 -0.0372 -0.1586 -0.1425 4   C   A N1    
76  C  C2    . C   A 4 ? 0.2813 0.3664 0.3091 0.0060  -0.1038 -0.0559 4   C   A C2    
77  O  O2    . C   A 4 ? 0.3060 0.3146 0.3088 -0.0552 -0.1258 -0.0848 4   C   A O2    
78  N  N3    . C   A 4 ? 0.2750 0.2395 0.2956 -0.0907 -0.0900 -0.0658 4   C   A N3    
79  C  C4    . C   A 4 ? 0.2689 0.2612 0.2688 -0.0919 -0.1241 -0.0947 4   C   A C4    
80  N  N4    . C   A 4 ? 0.3469 0.2456 0.2935 -0.0943 -0.1015 -0.1167 4   C   A N4    
81  C  C5    . C   A 4 ? 0.2232 0.2676 0.2799 -0.0754 -0.1426 -0.1257 4   C   A C5    
82  C  C6    . C   A 4 ? 0.3996 0.3141 0.2149 -0.0417 -0.1524 -0.1661 4   C   A C6    
83  P  P     . U   A 5 ? 0.4107 0.3321 0.3128 -0.0766 -0.1471 -0.1672 5   U   A P     
84  O  OP1   . U   A 5 ? 0.4474 0.4232 0.3841 -0.0944 -0.1858 -0.2538 5   U   A OP1   
85  O  OP2   . U   A 5 ? 0.5657 0.3235 0.3187 0.0258  -0.0933 -0.0858 5   U   A OP2   
86  O  "O5'" . U   A 5 ? 0.4625 0.3911 0.3430 -0.0369 -0.1790 -0.1190 5   U   A "O5'" 
87  C  "C5'" . U   A 5 ? 0.3847 0.5703 0.3585 -0.0419 -0.1591 -0.0995 5   U   A "C5'" 
88  C  "C4'" . U   A 5 ? 0.3597 0.5089 0.2686 -0.0987 -0.1684 -0.1387 5   U   A "C4'" 
89  O  "O4'" . U   A 5 ? 0.4054 0.4451 0.2627 -0.0182 -0.1553 -0.1519 5   U   A "O4'" 
90  C  "C3'" . U   A 5 ? 0.4054 0.4202 0.2732 -0.0111 -0.1124 -0.0067 5   U   A "C3'" 
91  O  "O3'" . U   A 5 ? 0.5519 0.5009 0.3043 -0.0323 -0.0956 -0.0942 5   U   A "O3'" 
92  C  "C2'" . U   A 5 ? 0.2671 0.4250 0.2391 -0.1038 -0.0915 -0.0811 5   U   A "C2'" 
93  O  "O2'" . U   A 5 ? 0.4447 0.5114 0.2458 -0.0844 -0.0976 -0.0858 5   U   A "O2'" 
94  C  "C1'" . U   A 5 ? 0.3709 0.2838 0.2041 -0.0947 -0.1251 -0.0861 5   U   A "C1'" 
95  N  N1    . U   A 5 ? 0.2805 0.3256 0.2585 -0.0434 -0.0982 -0.0639 5   U   A N1    
96  C  C2    . U   A 5 ? 0.2574 0.3129 0.2609 -0.0725 -0.1375 -0.1084 5   U   A C2    
97  O  O2    . U   A 5 ? 0.2845 0.3665 0.2623 -0.0655 -0.1174 -0.0779 5   U   A O2    
98  N  N3    . U   A 5 ? 0.2908 0.2344 0.2615 -0.1081 -0.1042 -0.1371 5   U   A N3    
99  C  C4    . U   A 5 ? 0.3032 0.3336 0.2863 -0.0527 -0.0906 -0.0819 5   U   A C4    
100 O  O4    . U   A 5 ? 0.3059 0.2913 0.2648 -0.1478 -0.1179 -0.1270 5   U   A O4    
101 C  C5    . U   A 5 ? 0.2012 0.2732 0.2526 -0.1057 -0.0793 -0.0526 5   U   A C5    
102 C  C6    . U   A 5 ? 0.3556 0.2982 0.2753 -0.0723 -0.0649 -0.0696 5   U   A C6    
103 P  P     . C   A 6 ? 0.5273 0.3410 0.3466 -0.0809 -0.1921 -0.1759 6   C   A P     
104 O  OP1   . C   A 6 ? 0.4728 0.4042 0.3923 -0.1167 -0.1978 -0.2287 6   C   A OP1   
105 O  OP2   . C   A 6 ? 0.6788 0.5700 0.4452 -0.3684 -0.3728 -0.0540 6   C   A OP2   
106 O  "O5'" . C   A 6 ? 0.4880 0.3824 0.3184 -0.0616 -0.1808 -0.1563 6   C   A "O5'" 
107 C  "C5'" . C   A 6 ? 0.3892 0.5448 0.2291 -0.0157 -0.0460 -0.0586 6   C   A "C5'" 
108 C  "C4'" . C   A 6 ? 0.3852 0.4441 0.2598 -0.0700 -0.0771 -0.0880 6   C   A "C4'" 
109 O  "O4'" . C   A 6 ? 0.3170 0.4877 0.2656 -0.0412 -0.0983 -0.0746 6   C   A "O4'" 
110 C  "C3'" . C   A 6 ? 0.3597 0.2553 0.2578 -0.0848 -0.0880 -0.0422 6   C   A "C3'" 
111 O  "O3'" . C   A 6 ? 0.2940 0.3971 0.3498 -0.1653 -0.1196 -0.0722 6   C   A "O3'" 
112 C  "C2'" . C   A 6 ? 0.2603 0.3332 0.2756 -0.1122 -0.0603 -0.0891 6   C   A "C2'" 
113 O  "O2'" . C   A 6 ? 0.2952 0.4056 0.2604 -0.1477 -0.1022 -0.0543 6   C   A "O2'" 
114 C  "C1'" . C   A 6 ? 0.2876 0.2966 0.2723 -0.1270 -0.0955 -0.0383 6   C   A "C1'" 
115 N  N1    . C   A 6 ? 0.2755 0.2429 0.2833 -0.1060 -0.0474 -0.0568 6   C   A N1    
116 C  C2    . C   A 6 ? 0.2071 0.2443 0.2684 -0.1302 -0.0830 -0.0676 6   C   A C2    
117 O  O2    . C   A 6 ? 0.2820 0.2219 0.2547 -0.1303 -0.0909 -0.0696 6   C   A O2    
118 N  N3    . C   A 6 ? 0.2612 0.2286 0.2281 -0.1155 -0.1031 -0.1015 6   C   A N3    
119 C  C4    . C   A 6 ? 0.2892 0.2531 0.2974 -0.0455 -0.0009 -0.0328 6   C   A C4    
120 N  N4    . C   A 6 ? 0.3396 0.2083 0.2743 -0.1348 -0.1156 -0.1037 6   C   A N4    
121 C  C5    . C   A 6 ? 0.2441 0.2827 0.2855 -0.1183 -0.0471 -0.0712 6   C   A C5    
122 C  C6    . C   A 6 ? 0.2849 0.2667 0.2228 -0.0698 -0.1090 -0.1543 6   C   A C6    
123 P  P     . C   A 7 ? 0.3385 0.3969 0.3327 -0.1700 -0.1162 -0.1183 7   C   A P     
124 O  OP1   . C   A 7 ? 0.5093 0.4874 0.3008 -0.1655 -0.1411 -0.1470 7   C   A OP1   
125 O  OP2   . C   A 7 ? 0.4338 0.4440 0.4639 -0.2318 -0.1646 -0.0342 7   C   A OP2   
126 O  "O5'" . C   A 7 ? 0.2723 0.3841 0.3583 -0.1330 -0.0663 -0.0550 7   C   A "O5'" 
127 C  "C5'" . C   A 7 ? 0.2608 0.3612 0.5139 -0.1069 -0.1726 -0.1810 7   C   A "C5'" 
128 C  "C4'" . C   A 7 ? 0.3715 0.3444 0.3550 -0.0741 -0.1291 -0.0078 7   C   A "C4'" 
129 O  "O4'" . C   A 7 ? 0.2896 0.3483 0.3087 -0.1703 -0.0490 0.0058  7   C   A "O4'" 
130 C  "C3'" . C   A 7 ? 0.4086 0.4520 0.2664 -0.1028 -0.1106 0.0187  7   C   A "C3'" 
131 O  "O3'" . C   A 7 ? 0.3468 0.5114 0.3983 -0.1484 -0.1175 -0.0142 7   C   A "O3'" 
132 C  "C2'" . C   A 7 ? 0.2821 0.3139 0.3784 -0.1195 -0.0038 0.0195  7   C   A "C2'" 
133 O  "O2'" . C   A 7 ? 0.4385 0.4451 0.4884 0.0110  0.0990  0.0935  7   C   A "O2'" 
134 C  "C1'" . C   A 7 ? 0.3377 0.2995 0.2619 -0.1817 -0.0437 -0.0528 7   C   A "C1'" 
135 N  N1    . C   A 7 ? 0.2273 0.3024 0.3220 -0.1853 -0.0550 -0.0612 7   C   A N1    
136 C  C2    . C   A 7 ? 0.3127 0.3390 0.3181 -0.1354 -0.0051 -0.0431 7   C   A C2    
137 O  O2    . C   A 7 ? 0.2779 0.3047 0.3929 -0.1375 -0.0069 -0.0005 7   C   A O2    
138 N  N3    . C   A 7 ? 0.2457 0.3119 0.2908 -0.2188 -0.0602 -0.0716 7   C   A N3    
139 C  C4    . C   A 7 ? 0.2143 0.3012 0.3213 -0.2017 -0.0645 -0.0600 7   C   A C4    
140 N  N4    . C   A 7 ? 0.2926 0.2596 0.2851 -0.1835 -0.0842 -0.0908 7   C   A N4    
141 C  C5    . C   A 7 ? 0.3115 0.2982 0.2902 -0.1488 -0.1071 -0.1302 7   C   A C5    
142 C  C6    . C   A 7 ? 0.2555 0.3108 0.2959 -0.1652 -0.0378 -0.0611 7   C   A C6    
143 O  "O5'" . G   B 1 ? 0.5783 0.3569 0.4991 -0.3051 0.0435  -0.0506 8   G   B "O5'" 
144 C  "C5'" . G   B 1 ? 0.4477 0.5460 0.2654 -0.2118 -0.0102 -0.0193 8   G   B "C5'" 
145 C  "C4'" . G   B 1 ? 0.4104 0.2805 0.3098 -0.2499 0.0101  -0.0721 8   G   B "C4'" 
146 O  "O4'" . G   B 1 ? 0.4264 0.3748 0.3870 -0.3326 -0.0667 -0.0289 8   G   B "O4'" 
147 C  "C3'" . G   B 1 ? 0.3803 0.3332 0.4380 -0.2164 0.0379  0.0222  8   G   B "C3'" 
148 O  "O3'" . G   B 1 ? 0.6426 0.4080 0.5982 -0.3922 0.1554  -0.0839 8   G   B "O3'" 
149 C  "C2'" . G   B 1 ? 0.4619 0.2153 0.4059 -0.1539 0.0414  0.0047  8   G   B "C2'" 
150 O  "O2'" . G   B 1 ? 0.3819 0.3085 0.4303 -0.1668 0.0337  -0.0433 8   G   B "O2'" 
151 C  "C1'" . G   B 1 ? 0.2904 0.2937 0.3970 -0.2192 -0.0744 -0.0019 8   G   B "C1'" 
152 N  N9    . G   B 1 ? 0.3753 0.2765 0.3978 -0.2028 -0.0430 0.0032  8   G   B N9    
153 C  C8    . G   B 1 ? 0.3941 0.2692 0.3674 -0.1638 0.0048  -0.0254 8   G   B C8    
154 N  N7    . G   B 1 ? 0.3481 0.3187 0.3750 -0.2854 -0.0408 -0.0830 8   G   B N7    
155 C  C5    . G   B 1 ? 0.4116 0.3198 0.3371 -0.2303 0.0575  -0.0522 8   G   B C5    
156 C  C6    . G   B 1 ? 0.2349 0.2821 0.3180 -0.2113 -0.0244 -0.0877 8   G   B C6    
157 O  O6    . G   B 1 ? 0.3438 0.2711 0.2947 -0.1747 -0.0215 -0.0966 8   G   B O6    
158 N  N1    . G   B 1 ? 0.2863 0.3160 0.3022 -0.2537 -0.0357 -0.0690 8   G   B N1    
159 C  C2    . G   B 1 ? 0.3059 0.2928 0.3635 -0.2096 -0.0594 -0.0662 8   G   B C2    
160 N  N2    . G   B 1 ? 0.2723 0.3008 0.3422 -0.1641 -0.0485 -0.0868 8   G   B N2    
161 N  N3    . G   B 1 ? 0.3545 0.2986 0.3305 -0.2021 -0.0737 -0.0542 8   G   B N3    
162 C  C4    . G   B 1 ? 0.2761 0.3059 0.3964 -0.2406 -0.0732 -0.0072 8   G   B C4    
163 P  P     . G   B 2 ? 0.5075 0.3490 0.3842 -0.2933 -0.0105 -0.0639 9   G   B P     
164 O  OP1   . G   B 2 ? 0.5810 0.4238 0.4268 -0.2716 -0.0712 -0.1791 9   G   B OP1   
165 O  OP2   . G   B 2 ? 0.4803 0.2798 0.3390 -0.2351 -0.0244 -0.0660 9   G   B OP2   
166 O  "O5'" . G   B 2 ? 0.4292 0.2856 0.4669 -0.2247 -0.0895 -0.0598 9   G   B "O5'" 
167 C  "C5'" . G   B 2 ? 0.4204 0.3463 0.3652 -0.1646 0.0056  -0.0515 9   G   B "C5'" 
168 C  "C4'" . G   B 2 ? 0.3234 0.3017 0.3781 -0.1290 -0.0180 -0.0082 9   G   B "C4'" 
169 O  "O4'" . G   B 2 ? 0.4567 0.2828 0.3978 -0.1963 0.1484  -0.0311 9   G   B "O4'" 
170 C  "C3'" . G   B 2 ? 0.3981 0.2467 0.3685 -0.0938 0.0493  -0.0888 9   G   B "C3'" 
171 O  "O3'" . G   B 2 ? 0.4380 0.2591 0.3605 -0.1448 0.1433  -0.0380 9   G   B "O3'" 
172 C  "C2'" . G   B 2 ? 0.3152 0.2446 0.3096 -0.1258 0.0883  -0.0036 9   G   B "C2'" 
173 O  "O2'" . G   B 2 ? 0.3334 0.2597 0.4661 -0.1701 0.0087  0.0002  9   G   B "O2'" 
174 C  "C1'" . G   B 2 ? 0.3784 0.2288 0.3854 -0.1379 0.0984  -0.0193 9   G   B "C1'" 
175 N  N9    . G   B 2 ? 0.2928 0.2350 0.3384 -0.1845 0.0245  -0.0585 9   G   B N9    
176 C  C8    . G   B 2 ? 0.2915 0.2151 0.3711 -0.1879 -0.0139 -0.0134 9   G   B C8    
177 N  N7    . G   B 2 ? 0.2881 0.2801 0.2785 -0.2257 -0.0402 -0.0751 9   G   B N7    
178 C  C5    . G   B 2 ? 0.2422 0.2661 0.2976 -0.2089 -0.0273 -0.0223 9   G   B C5    
179 C  C6    . G   B 2 ? 0.2397 0.2148 0.3244 -0.1770 -0.0851 -0.0372 9   G   B C6    
180 O  O6    . G   B 2 ? 0.2845 0.2145 0.3136 -0.1329 -0.0438 -0.0729 9   G   B O6    
181 N  N1    . G   B 2 ? 0.2577 0.1830 0.2569 -0.1537 -0.0482 -0.0744 9   G   B N1    
182 C  C2    . G   B 2 ? 0.2888 0.2238 0.3010 -0.1335 -0.0303 -0.0646 9   G   B C2    
183 N  N2    . G   B 2 ? 0.2263 0.2686 0.3158 -0.1543 -0.0884 -0.0375 9   G   B N2    
184 N  N3    . G   B 2 ? 0.2885 0.2523 0.3123 -0.1673 0.0106  -0.0604 9   G   B N3    
185 C  C4    . G   B 2 ? 0.2494 0.2309 0.3414 -0.1949 0.0030  -0.0418 9   G   B C4    
186 P  P     . A   B 3 ? 0.3484 0.2429 0.3123 -0.1201 0.0433  -0.0352 10  A   B P     
187 O  OP1   . A   B 3 ? 0.4328 0.2290 0.3653 -0.1083 0.0166  -0.0196 10  A   B OP1   
188 O  OP2   . A   B 3 ? 0.4026 0.2280 0.3141 -0.1084 0.0368  -0.0251 10  A   B OP2   
189 O  "O5'" . A   B 3 ? 0.2147 0.2332 0.3331 -0.1234 0.0285  -0.0178 10  A   B "O5'" 
190 C  "C5'" . A   B 3 ? 0.3090 0.2572 0.3005 -0.0708 0.0304  -0.0352 10  A   B "C5'" 
191 C  "C4'" . A   B 3 ? 0.2791 0.2416 0.3009 -0.0924 -0.0055 -0.0881 10  A   B "C4'" 
192 O  "O4'" . A   B 3 ? 0.2429 0.2377 0.3182 -0.1351 -0.0065 -0.0666 10  A   B "O4'" 
193 C  "C3'" . A   B 3 ? 0.2742 0.2761 0.2509 -0.0249 0.0199  -0.0088 10  A   B "C3'" 
194 O  "O3'" . A   B 3 ? 0.2014 0.2852 0.2925 -0.0984 -0.0348 -0.0268 10  A   B "O3'" 
195 C  "C2'" . A   B 3 ? 0.2514 0.1795 0.2969 -0.1631 0.0045  -0.0535 10  A   B "C2'" 
196 O  "O2'" . A   B 3 ? 0.2530 0.2463 0.2946 -0.1573 -0.0404 -0.0175 10  A   B "O2'" 
197 C  "C1'" . A   B 3 ? 0.2629 0.1482 0.3237 -0.1276 0.0289  -0.0290 10  A   B "C1'" 
198 N  N9    . A   B 3 ? 0.2474 0.1720 0.2723 -0.1562 -0.0070 -0.0574 10  A   B N9    
199 C  C8    . A   B 3 ? 0.2291 0.2504 0.2690 -0.1674 0.0032  -0.1017 10  A   B C8    
200 N  N7    . A   B 3 ? 0.2730 0.2210 0.3114 -0.1355 -0.0359 -0.1102 10  A   B N7    
201 C  C5    . A   B 3 ? 0.1844 0.2205 0.2923 -0.1496 -0.0184 -0.0621 10  A   B C5    
202 C  C6    . A   B 3 ? 0.1693 0.2340 0.2520 -0.1288 -0.0744 -0.0660 10  A   B C6    
203 N  N6    . A   B 3 ? 0.2811 0.2100 0.2741 -0.1026 -0.0159 -0.0343 10  A   B N6    
204 N  N1    . A   B 3 ? 0.2946 0.1855 0.2356 -0.1288 -0.0728 -0.0960 10  A   B N1    
205 C  C2    . A   B 3 ? 0.1675 0.2485 0.2709 -0.1356 -0.0441 -0.0493 10  A   B C2    
206 N  N3    . A   B 3 ? 0.2075 0.2459 0.2296 -0.1018 -0.0445 -0.0541 10  A   B N3    
207 C  C4    . A   B 3 ? 0.1962 0.2215 0.2612 -0.1500 -0.0453 -0.0804 10  A   B C4    
208 P  P     . G   B 4 ? 0.2320 0.2458 0.2849 -0.0941 -0.0290 -0.0605 11  G   B P     
209 O  OP1   . G   B 4 ? 0.2700 0.2264 0.3292 -0.0524 -0.0273 -0.0500 11  G   B OP1   
210 O  OP2   . G   B 4 ? 0.2611 0.2736 0.3669 -0.0921 -0.0170 0.0223  11  G   B OP2   
211 O  "O5'" . G   B 4 ? 0.2187 0.1836 0.2956 -0.0878 -0.0446 -0.0572 11  G   B "O5'" 
212 C  "C5'" . G   B 4 ? 0.2059 0.2006 0.2768 -0.0602 -0.0192 -0.0250 11  G   B "C5'" 
213 C  "C4'" . G   B 4 ? 0.2549 0.1729 0.2834 -0.0608 0.0174  0.0021  11  G   B "C4'" 
214 O  "O4'" . G   B 4 ? 0.1948 0.2457 0.2817 -0.0934 -0.0504 -0.0652 11  G   B "O4'" 
215 C  "C3'" . G   B 4 ? 0.2590 0.2524 0.2477 -0.0658 0.0221  -0.0358 11  G   B "C3'" 
216 O  "O3'" . G   B 4 ? 0.2225 0.2574 0.2609 -0.0852 -0.0796 -0.0272 11  G   B "O3'" 
217 C  "C2'" . G   B 4 ? 0.2358 0.2827 0.2535 -0.0895 -0.0228 -0.0633 11  G   B "C2'" 
218 O  "O2'" . G   B 4 ? 0.2129 0.3044 0.2744 -0.0934 -0.0699 -0.0577 11  G   B "O2'" 
219 C  "C1'" . G   B 4 ? 0.2380 0.2081 0.2433 -0.0905 -0.0668 -0.0767 11  G   B "C1'" 
220 N  N9    . G   B 4 ? 0.2308 0.2737 0.2956 -0.0874 -0.0454 -0.0328 11  G   B N9    
221 C  C8    . G   B 4 ? 0.2528 0.2107 0.3032 -0.0772 -0.0411 -0.0529 11  G   B C8    
222 N  N7    . G   B 4 ? 0.1987 0.1866 0.2851 -0.1141 -0.0865 -0.0797 11  G   B N7    
223 C  C5    . G   B 4 ? 0.2562 0.1982 0.2738 -0.0838 -0.0560 -0.0598 11  G   B C5    
224 C  C6    . G   B 4 ? 0.2487 0.1820 0.2486 -0.1038 -0.0802 -0.0749 11  G   B C6    
225 O  O6    . G   B 4 ? 0.3296 0.1810 0.2730 -0.0896 -0.0948 -0.0429 11  G   B O6    
226 N  N1    . G   B 4 ? 0.2870 0.1579 0.3216 -0.0817 -0.0684 -0.1005 11  G   B N1    
227 C  C2    . G   B 4 ? 0.2444 0.2188 0.2908 -0.0594 -0.0809 -0.0660 11  G   B C2    
228 N  N2    . G   B 4 ? 0.3516 0.2284 0.3093 -0.0539 -0.0460 -0.1059 11  G   B N2    
229 N  N3    . G   B 4 ? 0.2154 0.2655 0.2779 -0.0488 -0.1463 -0.1177 11  G   B N3    
230 C  C4    . G   B 4 ? 0.1844 0.2311 0.2844 -0.1067 -0.0546 -0.0376 11  G   B C4    
231 P  P     . C   B 5 ? 0.2190 0.2611 0.2910 -0.1166 -0.0901 -0.0241 12  C   B P     
232 O  OP1   . C   B 5 ? 0.2661 0.2384 0.3463 -0.1494 -0.0853 -0.0243 12  C   B OP1   
233 O  OP2   . C   B 5 ? 0.2506 0.3117 0.3028 -0.1067 -0.0561 -0.0273 12  C   B OP2   
234 O  "O5'" . C   B 5 ? 0.2147 0.2673 0.3084 -0.0992 -0.0511 -0.0102 12  C   B "O5'" 
235 C  "C5'" . C   B 5 ? 0.2399 0.3097 0.3066 -0.0406 -0.0336 0.0558  12  C   B "C5'" 
236 C  "C4'" . C   B 5 ? 0.2414 0.3099 0.2915 -0.0512 -0.0058 0.0489  12  C   B "C4'" 
237 O  "O4'" . C   B 5 ? 0.2570 0.2337 0.3111 -0.0647 -0.0362 -0.0181 12  C   B "O4'" 
238 C  "C3'" . C   B 5 ? 0.3285 0.3128 0.3092 -0.0068 -0.1031 0.0586  12  C   B "C3'" 
239 O  "O3'" . C   B 5 ? 0.4036 0.3406 0.3234 -0.0569 -0.1054 0.0806  12  C   B "O3'" 
240 C  "C2'" . C   B 5 ? 0.2294 0.3199 0.2657 -0.0471 -0.0689 0.0033  12  C   B "C2'" 
241 O  "O2'" . C   B 5 ? 0.2885 0.3449 0.3441 -0.0572 -0.0544 -0.0487 12  C   B "O2'" 
242 C  "C1'" . C   B 5 ? 0.2641 0.2645 0.2545 -0.0364 -0.0238 -0.0458 12  C   B "C1'" 
243 N  N1    . C   B 5 ? 0.2425 0.2870 0.2794 -0.0272 -0.0241 -0.0051 12  C   B N1    
244 C  C2    . C   B 5 ? 0.2716 0.2444 0.2945 -0.0430 -0.0172 -0.0181 12  C   B C2    
245 O  O2    . C   B 5 ? 0.3291 0.3353 0.3239 0.0344  0.0022  0.0099  12  C   B O2    
246 N  N3    . C   B 5 ? 0.2129 0.2348 0.2674 -0.0730 -0.0395 -0.0636 12  C   B N3    
247 C  C4    . C   B 5 ? 0.1842 0.1781 0.2602 -0.1186 -0.0653 -0.0346 12  C   B C4    
248 N  N4    . C   B 5 ? 0.3517 0.1741 0.2312 -0.0357 -0.0486 -0.0555 12  C   B N4    
249 C  C5    . C   B 5 ? 0.3103 0.1732 0.2822 -0.0228 -0.0376 -0.0606 12  C   B C5    
250 C  C6    . C   B 5 ? 0.2331 0.2419 0.2604 -0.0528 -0.0665 -0.0462 12  C   B C6    
251 P  P     . DT  B 6 ? 0.3016 0.4217 0.3607 -0.0395 -0.0446 0.0609  13  DT  B P     
252 O  OP1   . DT  B 6 ? 0.3096 0.4139 0.4388 -0.0425 -0.0211 0.0995  13  DT  B OP1   
253 O  OP2   . DT  B 6 ? 0.2532 0.3385 0.4217 -0.1870 -0.0636 0.0225  13  DT  B OP2   
254 O  "O5'" . DT  B 6 ? 0.3319 0.3659 0.3767 -0.0840 -0.0011 0.0910  13  DT  B "O5'" 
255 C  "C5'" . DT  B 6 ? 0.3846 0.4437 0.2891 -0.0080 -0.0144 0.0726  13  DT  B "C5'" 
256 C  "C4'" . DT  B 6 ? 0.2667 0.3897 0.4204 0.0128  0.0379  0.0998  13  DT  B "C4'" 
257 O  "O4'" . DT  B 6 ? 0.2998 0.3320 0.4378 -0.0502 -0.0031 0.1317  13  DT  B "O4'" 
258 C  "C3'" . DT  B 6 ? 0.5898 0.4455 0.3564 0.0350  0.0064  0.0435  13  DT  B "C3'" 
259 O  "O3'" . DT  B 6 ? 0.4170 0.4619 0.3631 -0.0725 -0.1491 -0.1249 13  DT  B "O3'" 
260 C  "C2'" . DT  B 6 ? 0.3582 0.3444 0.3435 -0.0763 -0.0105 -0.0162 13  DT  B "C2'" 
261 C  "C1'" . DT  B 6 ? 0.3308 0.4354 0.3990 -0.0295 -0.0101 0.0589  13  DT  B "C1'" 
262 N  N1    . DT  B 6 ? 0.2945 0.2989 0.3393 -0.0481 -0.0890 0.0340  13  DT  B N1    
263 C  C2    . DT  B 6 ? 0.2622 0.2782 0.2744 -0.0332 -0.0989 -0.0059 13  DT  B C2    
264 O  O2    . DT  B 6 ? 0.2620 0.3040 0.3098 -0.0255 -0.0268 0.0270  13  DT  B O2    
265 N  N3    . DT  B 6 ? 0.2398 0.3071 0.2928 -0.0907 -0.0665 -0.0052 13  DT  B N3    
266 C  C4    . DT  B 6 ? 0.2238 0.3839 0.3337 -0.0333 -0.0680 0.0114  13  DT  B C4    
267 O  O4    . DT  B 6 ? 0.3419 0.2379 0.3297 -0.0570 -0.0821 -0.0701 13  DT  B O4    
268 C  C5    . DT  B 6 ? 0.2673 0.3229 0.2835 -0.0755 -0.1574 -0.0221 13  DT  B C5    
269 C  C7    . DT  B 6 ? 0.3323 0.2702 0.3234 -0.0889 -0.0486 -0.0007 13  DT  B C7    
270 C  C6    . DT  B 6 ? 0.2849 0.2685 0.3763 -0.1158 -0.0967 0.0039  13  DT  B C6    
271 P  P     . A   B 7 ? 0.2973 0.4291 0.3627 -0.0716 -0.0620 0.0095  14  A   B P     
272 O  OP1   . A   B 7 ? 0.4220 0.6516 0.3504 -0.0326 0.0171  0.0789  14  A   B OP1   
273 O  OP2   . A   B 7 ? 0.3866 0.3463 0.4533 -0.0377 -0.0153 0.0671  14  A   B OP2   
274 O  "O5'" . A   B 7 ? 0.2774 0.4716 0.3898 -0.0343 -0.0779 0.0198  14  A   B "O5'" 
275 C  "C5'" . A   B 7 ? 0.3883 0.6474 0.2043 0.0268  -0.0079 0.0604  14  A   B "C5'" 
276 C  "C4'" . A   B 7 ? 0.3055 0.5021 0.2426 -0.0856 -0.1164 0.0257  14  A   B "C4'" 
277 O  "O4'" . A   B 7 ? 0.2613 0.2749 0.2907 -0.1003 -0.1022 -0.0251 14  A   B "O4'" 
278 C  "C3'" . A   B 7 ? 0.2034 0.3234 0.3511 -0.0428 -0.0428 0.0256  14  A   B "C3'" 
279 O  "O3'" . A   B 7 ? 0.2623 0.3400 0.3889 -0.0481 0.0124  0.0484  14  A   B "O3'" 
280 C  "C2'" . A   B 7 ? 0.1801 0.3010 0.3063 -0.0904 -0.0413 -0.0152 14  A   B "C2'" 
281 O  "O2'" . A   B 7 ? 0.2579 0.3186 0.3335 -0.0856 -0.0313 -0.0125 14  A   B "O2'" 
282 C  "C1'" . A   B 7 ? 0.1894 0.2434 0.2748 -0.0402 -0.0157 -0.0199 14  A   B "C1'" 
283 N  N9    . A   B 7 ? 0.2389 0.2476 0.2699 -0.0680 -0.0742 -0.0573 14  A   B N9    
284 C  C8    . A   B 7 ? 0.2976 0.2589 0.2632 -0.0183 -0.0678 -0.0153 14  A   B C8    
285 N  N7    . A   B 7 ? 0.2848 0.2785 0.2914 -0.1028 -0.0815 -0.0568 14  A   B N7    
286 C  C5    . A   B 7 ? 0.2074 0.2315 0.2646 -0.0987 -0.0395 -0.0900 14  A   B C5    
287 C  C6    . A   B 7 ? 0.1758 0.2556 0.2792 -0.0870 -0.0383 -0.0885 14  A   B C6    
288 N  N6    . A   B 7 ? 0.2609 0.3206 0.2771 -0.0578 0.0004  -0.0731 14  A   B N6    
289 N  N1    . A   B 7 ? 0.2337 0.2470 0.2959 -0.0898 -0.0057 -0.0351 14  A   B N1    
290 C  C2    . A   B 7 ? 0.1484 0.3112 0.2664 -0.0876 -0.0676 -0.0389 14  A   B C2    
291 N  N3    . A   B 7 ? 0.2114 0.1849 0.2776 -0.1241 -0.0901 -0.0665 14  A   B N3    
292 C  C4    . A   B 7 ? 0.2067 0.2011 0.2646 -0.1000 -0.1008 -0.0931 14  A   B C4    
293 O  "O5'" . U   C 1 ? 0.3933 0.4223 0.3252 -0.0526 -0.0819 -0.0670 1   U   C "O5'" 
294 C  "C5'" . U   C 1 ? 0.4087 0.4340 0.3359 -0.0607 -0.0378 0.0598  1   U   C "C5'" 
295 C  "C4'" . U   C 1 ? 0.2591 0.3409 0.2700 -0.1676 -0.0357 -0.0518 1   U   C "C4'" 
296 O  "O4'" . U   C 1 ? 0.2622 0.4135 0.3394 -0.1037 -0.0405 0.0927  1   U   C "O4'" 
297 C  "C3'" . U   C 1 ? 0.3560 0.2222 0.3056 -0.1321 -0.0188 -0.0723 1   U   C "C3'" 
298 O  "O3'" . U   C 1 ? 0.3177 0.3448 0.3275 -0.1811 -0.0520 -0.0132 1   U   C "O3'" 
299 C  "C2'" . U   C 1 ? 0.3202 0.3278 0.2699 -0.1554 -0.0596 -0.0478 1   U   C "C2'" 
300 O  "O2'" . U   C 1 ? 0.3510 0.4958 0.3461 -0.2272 -0.1082 -0.1459 1   U   C "O2'" 
301 C  "C1'" . U   C 1 ? 0.3679 0.3053 0.3245 -0.0928 -0.0699 0.0437  1   U   C "C1'" 
302 N  N1    . U   C 1 ? 0.2953 0.2930 0.3553 -0.2249 -0.1018 -0.0627 1   U   C N1    
303 C  C2    . U   C 1 ? 0.3431 0.3476 0.3821 -0.1890 -0.1251 -0.0340 1   U   C C2    
304 O  O2    . U   C 1 ? 0.4225 0.4367 0.3665 -0.1372 -0.2058 -0.0051 1   U   C O2    
305 N  N3    . U   C 1 ? 0.3059 0.3016 0.3655 -0.1657 -0.1771 -0.0376 1   U   C N3    
306 C  C4    . U   C 1 ? 0.2699 0.2059 0.4079 -0.1466 -0.0702 -0.0230 1   U   C C4    
307 O  O4    . U   C 1 ? 0.2683 0.2243 0.5829 -0.1327 -0.1045 -0.0898 1   U   C O4    
308 C  C5    . U   C 1 ? 0.2810 0.2587 0.3216 -0.1321 -0.0561 -0.0093 1   U   C C5    
309 C  C6    . U   C 1 ? 0.2162 0.2621 0.3419 -0.1775 -0.1261 -0.0119 1   U   C C6    
310 P  P     . A   C 2 ? 0.4248 0.2915 0.3608 -0.1907 -0.0014 -0.0453 2   A   C P     
311 O  OP1   . A   C 2 ? 0.6238 0.3055 0.4562 -0.1349 0.0980  -0.0509 2   A   C OP1   
312 O  OP2   . A   C 2 ? 0.5806 0.3800 0.3217 -0.0631 0.0561  -0.0726 2   A   C OP2   
313 O  "O5'" . A   C 2 ? 0.3024 0.3261 0.2978 -0.1385 -0.0612 -0.0152 2   A   C "O5'" 
314 C  "C5'" . A   C 2 ? 0.3968 0.3248 0.2673 -0.0092 -0.0330 -0.0520 2   A   C "C5'" 
315 C  "C4'" . A   C 2 ? 0.2689 0.3065 0.2637 -0.0033 -0.0434 -0.0299 2   A   C "C4'" 
316 O  "O4'" . A   C 2 ? 0.2805 0.2118 0.3474 -0.0739 0.0229  -0.0493 2   A   C "O4'" 
317 C  "C3'" . A   C 2 ? 0.2681 0.3246 0.2379 -0.0214 -0.0057 -0.0158 2   A   C "C3'" 
318 O  "O3'" . A   C 2 ? 0.2943 0.4214 0.2675 -0.1032 0.0022  -0.0300 2   A   C "O3'" 
319 C  "C2'" . A   C 2 ? 0.1930 0.3246 0.2157 -0.0541 -0.0410 -0.0197 2   A   C "C2'" 
320 O  "O2'" . A   C 2 ? 0.1992 0.2631 0.3217 -0.0680 -0.0476 -0.0313 2   A   C "O2'" 
321 C  "C1'" . A   C 2 ? 0.2694 0.2362 0.2720 -0.0360 -0.0529 -0.0277 2   A   C "C1'" 
322 N  N9    . A   C 2 ? 0.2738 0.2058 0.2582 -0.0642 -0.0410 -0.0682 2   A   C N9    
323 C  C8    . A   C 2 ? 0.2753 0.3226 0.2178 -0.0361 -0.0803 -0.0636 2   A   C C8    
324 N  N7    . A   C 2 ? 0.2202 0.2519 0.2758 -0.1278 -0.0643 -0.0720 2   A   C N7    
325 C  C5    . A   C 2 ? 0.1890 0.2835 0.2798 -0.1260 -0.0507 -0.0612 2   A   C C5    
326 C  C6    . A   C 2 ? 0.1783 0.2458 0.2569 -0.1586 -0.0636 -0.0413 2   A   C C6    
327 N  N6    . A   C 2 ? 0.2237 0.2715 0.3122 -0.1177 -0.0271 -0.0108 2   A   C N6    
328 N  N1    . A   C 2 ? 0.2184 0.2773 0.2638 -0.0909 -0.0721 -0.0244 2   A   C N1    
329 C  C2    . A   C 2 ? 0.2654 0.2039 0.2899 -0.0567 -0.0243 -0.0529 2   A   C C2    
330 N  N3    . A   C 2 ? 0.2797 0.2634 0.2593 -0.0365 -0.0157 -0.0146 2   A   C N3    
331 C  C4    . A   C 2 ? 0.2244 0.1696 0.2572 -0.1186 -0.0479 -0.0604 2   A   C C4    
332 P  P     . G   C 3 ? 0.2666 0.2795 0.3390 -0.0975 0.0005  -0.0339 3   G   C P     
333 O  OP1   . G   C 3 ? 0.2675 0.4011 0.3309 -0.0151 0.0372  -0.0198 3   G   C OP1   
334 O  OP2   . G   C 3 ? 0.3588 0.2698 0.3327 -0.0933 -0.0075 0.0124  3   G   C OP2   
335 O  "O5'" . G   C 3 ? 0.1724 0.2749 0.2876 -0.0959 -0.0496 -0.0358 3   G   C "O5'" 
336 C  "C5'" . G   C 3 ? 0.2186 0.2748 0.2906 -0.0330 -0.0135 -0.0347 3   G   C "C5'" 
337 C  "C4'" . G   C 3 ? 0.1965 0.2177 0.2668 -0.0597 -0.0280 -0.0423 3   G   C "C4'" 
338 O  "O4'" . G   C 3 ? 0.1994 0.2229 0.2858 -0.0907 -0.0327 -0.0638 3   G   C "O4'" 
339 C  "C3'" . G   C 3 ? 0.2436 0.2262 0.2991 -0.0300 -0.0024 -0.0297 3   G   C "C3'" 
340 O  "O3'" . G   C 3 ? 0.2748 0.2333 0.3477 -0.0925 -0.0311 -0.0321 3   G   C "O3'" 
341 C  "C2'" . G   C 3 ? 0.2701 0.1366 0.2704 -0.0740 0.0171  -0.0667 3   G   C "C2'" 
342 O  "O2'" . G   C 3 ? 0.3116 0.1513 0.2500 -0.0890 -0.0143 -0.0833 3   G   C "O2'" 
343 C  "C1'" . G   C 3 ? 0.2285 0.1556 0.3033 -0.0907 -0.0359 -0.0520 3   G   C "C1'" 
344 N  N9    . G   C 3 ? 0.2160 0.2088 0.2987 -0.0524 0.0164  -0.0569 3   G   C N9    
345 C  C8    . G   C 3 ? 0.2857 0.2127 0.2491 -0.0127 -0.0102 -0.0500 3   G   C C8    
346 N  N7    . G   C 3 ? 0.1843 0.2232 0.2928 -0.0845 -0.0334 -0.0356 3   G   C N7    
347 C  C5    . G   C 3 ? 0.2497 0.1874 0.2848 -0.0712 -0.0031 -0.0467 3   G   C C5    
348 C  C6    . G   C 3 ? 0.2297 0.1478 0.3012 -0.1139 0.0063  -0.0298 3   G   C C6    
349 O  O6    . G   C 3 ? 0.2843 0.2395 0.2840 -0.0724 -0.0127 -0.0222 3   G   C O6    
350 N  N1    . G   C 3 ? 0.2051 0.2173 0.2856 -0.0681 -0.0155 -0.0460 3   G   C N1    
351 C  C2    . G   C 3 ? 0.2456 0.1502 0.2431 -0.1018 -0.0435 -0.1074 3   G   C C2    
352 N  N2    . G   C 3 ? 0.2043 0.1860 0.2589 -0.0707 -0.0524 -0.0915 3   G   C N2    
353 N  N3    . G   C 3 ? 0.1970 0.1842 0.2760 -0.1006 -0.0105 -0.0689 3   G   C N3    
354 C  C4    . G   C 3 ? 0.2135 0.1323 0.2745 -0.1057 -0.0233 -0.0953 3   G   C C4    
355 P  P     . C   C 4 ? 0.2693 0.2395 0.5320 -0.1166 -0.0258 -0.0250 4   C   C P     
356 O  OP1   . C   C 4 ? 0.2496 0.4415 0.6478 -0.2124 -0.0825 -0.1439 4   C   C OP1   
357 O  OP2   . C   C 4 ? 0.4699 0.1976 0.4480 -0.1339 0.0259  -0.0380 4   C   C OP2   
358 O  "O5'" . C   C 4 ? 0.2681 0.3620 0.4408 -0.1440 -0.1125 -0.1416 4   C   C "O5'" 
359 C  "C5'" . C   C 4 ? 0.3820 0.4960 0.4861 -0.0266 -0.1322 -0.1034 4   C   C "C5'" 
360 C  "C4'" . C   C 4 ? 0.4198 0.2776 0.3672 0.0282  -0.1549 -0.1060 4   C   C "C4'" 
361 O  "O4'" . C   C 4 ? 0.3016 0.2616 0.3676 0.0081  -0.0963 -0.1461 4   C   C "O4'" 
362 C  "C3'" . C   C 4 ? 0.2520 0.2664 0.3260 0.0171  -0.1052 -0.0982 4   C   C "C3'" 
363 O  "O3'" . C   C 4 ? 0.3363 0.2083 0.3507 -0.0556 -0.0625 -0.1026 4   C   C "O3'" 
364 C  "C2'" . C   C 4 ? 0.2481 0.1970 0.3112 0.0226  -0.0655 -0.1110 4   C   C "C2'" 
365 O  "O2'" . C   C 4 ? 0.3124 0.2534 0.3449 -0.0698 -0.0657 -0.1117 4   C   C "O2'" 
366 C  "C1'" . C   C 4 ? 0.1723 0.1773 0.3576 -0.0780 -0.0453 -0.1290 4   C   C "C1'" 
367 N  N1    . C   C 4 ? 0.2460 0.2195 0.3589 -0.0718 -0.0643 -0.1055 4   C   C N1    
368 C  C2    . C   C 4 ? 0.2369 0.1821 0.3266 -0.1056 -0.0648 -0.1037 4   C   C C2    
369 O  O2    . C   C 4 ? 0.2105 0.2064 0.3723 -0.1126 -0.0813 -0.1359 4   C   C O2    
370 N  N3    . C   C 4 ? 0.1815 0.2343 0.2986 -0.1439 -0.0528 -0.0912 4   C   C N3    
371 C  C4    . C   C 4 ? 0.2471 0.1835 0.3301 -0.1327 -0.0339 -0.1172 4   C   C C4    
372 N  N4    . C   C 4 ? 0.1669 0.3276 0.3524 -0.1130 -0.0360 -0.0556 4   C   C N4    
373 C  C5    . C   C 4 ? 0.2053 0.2131 0.3543 -0.1319 -0.0356 -0.0951 4   C   C C5    
374 C  C6    . C   C 4 ? 0.2220 0.2147 0.3675 -0.0902 -0.0890 -0.1041 4   C   C C6    
375 P  P     . U   C 5 ? 0.2572 0.2463 0.3536 -0.0676 -0.0999 -0.1165 5   U   C P     
376 O  OP1   . U   C 5 ? 0.3779 0.3060 0.3864 -0.0325 -0.1829 -0.1543 5   U   C OP1   
377 O  OP2   . U   C 5 ? 0.2737 0.3925 0.3684 -0.0967 -0.0470 -0.1408 5   U   C OP2   
378 O  "O5'" . U   C 5 ? 0.2370 0.2186 0.3111 -0.0464 -0.0685 -0.0910 5   U   C "O5'" 
379 C  "C5'" . U   C 5 ? 0.2698 0.2228 0.3053 -0.0371 -0.0613 -0.0735 5   U   C "C5'" 
380 C  "C4'" . U   C 5 ? 0.2432 0.2346 0.2230 -0.0705 -0.0901 -0.0773 5   U   C "C4'" 
381 O  "O4'" . U   C 5 ? 0.2629 0.1707 0.2516 -0.0907 -0.1027 -0.0823 5   U   C "O4'" 
382 C  "C3'" . U   C 5 ? 0.3147 0.2631 0.2516 -0.0146 -0.0402 -0.0062 5   U   C "C3'" 
383 O  "O3'" . U   C 5 ? 0.2915 0.2086 0.2919 -0.1204 -0.0521 -0.0232 5   U   C "O3'" 
384 C  "C2'" . U   C 5 ? 0.2429 0.1634 0.2321 -0.0773 -0.0481 -0.0732 5   U   C "C2'" 
385 O  "O2'" . U   C 5 ? 0.2382 0.2088 0.2827 -0.0832 -0.0272 -0.0581 5   U   C "O2'" 
386 C  "C1'" . U   C 5 ? 0.2213 0.2033 0.1866 -0.0440 -0.1148 -0.0805 5   U   C "C1'" 
387 N  N1    . U   C 5 ? 0.1666 0.1736 0.2693 -0.0830 -0.0810 -0.0927 5   U   C N1    
388 C  C2    . U   C 5 ? 0.1991 0.1552 0.2913 -0.1368 -0.0431 -0.0412 5   U   C C2    
389 O  O2    . U   C 5 ? 0.2495 0.1589 0.2798 -0.0960 -0.0775 -0.0894 5   U   C O2    
390 N  N3    . U   C 5 ? 0.2011 0.1474 0.3043 -0.1311 -0.0276 -0.0611 5   U   C N3    
391 C  C4    . U   C 5 ? 0.2264 0.1485 0.3164 -0.1196 -0.0315 -0.0562 5   U   C C4    
392 O  O4    . U   C 5 ? 0.2089 0.1977 0.3168 -0.1405 -0.0380 -0.1066 5   U   C O4    
393 C  C5    . U   C 5 ? 0.1789 0.1346 0.3505 -0.0996 -0.0295 -0.0399 5   U   C C5    
394 C  C6    . U   C 5 ? 0.1469 0.1618 0.3573 -0.1168 -0.0401 -0.0495 5   U   C C6    
395 P  P     . C   C 6 ? 0.2379 0.2304 0.3100 -0.0986 -0.0633 -0.0419 6   C   C P     
396 O  OP1   . C   C 6 ? 0.3531 0.3111 0.2946 -0.1034 -0.0680 -0.1003 6   C   C OP1   
397 O  OP2   . C   C 6 ? 0.2054 0.2747 0.3799 -0.0855 -0.1171 -0.1856 6   C   C OP2   
398 O  "O5'" . C   C 6 ? 0.2949 0.1992 0.2435 -0.0782 -0.0205 -0.0685 6   C   C "O5'" 
399 C  "C5'" . C   C 6 ? 0.3294 0.1595 0.3240 -0.0681 -0.0077 0.0048  6   C   C "C5'" 
400 C  "C4'" . C   C 6 ? 0.3055 0.1622 0.2503 -0.0602 0.0086  -0.0650 6   C   C "C4'" 
401 O  "O4'" . C   C 6 ? 0.2041 0.2103 0.2940 -0.1107 -0.0343 -0.0406 6   C   C "O4'" 
402 C  "C3'" . C   C 6 ? 0.2700 0.1780 0.3347 -0.0318 0.0073  -0.0240 6   C   C "C3'" 
403 O  "O3'" . C   C 6 ? 0.2735 0.1669 0.3806 -0.1074 0.0502  -0.0417 6   C   C "O3'" 
404 C  "C2'" . C   C 6 ? 0.2681 0.1827 0.3219 -0.0632 -0.0092 -0.0163 6   C   C "C2'" 
405 O  "O2'" . C   C 6 ? 0.2547 0.2425 0.2820 -0.0901 -0.0029 -0.0260 6   C   C "O2'" 
406 C  "C1'" . C   C 6 ? 0.2753 0.1983 0.2774 -0.0920 -0.0507 -0.0487 6   C   C "C1'" 
407 N  N1    . C   C 6 ? 0.2091 0.1697 0.3485 -0.1532 -0.0215 -0.0556 6   C   C N1    
408 C  C2    . C   C 6 ? 0.2502 0.1416 0.3556 -0.1306 0.0112  -0.0321 6   C   C C2    
409 O  O2    . C   C 6 ? 0.2940 0.1721 0.2922 -0.1330 -0.0369 -0.0615 6   C   C O2    
410 N  N3    . C   C 6 ? 0.1947 0.1889 0.3242 -0.1443 -0.0380 -0.0763 6   C   C N3    
411 C  C4    . C   C 6 ? 0.2118 0.1597 0.4120 -0.1443 -0.0111 -0.0850 6   C   C C4    
412 N  N4    . C   C 6 ? 0.2378 0.2829 0.3373 -0.1583 -0.0637 -0.1449 6   C   C N4    
413 C  C5    . C   C 6 ? 0.1928 0.2189 0.4063 -0.1507 -0.0268 -0.0519 6   C   C C5    
414 C  C6    . C   C 6 ? 0.2165 0.2125 0.3098 -0.1567 -0.0476 -0.0638 6   C   C C6    
415 P  P     . C   C 7 ? 0.2824 0.2068 0.3836 -0.1679 0.0017  -0.0642 7   C   C P     
416 O  OP1   . C   C 7 ? 0.3594 0.2347 0.3575 -0.2142 -0.0012 -0.1148 7   C   C OP1   
417 O  OP2   . C   C 7 ? 0.2613 0.3289 0.3867 -0.1576 0.0061  -0.0064 7   C   C OP2   
418 O  "O5'" . C   C 7 ? 0.3745 0.1511 0.4057 -0.1361 0.0072  -0.0136 7   C   C "O5'" 
419 C  "C5'" . C   C 7 ? 0.4190 0.1884 0.3177 -0.0492 0.0310  -0.0566 7   C   C "C5'" 
420 C  "C4'" . C   C 7 ? 0.3611 0.1913 0.3162 -0.1604 -0.0037 -0.0626 7   C   C "C4'" 
421 O  "O4'" . C   C 7 ? 0.4287 0.2098 0.3652 -0.2163 0.0318  -0.0836 7   C   C "O4'" 
422 C  "C3'" . C   C 7 ? 0.4130 0.2460 0.3512 -0.0920 0.0522  0.0638  7   C   C "C3'" 
423 O  "O3'" . C   C 7 ? 0.6305 0.2414 0.3293 -0.1997 0.0612  -0.0372 7   C   C "O3'" 
424 C  "C2'" . C   C 7 ? 0.3645 0.2586 0.3670 -0.1683 0.0678  -0.0677 7   C   C "C2'" 
425 O  "O2'" . C   C 7 ? 0.4458 0.3026 0.4048 -0.1015 0.0694  -0.0495 7   C   C "O2'" 
426 C  "C1'" . C   C 7 ? 0.4080 0.2483 0.2640 -0.1365 -0.0397 -0.0991 7   C   C "C1'" 
427 N  N1    . C   C 7 ? 0.3353 0.1994 0.3096 -0.1970 0.0170  -0.0564 7   C   C N1    
428 C  C2    . C   C 7 ? 0.2402 0.2726 0.2741 -0.1920 -0.0386 -0.0404 7   C   C C2    
429 O  O2    . C   C 7 ? 0.3365 0.2757 0.3041 -0.1496 -0.0568 -0.0470 7   C   C O2    
430 N  N3    . C   C 7 ? 0.2412 0.2354 0.4272 -0.1903 -0.0222 -0.0094 7   C   C N3    
431 C  C4    . C   C 7 ? 0.2218 0.2123 0.3453 -0.1877 -0.0015 -0.0302 7   C   C C4    
432 N  N4    . C   C 7 ? 0.2655 0.2486 0.3328 -0.1896 -0.0158 -0.1326 7   C   C N4    
433 C  C5    . C   C 7 ? 0.2305 0.2265 0.3474 -0.1780 0.0306  -0.0178 7   C   C C5    
434 C  C6    . C   C 7 ? 0.2628 0.2485 0.3014 -0.1875 -0.0017 -0.0544 7   C   C C6    
435 O  "O5'" . G   D 1 ? 0.4523 0.4906 0.5829 -0.1689 -0.0266 -0.2439 8   G   D "O5'" 
436 C  "C5'" . G   D 1 ? 0.4258 0.7870 0.4597 -0.0380 0.0472  -0.1733 8   G   D "C5'" 
437 C  "C4'" . G   D 1 ? 0.3895 0.3659 0.5278 -0.1587 0.0510  0.0347  8   G   D "C4'" 
438 O  "O4'" . G   D 1 ? 0.4361 0.6513 0.5791 -0.2990 0.0948  0.0001  8   G   D "O4'" 
439 C  "C3'" . G   D 1 ? 0.2856 0.5808 0.3201 -0.0428 -0.0020 0.0151  8   G   D "C3'" 
440 O  "O3'" . G   D 1 ? 0.5790 0.6481 0.3354 -0.3869 -0.0578 0.0683  8   G   D "O3'" 
441 C  "C2'" . G   D 1 ? 0.5285 0.5564 0.2637 -0.2152 -0.0179 -0.0553 8   G   D "C2'" 
442 O  "O2'" . G   D 1 ? 0.5578 0.4077 0.3804 -0.3105 -0.0895 -0.1326 8   G   D "O2'" 
443 C  "C1'" . G   D 1 ? 0.5130 0.1016 0.7379 -0.1208 0.0664  -0.0659 8   G   D "C1'" 
444 N  N9    . G   D 1 ? 0.3047 0.3329 0.4870 -0.1870 0.1337  -0.0443 8   G   D N9    
445 C  C8    . G   D 1 ? 0.2697 0.3011 0.5010 -0.2154 0.0474  -0.2149 8   G   D C8    
446 N  N7    . G   D 1 ? 0.3903 0.3521 0.6213 -0.2334 0.0725  -0.0710 8   G   D N7    
447 C  C5    . G   D 1 ? 0.3711 0.3356 0.3398 -0.2699 -0.0233 -0.0378 8   G   D C5    
448 C  C6    . G   D 1 ? 0.3668 0.2119 0.3097 -0.2142 -0.0171 -0.1034 8   G   D C6    
449 O  O6    . G   D 1 ? 0.3219 0.2691 0.3465 -0.1710 0.0004  -0.0607 8   G   D O6    
450 N  N1    . G   D 1 ? 0.2710 0.3063 0.3500 -0.2326 -0.0099 -0.0276 8   G   D N1    
451 C  C2    . G   D 1 ? 0.2934 0.2806 0.3674 -0.2012 -0.0039 -0.0530 8   G   D C2    
452 N  N2    . G   D 1 ? 0.2747 0.2950 0.3121 -0.1896 -0.0356 -0.0415 8   G   D N2    
453 N  N3    . G   D 1 ? 0.4018 0.3369 0.4055 -0.2363 0.0346  -0.1294 8   G   D N3    
454 C  C4    . G   D 1 ? 0.3124 0.2948 0.4017 -0.2308 -0.0164 -0.0734 8   G   D C4    
455 P  P     . G   D 2 ? 0.5216 0.3549 0.4208 -0.2613 -0.0353 -0.1225 9   G   D P     
456 O  OP1   . G   D 2 ? 0.6251 0.4281 0.4321 -0.2991 -0.0904 -0.1096 9   G   D OP1   
457 O  OP2   . G   D 2 ? 0.4650 0.3773 0.6230 -0.3135 -0.0401 0.0395  9   G   D OP2   
458 O  "O5'" . G   D 2 ? 0.4668 0.3698 0.4138 -0.2453 -0.0167 -0.0783 9   G   D "O5'" 
459 C  "C5'" . G   D 2 ? 0.5296 0.4706 0.3622 -0.1437 -0.0900 -0.0389 9   G   D "C5'" 
460 C  "C4'" . G   D 2 ? 0.3685 0.4531 0.4209 -0.1212 -0.0331 -0.0242 9   G   D "C4'" 
461 O  "O4'" . G   D 2 ? 0.4062 0.6203 0.3121 -0.2985 0.0171  0.0692  9   G   D "O4'" 
462 C  "C3'" . G   D 2 ? 0.4009 0.4951 0.2905 -0.1153 -0.0627 -0.0332 9   G   D "C3'" 
463 O  "O3'" . G   D 2 ? 0.4046 0.4144 0.2691 -0.1656 -0.0557 -0.0106 9   G   D "O3'" 
464 C  "C2'" . G   D 2 ? 0.3233 0.2700 0.3380 -0.2203 0.0050  -0.0003 9   G   D "C2'" 
465 O  "O2'" . G   D 2 ? 0.4279 0.3399 0.3682 -0.1366 0.0293  -0.0193 9   G   D "O2'" 
466 C  "C1'" . G   D 2 ? 0.3225 0.2817 0.2650 -0.2052 -0.0239 -0.0566 9   G   D "C1'" 
467 N  N9    . G   D 2 ? 0.2760 0.2771 0.3472 -0.2268 -0.0517 -0.0349 9   G   D N9    
468 C  C8    . G   D 2 ? 0.3013 0.3845 0.4067 -0.2506 0.0358  -0.0825 9   G   D C8    
469 N  N7    . G   D 2 ? 0.3701 0.3478 0.3829 -0.2194 0.0025  -0.1214 9   G   D N7    
470 C  C5    . G   D 2 ? 0.3017 0.2471 0.3529 -0.2223 -0.0287 -0.0511 9   G   D C5    
471 C  C6    . G   D 2 ? 0.3073 0.2214 0.3220 -0.1315 -0.0063 -0.0816 9   G   D C6    
472 O  O6    . G   D 2 ? 0.2744 0.2344 0.4072 -0.1870 -0.0143 -0.0911 9   G   D O6    
473 N  N1    . G   D 2 ? 0.2731 0.2139 0.2749 -0.1948 -0.0164 -0.0811 9   G   D N1    
474 C  C2    . G   D 2 ? 0.2726 0.2153 0.3181 -0.1855 -0.0492 -0.0832 9   G   D C2    
475 N  N2    . G   D 2 ? 0.2493 0.2471 0.2977 -0.1486 -0.0519 -0.0562 9   G   D N2    
476 N  N3    . G   D 2 ? 0.3085 0.2990 0.2962 -0.2370 0.0012  -0.0596 9   G   D N3    
477 C  C4    . G   D 2 ? 0.2798 0.2882 0.3001 -0.2084 -0.0495 -0.0785 9   G   D C4    
478 P  P     . A   D 3 ? 0.3793 0.3952 0.2900 -0.1539 -0.0406 -0.0839 10  A   D P     
479 O  OP1   . A   D 3 ? 0.4963 0.6509 0.3318 -0.0547 -0.1067 -0.1089 10  A   D OP1   
480 O  OP2   . A   D 3 ? 0.3068 0.4460 0.2739 -0.1629 -0.0900 -0.1523 10  A   D OP2   
481 O  "O5'" . A   D 3 ? 0.3423 0.3256 0.3035 -0.1580 -0.0775 -0.1439 10  A   D "O5'" 
482 C  "C5'" . A   D 3 ? 0.2974 0.3773 0.3271 -0.0922 -0.0408 -0.0183 10  A   D "C5'" 
483 C  "C4'" . A   D 3 ? 0.2424 0.3234 0.3344 -0.0676 -0.0719 -0.0527 10  A   D "C4'" 
484 O  "O4'" . A   D 3 ? 0.2566 0.2947 0.3006 -0.0981 -0.0623 -0.0257 10  A   D "O4'" 
485 C  "C3'" . A   D 3 ? 0.3238 0.3188 0.2524 -0.0491 -0.0679 -0.0751 10  A   D "C3'" 
486 O  "O3'" . A   D 3 ? 0.2999 0.3998 0.3102 -0.0394 -0.0556 -0.0157 10  A   D "O3'" 
487 C  "C2'" . A   D 3 ? 0.2694 0.2440 0.2250 -0.0828 -0.0347 -0.0209 10  A   D "C2'" 
488 O  "O2'" . A   D 3 ? 0.2844 0.3157 0.3426 -0.0726 -0.0196 -0.0737 10  A   D "O2'" 
489 C  "C1'" . A   D 3 ? 0.2430 0.2756 0.2908 -0.0765 -0.0347 -0.0387 10  A   D "C1'" 
490 N  N9    . A   D 3 ? 0.2291 0.2047 0.2473 -0.1376 -0.0502 -0.0575 10  A   D N9    
491 C  C8    . A   D 3 ? 0.2395 0.1893 0.2081 -0.1510 -0.0590 -0.0552 10  A   D C8    
492 N  N7    . A   D 3 ? 0.2186 0.2228 0.2559 -0.1598 -0.0605 -0.0469 10  A   D N7    
493 C  C5    . A   D 3 ? 0.1900 0.2006 0.2438 -0.1482 -0.0465 -0.0510 10  A   D C5    
494 C  C6    . A   D 3 ? 0.1827 0.1533 0.2835 -0.1245 -0.0390 -0.0549 10  A   D C6    
495 N  N6    . A   D 3 ? 0.2101 0.2047 0.2568 -0.1009 -0.0279 -0.0653 10  A   D N6    
496 N  N1    . A   D 3 ? 0.1793 0.2077 0.2561 -0.1293 -0.0669 -0.0205 10  A   D N1    
497 C  C2    . A   D 3 ? 0.2377 0.2164 0.2435 -0.1214 -0.0693 -0.0677 10  A   D C2    
498 N  N3    . A   D 3 ? 0.2479 0.1996 0.2505 -0.1368 -0.0482 -0.0395 10  A   D N3    
499 C  C4    . A   D 3 ? 0.2005 0.1810 0.2718 -0.1436 -0.0538 -0.0457 10  A   D C4    
500 P  P     . G   D 4 ? 0.2803 0.4640 0.3407 -0.1649 -0.0937 -0.0356 11  G   D P     
501 O  OP1   . G   D 4 ? 0.2710 0.6614 0.4048 -0.2154 -0.1034 0.0672  11  G   D OP1   
502 O  OP2   . G   D 4 ? 0.3511 0.4033 0.3776 -0.2338 -0.0831 -0.1185 11  G   D OP2   
503 O  "O5'" . G   D 4 ? 0.3031 0.4716 0.3371 -0.2259 -0.1594 -0.0011 11  G   D "O5'" 
504 C  "C5'" . G   D 4 ? 0.4188 0.4033 0.4479 -0.0120 -0.0884 0.0608  11  G   D "C5'" 
505 C  "C4'" . G   D 4 ? 0.2445 0.1851 0.4173 -0.1140 -0.1120 -0.0756 11  G   D "C4'" 
506 O  "O4'" . G   D 4 ? 0.2634 0.1823 0.3731 -0.1293 -0.1271 -0.0647 11  G   D "O4'" 
507 C  "C3'" . G   D 4 ? 0.2721 0.2206 0.3070 -0.0975 -0.0506 -0.0101 11  G   D "C3'" 
508 O  "O3'" . G   D 4 ? 0.2287 0.2162 0.3596 -0.0788 -0.0379 -0.0303 11  G   D "O3'" 
509 C  "C2'" . G   D 4 ? 0.2550 0.2288 0.2707 -0.0823 -0.0318 -0.0191 11  G   D "C2'" 
510 O  "O2'" . G   D 4 ? 0.2044 0.2157 0.3098 -0.1115 -0.0425 -0.0486 11  G   D "O2'" 
511 C  "C1'" . G   D 4 ? 0.2486 0.2261 0.2392 -0.1187 -0.0815 -0.0717 11  G   D "C1'" 
512 N  N9    . G   D 4 ? 0.2843 0.1357 0.3068 -0.1167 -0.0633 -0.0676 11  G   D N9    
513 C  C8    . G   D 4 ? 0.2661 0.2344 0.2733 -0.1531 -0.1247 -0.0639 11  G   D C8    
514 N  N7    . G   D 4 ? 0.2702 0.1888 0.3144 -0.1597 -0.1183 -0.0401 11  G   D N7    
515 C  C5    . G   D 4 ? 0.2121 0.1690 0.2574 -0.1507 -0.0370 -0.0407 11  G   D C5    
516 C  C6    . G   D 4 ? 0.2386 0.1410 0.2734 -0.1306 -0.0428 -0.0662 11  G   D C6    
517 O  O6    . G   D 4 ? 0.2208 0.2781 0.2935 -0.1482 -0.0657 -0.1361 11  G   D O6    
518 N  N1    . G   D 4 ? 0.1567 0.1606 0.2923 -0.1120 -0.0410 -0.0660 11  G   D N1    
519 C  C2    . G   D 4 ? 0.1726 0.1762 0.2781 -0.1304 -0.0370 -0.0602 11  G   D C2    
520 N  N2    . G   D 4 ? 0.1488 0.2415 0.2970 -0.0989 -0.0908 -0.0512 11  G   D N2    
521 N  N3    . G   D 4 ? 0.2260 0.1315 0.2789 -0.1098 -0.0767 -0.0598 11  G   D N3    
522 C  C4    . G   D 4 ? 0.1823 0.1481 0.3142 -0.1374 -0.0143 -0.0147 11  G   D C4    
523 P  P     . C   D 5 ? 0.2502 0.2321 0.3084 -0.1018 -0.0693 -0.0551 12  C   D P     
524 O  OP1   . C   D 5 ? 0.1984 0.4100 0.3731 -0.1036 -0.0683 0.0097  12  C   D OP1   
525 O  OP2   . C   D 5 ? 0.2067 0.2691 0.3484 -0.1704 -0.0847 -0.0743 12  C   D OP2   
526 O  "O5'" . C   D 5 ? 0.1842 0.2345 0.3174 -0.1043 -0.0754 -0.0673 12  C   D "O5'" 
527 C  "C5'" . C   D 5 ? 0.2046 0.2273 0.3231 -0.1032 -0.0504 -0.0534 12  C   D "C5'" 
528 C  "C4'" . C   D 5 ? 0.1795 0.2197 0.2712 -0.0797 0.0072  -0.0539 12  C   D "C4'" 
529 O  "O4'" . C   D 5 ? 0.1756 0.1696 0.2968 -0.0938 -0.0401 -0.0589 12  C   D "O4'" 
530 C  "C3'" . C   D 5 ? 0.2166 0.2503 0.2986 -0.0148 -0.0199 -0.0629 12  C   D "C3'" 
531 O  "O3'" . C   D 5 ? 0.2276 0.2640 0.3853 -0.0768 -0.0098 -0.0810 12  C   D "O3'" 
532 C  "C2'" . C   D 5 ? 0.1747 0.2140 0.2795 -0.1459 -0.0449 -0.0617 12  C   D "C2'" 
533 O  "O2'" . C   D 5 ? 0.2194 0.3395 0.3105 -0.0701 -0.0551 -0.0571 12  C   D "O2'" 
534 C  "C1'" . C   D 5 ? 0.1650 0.1762 0.2682 -0.1019 -0.0500 -0.0616 12  C   D "C1'" 
535 N  N1    . C   D 5 ? 0.1956 0.1739 0.2808 -0.1179 -0.0657 -0.0787 12  C   D N1    
536 C  C2    . C   D 5 ? 0.1868 0.1469 0.2672 -0.1044 -0.0639 -0.0670 12  C   D C2    
537 O  O2    . C   D 5 ? 0.1875 0.1953 0.2698 -0.0713 -0.0602 -0.0553 12  C   D O2    
538 N  N3    . C   D 5 ? 0.1828 0.1969 0.3006 -0.1187 -0.0703 -0.0887 12  C   D N3    
539 C  C4    . C   D 5 ? 0.1806 0.1651 0.2843 -0.1006 -0.0661 -0.0886 12  C   D C4    
540 N  N4    . C   D 5 ? 0.1704 0.2124 0.2524 -0.0723 -0.0642 -0.0821 12  C   D N4    
541 C  C5    . C   D 5 ? 0.1862 0.1576 0.3085 -0.1171 -0.0706 -0.0578 12  C   D C5    
542 C  C6    . C   D 5 ? 0.1783 0.1383 0.3137 -0.1053 -0.0708 -0.0531 12  C   D C6    
543 P  P     . DT  D 6 ? 0.2419 0.2536 0.4034 -0.1167 -0.0126 -0.0320 13  DT  D P     
544 O  OP1   . DT  D 6 ? 0.1745 0.4154 0.4859 -0.1018 -0.0318 0.0111  13  DT  D OP1   
545 O  OP2   . DT  D 6 ? 0.1971 0.2839 0.4307 -0.2034 -0.0634 -0.0072 13  DT  D OP2   
546 O  "O5'" . DT  D 6 ? 0.2368 0.2018 0.4118 -0.1575 -0.0251 -0.0134 13  DT  D "O5'" 
547 C  "C5'" . DT  D 6 ? 0.2186 0.2556 0.4089 -0.1595 -0.0327 -0.0236 13  DT  D "C5'" 
548 C  "C4'" . DT  D 6 ? 0.3275 0.2962 0.3756 -0.0745 -0.0008 -0.0177 13  DT  D "C4'" 
549 O  "O4'" . DT  D 6 ? 0.2959 0.3111 0.4109 -0.0948 0.0173  -0.0274 13  DT  D "O4'" 
550 C  "C3'" . DT  D 6 ? 0.5062 0.2865 0.4464 -0.1280 -0.0571 -0.0375 13  DT  D "C3'" 
551 O  "O3'" . DT  D 6 ? 0.3599 0.2813 0.5312 -0.1685 -0.1403 -0.0054 13  DT  D "O3'" 
552 C  "C2'" . DT  D 6 ? 0.8574 0.1608 0.5239 -0.0485 0.2361  -0.0198 13  DT  D "C2'" 
553 C  "C1'" . DT  D 6 ? 0.4568 0.3692 0.3339 -0.0225 -0.0081 -0.0404 13  DT  D "C1'" 
554 N  N1    . DT  D 6 ? 0.3784 0.2371 0.3070 -0.0506 -0.0359 -0.1069 13  DT  D N1    
555 C  C2    . DT  D 6 ? 0.2304 0.1785 0.4197 -0.1393 -0.0542 -0.1126 13  DT  D C2    
556 O  O2    . DT  D 6 ? 0.2739 0.3189 0.5406 -0.0316 -0.0649 -0.1414 13  DT  D O2    
557 N  N3    . DT  D 6 ? 0.2642 0.2151 0.3849 -0.1188 -0.0968 -0.1179 13  DT  D N3    
558 C  C4    . DT  D 6 ? 0.2830 0.1733 0.3448 -0.1175 -0.0540 -0.0529 13  DT  D C4    
559 O  O4    . DT  D 6 ? 0.3626 0.2626 0.3048 -0.1647 -0.0834 -0.1365 13  DT  D O4    
560 C  C5    . DT  D 6 ? 0.2579 0.2207 0.3895 -0.1496 -0.0504 -0.0645 13  DT  D C5    
561 C  C7    . DT  D 6 ? 0.2262 0.3373 0.3078 -0.1641 -0.0454 -0.0935 13  DT  D C7    
562 C  C6    . DT  D 6 ? 0.2328 0.3211 0.3364 -0.1475 -0.0998 -0.1081 13  DT  D C6    
563 P  P     . A   D 7 ? 0.3343 0.3248 0.5945 -0.1444 -0.0939 -0.0845 14  A   D P     
564 O  OP1   . A   D 7 ? 0.3923 0.6120 0.6789 -0.0380 -0.0528 0.0518  14  A   D OP1   
565 O  OP2   . A   D 7 ? 0.4731 0.3918 0.5990 0.0316  -0.0134 -0.1229 14  A   D OP2   
566 O  "O5'" . A   D 7 ? 0.4955 0.3196 0.6662 -0.2008 -0.1775 0.0142  14  A   D "O5'" 
567 C  "C5'" . A   D 7 ? 0.2706 0.3160 0.5402 -0.1163 0.0197  -0.0600 14  A   D "C5'" 
568 C  "C4'" . A   D 7 ? 0.3674 0.2453 0.4533 -0.0724 0.0186  -0.1041 14  A   D "C4'" 
569 O  "O4'" . A   D 7 ? 0.3732 0.3065 0.4937 -0.1961 -0.0262 -0.0370 14  A   D "O4'" 
570 C  "C3'" . A   D 7 ? 0.3409 0.2386 0.4680 -0.1249 0.0695  -0.0540 14  A   D "C3'" 
571 O  "O3'" . A   D 7 ? 0.3522 0.3106 0.5640 -0.1117 0.1082  0.0111  14  A   D "O3'" 
572 C  "C2'" . A   D 7 ? 0.3987 0.2024 0.4636 -0.0354 0.0866  0.0535  14  A   D "C2'" 
573 O  "O2'" . A   D 7 ? 0.4526 0.2748 0.3673 -0.1103 0.0852  0.0141  14  A   D "O2'" 
574 C  "C1'" . A   D 7 ? 0.3200 0.3085 0.3997 -0.1809 0.0032  0.0185  14  A   D "C1'" 
575 N  N9    . A   D 7 ? 0.2480 0.3508 0.4008 -0.1479 -0.0381 0.0310  14  A   D N9    
576 C  C8    . A   D 7 ? 0.3221 0.3063 0.3220 -0.1174 -0.0557 -0.0638 14  A   D C8    
577 N  N7    . A   D 7 ? 0.2429 0.3831 0.3139 -0.1378 -0.0978 -0.0168 14  A   D N7    
578 C  C5    . A   D 7 ? 0.2920 0.2037 0.3451 -0.1105 -0.0833 -0.0127 14  A   D C5    
579 C  C6    . A   D 7 ? 0.2939 0.2388 0.3724 -0.2041 -0.0787 -0.0725 14  A   D C6    
580 N  N6    . A   D 7 ? 0.2670 0.3769 0.3444 -0.1379 -0.0580 0.0043  14  A   D N6    
581 N  N1    . A   D 7 ? 0.2749 0.3049 0.3280 -0.1827 -0.0501 0.0147  14  A   D N1    
582 C  C2    . A   D 7 ? 0.2501 0.2468 0.3359 -0.1064 -0.0484 -0.0269 14  A   D C2    
583 N  N3    . A   D 7 ? 0.2607 0.2383 0.2730 -0.1463 -0.0790 -0.0286 14  A   D N3    
584 C  C4    . A   D 7 ? 0.2490 0.1943 0.3319 -0.1866 -0.0795 0.0055  14  A   D C4    
585 MG MG    . MG  E . ? 0.2648 0.3387 0.3231 -0.1524 -0.0372 -0.0780 101 MG  B MG    
586 CO CO    . CO  F . ? 0.3906 0.4489 0.4894 -0.2585 -0.1195 -0.0973 101 CO  C CO    
587 MG MG    . MG  G . ? 0.3990 0.3190 0.4045 -0.1012 -0.2309 -0.1193 102 MG  C MG    
588 MG MG    . MG  H . ? 0.2954 0.2734 0.2567 -0.1135 -0.0653 -0.0819 101 MG  D MG    
589 O  O     . HOH I . ? 0.4329 0.3539 0.4048 -0.1260 -0.0639 -0.1299 101 HOH A O     
590 O  O     . HOH I . ? 0.5133 0.4747 0.4085 -0.1951 -0.1327 0.0217  102 HOH A O     
591 O  O     . HOH I . ? 0.4269 0.3104 0.3863 -0.1221 -0.0084 -0.0140 103 HOH A O     
592 O  O     . HOH I . ? 0.5966 0.4730 0.5004 0.0325  0.0315  0.0838  104 HOH A O     
593 O  O     . HOH I . ? 0.2491 0.2541 0.3395 -0.1103 -0.0923 -0.0660 105 HOH A O     
594 O  O     . HOH I . ? 0.6920 0.4420 0.3827 -0.0557 -0.1909 -0.1270 106 HOH A O     
595 O  O     . HOH I . ? 0.5214 0.6865 0.3656 -0.2500 0.0124  -0.1593 107 HOH A O     
596 O  O     . HOH I . ? 0.3300 0.2163 0.3057 -0.0266 -0.0178 -0.0292 108 HOH A O     
597 O  O     . HOH I . ? 0.5046 0.6268 0.5227 -0.1284 -0.1105 -0.1679 109 HOH A O     
598 O  O     . HOH I . ? 0.5866 0.6175 1.5086 -0.3290 -0.0377 0.1197  110 HOH A O     
599 O  O     . HOH I . ? 0.7705 0.5925 0.6407 -0.1614 -0.0284 0.3001  111 HOH A O     
600 O  O     . HOH I . ? 0.4573 0.3216 0.5571 -0.1645 0.0461  -0.0267 112 HOH A O     
601 O  O     . HOH I . ? 0.5329 0.4592 0.3527 -0.0121 -0.1126 -0.1087 113 HOH A O     
602 O  O     . HOH I . ? 0.3934 0.3633 0.4511 -0.0758 -0.1706 -0.0779 114 HOH A O     
603 O  O     . HOH I . ? 0.5830 0.4758 0.3756 -0.0791 -0.1313 -0.0306 115 HOH A O     
604 O  O     . HOH I . ? 0.5211 0.3414 0.4641 0.0215  0.1009  -0.0615 116 HOH A O     
605 O  O     . HOH I . ? 0.4119 0.2703 0.5411 -0.1062 -0.1641 -0.1552 117 HOH A O     
606 O  O     . HOH I . ? 0.3379 0.4068 0.5425 -0.0510 -0.1621 -0.0388 118 HOH A O     
607 O  O     . HOH I . ? 0.4897 0.6313 0.3357 -0.1204 0.0082  -0.0799 119 HOH A O     
608 O  O     . HOH I . ? 0.7702 0.6962 0.6262 -0.1828 -0.2696 -0.2744 120 HOH A O     
609 O  O     . HOH I . ? 0.3771 0.4139 0.4612 -0.0482 0.0169  -0.0665 121 HOH A O     
610 O  O     . HOH I . ? 0.3431 0.6581 0.4057 0.0108  -0.0393 0.0476  122 HOH A O     
611 O  O     . HOH I . ? 0.5223 0.5442 0.5460 -0.1129 0.0094  0.0421  123 HOH A O     
612 O  O     . HOH I . ? 0.6234 0.4924 0.4057 -0.1384 -0.0562 -0.0784 124 HOH A O     
613 O  O     . HOH I . ? 0.7356 0.5288 0.5680 -0.1357 0.1414  0.0157  125 HOH A O     
614 O  O     . HOH I . ? 0.8146 0.7323 0.6505 0.1308  -0.1411 -0.0043 126 HOH A O     
615 O  O     . HOH I . ? 0.5674 0.5492 0.4302 0.0861  -0.0610 -0.0075 127 HOH A O     
616 O  O     . HOH I . ? 0.7712 0.5958 0.6813 -0.2907 0.1079  -0.3437 128 HOH A O     
617 O  O     . HOH I . ? 0.6893 0.3760 0.5151 0.0086  0.0073  0.0373  129 HOH A O     
618 O  O     . HOH I . ? 0.3644 0.3314 0.6053 -0.1723 -0.0400 -0.0684 130 HOH A O     
619 O  O     . HOH I . ? 0.3795 0.3227 0.3007 -0.1351 -0.1649 0.0119  131 HOH A O     
620 O  O     . HOH I . ? 0.3156 0.6425 0.4027 -0.1072 -0.0588 0.0989  132 HOH A O     
621 O  O     . HOH I . ? 0.4700 0.6614 0.9730 -0.1977 -0.0828 0.0001  133 HOH A O     
622 O  O     . HOH J . ? 0.7297 0.4717 0.6311 -0.2010 0.1052  -0.1523 201 HOH B O     
623 O  O     . HOH J . ? 1.4354 0.4660 0.7775 -0.1168 0.2622  -0.2356 202 HOH B O     
624 O  O     . HOH J . ? 0.6079 0.4175 0.4107 -0.1511 0.0671  -0.0427 203 HOH B O     
625 O  O     . HOH J . ? 0.5128 0.4483 0.4649 0.0096  0.0216  -0.0672 204 HOH B O     
626 O  O     . HOH J . ? 0.5189 0.6617 0.5362 -0.4495 -0.1662 -0.0626 205 HOH B O     
627 O  O     . HOH J . ? 0.5571 0.4770 0.4104 0.1401  -0.0089 0.0393  206 HOH B O     
628 O  O     . HOH J . ? 0.4936 0.6883 0.2581 -0.0222 -0.0415 -0.0316 207 HOH B O     
629 O  O     . HOH J . ? 0.3762 0.3957 0.3944 0.0067  0.0126  0.0085  208 HOH B O     
630 O  O     . HOH J . ? 0.4515 0.2795 0.3169 -0.1332 -0.0290 -0.0793 209 HOH B O     
631 O  O     . HOH J . ? 0.6749 0.4540 0.5986 0.0510  0.0839  -0.0729 210 HOH B O     
632 O  O     . HOH J . ? 0.4779 0.4023 0.3579 -0.2121 -0.0374 -0.0398 211 HOH B O     
633 O  O     . HOH J . ? 0.5577 0.4781 0.3826 0.0767  -0.0078 -0.0950 212 HOH B O     
634 O  O     . HOH J . ? 0.5824 0.5404 0.5897 0.0248  -0.1443 0.0609  213 HOH B O     
635 O  O     . HOH J . ? 0.7892 0.5050 0.6083 -0.2889 -0.1553 -0.2691 214 HOH B O     
636 O  O     . HOH J . ? 0.5757 0.6139 0.5050 0.0052  -0.2094 -0.0929 215 HOH B O     
637 O  O     . HOH J . ? 0.7243 0.5769 0.3980 0.2597  -0.0966 -0.1253 216 HOH B O     
638 O  O     . HOH J . ? 0.4780 0.4975 0.6681 0.0354  -0.2878 -0.1704 217 HOH B O     
639 O  O     . HOH J . ? 0.5548 0.4033 0.8757 -0.1176 0.2224  0.0231  218 HOH B O     
640 O  O     . HOH J . ? 0.7942 0.4852 0.6604 -0.2273 -0.2611 -0.0234 219 HOH B O     
641 O  O     . HOH J . ? 0.8694 0.6688 0.4613 -0.3866 -0.1070 0.0666  220 HOH B O     
642 O  O     . HOH J . ? 0.5208 0.6072 0.4129 -0.2793 -0.0345 -0.0596 221 HOH B O     
643 O  O     . HOH J . ? 0.6767 0.7129 0.4545 -0.4331 -0.2060 0.0679  222 HOH B O     
644 O  O     . HOH J . ? 0.5179 1.1749 0.4812 -0.1177 -0.0067 -0.1173 223 HOH B O     
645 O  O     . HOH J . ? 0.3686 1.1095 0.4721 -0.0407 -0.0875 -0.2009 224 HOH B O     
646 O  O     . HOH J . ? 0.7349 0.5765 0.4074 0.0823  -0.0427 -0.1198 225 HOH B O     
647 O  O     . HOH J . ? 0.5331 0.8308 0.4043 -0.0308 -0.0931 0.0175  226 HOH B O     
648 O  O     . HOH J . ? 0.3787 0.2558 0.6231 -0.1586 -0.2547 -0.0495 227 HOH B O     
649 O  O     . HOH J . ? 0.3125 0.2353 0.2212 -0.1213 0.0087  -0.0892 228 HOH B O     
650 O  O     . HOH J . ? 0.6876 0.7576 0.8099 -0.2506 0.2793  -0.0631 229 HOH B O     
651 O  O     . HOH J . ? 0.5834 0.5136 0.2562 -0.2738 -0.1382 0.0035  230 HOH B O     
652 O  O     . HOH J . ? 0.8074 0.8294 0.4652 0.1308  -0.1511 0.0065  231 HOH B O     
653 O  O     . HOH J . ? 0.5992 0.6105 0.4104 -0.3767 -0.1539 0.0177  232 HOH B O     
654 O  O     . HOH J . ? 0.4676 0.7213 0.5585 0.0401  -0.0436 -0.0194 233 HOH B O     
655 O  O     . HOH K . ? 0.3938 0.2889 0.5878 -0.0994 0.0234  0.0569  201 HOH C O     
656 O  O     . HOH K . ? 0.5974 0.4726 0.3249 -0.2540 -0.0897 -0.0802 202 HOH C O     
657 O  O     . HOH K . ? 0.2725 0.2454 0.3470 -0.1215 -0.0683 -0.0728 203 HOH C O     
658 O  O     . HOH K . ? 0.5476 0.5730 0.4721 -0.0397 -0.1392 -0.1279 204 HOH C O     
659 O  O     . HOH K . ? 0.2961 0.6219 0.4445 -0.1841 -0.1942 -0.0293 205 HOH C O     
660 O  O     . HOH K . ? 0.2449 0.4526 0.5596 -0.1500 0.0115  -0.0156 206 HOH C O     
661 O  O     . HOH K . ? 0.3128 0.3321 0.6800 -0.1042 0.0386  -0.1195 207 HOH C O     
662 O  O     . HOH K . ? 0.5380 0.4097 0.6274 -0.1462 -0.2895 -0.0590 208 HOH C O     
663 O  O     . HOH K . ? 0.2974 0.4221 0.3490 -0.0690 -0.0180 -0.0459 209 HOH C O     
664 O  O     . HOH K . ? 0.2925 0.2924 0.3222 -0.0759 -0.0699 -0.0141 210 HOH C O     
665 O  O     . HOH K . ? 0.2886 0.5185 0.3421 0.0073  -0.0581 -0.0234 211 HOH C O     
666 O  O     . HOH K . ? 0.3585 0.5819 0.5977 -0.3846 -0.1916 -0.0069 212 HOH C O     
667 O  O     . HOH K . ? 0.8331 0.4704 0.5595 0.0114  0.0006  0.0153  213 HOH C O     
668 O  O     . HOH K . ? 0.2785 0.5489 0.3602 -0.0157 -0.1295 -0.2019 214 HOH C O     
669 O  O     . HOH K . ? 0.6471 0.5362 0.4821 -0.2081 -0.0797 -0.0861 215 HOH C O     
670 O  O     . HOH K . ? 0.4269 0.5040 0.3866 -0.1585 0.0186  -0.0132 216 HOH C O     
671 O  O     . HOH K . ? 0.3648 0.5985 0.3669 0.0378  -0.0472 0.0937  217 HOH C O     
672 O  O     . HOH K . ? 0.6176 0.3832 0.8165 0.0998  -0.4883 -0.2821 218 HOH C O     
673 O  O     . HOH K . ? 0.6806 0.5533 0.6199 0.0828  0.0087  -0.1699 219 HOH C O     
674 O  O     . HOH K . ? 0.7252 0.8794 0.4284 0.1454  -0.2047 -0.1831 220 HOH C O     
675 O  O     . HOH K . ? 0.4796 0.5718 0.6290 -0.2385 -0.0074 -0.0328 221 HOH C O     
676 O  O     . HOH K . ? 0.3198 0.3921 0.6462 -0.0855 -0.1313 0.0553  222 HOH C O     
677 O  O     . HOH K . ? 0.5479 0.5533 0.8359 -0.2434 -0.1781 0.1711  223 HOH C O     
678 O  O     . HOH K . ? 0.4711 1.5195 0.6671 0.1959  0.0219  0.4965  224 HOH C O     
679 O  O     . HOH K . ? 1.1395 0.3874 0.8627 -0.1044 -0.1040 0.0456  225 HOH C O     
680 O  O     . HOH K . ? 0.3767 0.4616 0.5808 -0.1623 0.0228  0.0955  226 HOH C O     
681 O  O     . HOH K . ? 0.3365 0.3449 0.5793 -0.1832 -0.2218 -0.1036 227 HOH C O     
682 O  O     . HOH L . ? 0.3666 0.4200 1.1267 -0.0338 -0.0186 -0.3683 201 HOH D O     
683 O  O     . HOH L . ? 0.4951 0.7735 0.6848 -0.1950 0.0230  0.1942  202 HOH D O     
684 O  O     . HOH L . ? 0.5427 0.3009 1.0399 -0.0937 -0.0959 0.0598  203 HOH D O     
685 O  O     . HOH L . ? 0.5074 0.3910 0.3742 -0.0650 -0.0590 -0.1075 204 HOH D O     
686 O  O     . HOH L . ? 0.2204 0.4972 0.3845 -0.1258 -0.0729 -0.0528 205 HOH D O     
687 O  O     . HOH L . ? 0.3772 0.4344 0.6898 -0.1991 -0.2513 0.0191  206 HOH D O     
688 O  O     . HOH L . ? 0.4039 0.5027 2.3326 -0.3090 -0.1837 0.8567  207 HOH D O     
689 O  O     . HOH L . ? 0.4870 0.8926 0.2894 -0.0823 -0.0909 -0.0399 208 HOH D O     
690 O  O     . HOH L . ? 0.9422 0.9195 1.2813 0.1519  -0.5307 -0.5115 209 HOH D O     
691 O  O     . HOH L . ? 0.4613 0.5879 0.6826 0.1279  -0.2375 -0.0999 210 HOH D O     
692 O  O     . HOH L . ? 0.8386 0.5662 0.6161 0.0863  -0.0374 0.0281  211 HOH D O     
693 O  O     . HOH L . ? 0.4468 0.5233 0.3467 -0.1983 -0.0962 0.0019  212 HOH D O     
694 O  O     . HOH L . ? 0.4609 0.4549 0.6070 -0.0837 -0.0828 -0.1184 213 HOH D O     
695 O  O     . HOH L . ? 0.4176 0.4194 0.4534 -0.0714 -0.0464 -0.0243 214 HOH D O     
696 O  O     . HOH L . ? 0.5176 0.2514 0.3766 -0.0800 -0.2150 -0.0774 215 HOH D O     
697 O  O     . HOH L . ? 0.6570 0.4600 0.4505 -0.0958 -0.0742 -0.2242 216 HOH D O     
698 O  O     . HOH L . ? 0.5625 0.5649 0.6001 -0.0479 -0.2844 -0.0217 217 HOH D O     
699 O  O     . HOH L . ? 0.6055 0.4639 0.8070 -0.2890 -0.0178 -0.2074 218 HOH D O     
700 O  O     . HOH L . ? 0.6736 0.6061 0.8772 -0.0504 -0.1041 -0.1939 219 HOH D O     
701 O  O     . HOH L . ? 0.7049 0.5349 0.3438 -0.0414 0.0117  -0.1401 220 HOH D O     
702 O  O     . HOH L . ? 0.9820 0.4977 0.6891 0.0170  0.0663  -0.0258 221 HOH D O     
703 O  O     . HOH L . ? 0.7327 1.1472 0.7109 -0.4821 -0.1583 0.1527  222 HOH D O     
704 O  O     . HOH L . ? 0.6594 0.7940 0.4196 0.0097  -0.0036 -0.1017 223 HOH D O     
705 O  O     . HOH L . ? 0.7397 0.6990 0.7001 -0.0050 -0.0312 0.0292  224 HOH D O     
706 O  O     . HOH L . ? 1.1955 0.4742 0.7132 0.0663  -0.1278 0.1141  225 HOH D O     
# 
loop_
_pdbx_poly_seq_scheme.asym_id 
_pdbx_poly_seq_scheme.entity_id 
_pdbx_poly_seq_scheme.seq_id 
_pdbx_poly_seq_scheme.mon_id 
_pdbx_poly_seq_scheme.ndb_seq_num 
_pdbx_poly_seq_scheme.pdb_seq_num 
_pdbx_poly_seq_scheme.auth_seq_num 
_pdbx_poly_seq_scheme.pdb_mon_id 
_pdbx_poly_seq_scheme.auth_mon_id 
_pdbx_poly_seq_scheme.pdb_strand_id 
_pdbx_poly_seq_scheme.pdb_ins_code 
_pdbx_poly_seq_scheme.hetero 
A 1 1 U  1 1  1  U  U  A . n 
A 1 2 A  2 2  2  A  A  A . n 
A 1 3 G  3 3  3  G  G  A . n 
A 1 4 C  4 4  4  C  C  A . n 
A 1 5 U  5 5  5  U  U  A . n 
A 1 6 C  6 6  6  C  C  A . n 
A 1 7 C  7 7  7  C  C  A . n 
B 2 1 G  1 8  8  G  G  B . n 
B 2 2 G  2 9  9  G  G  B . n 
B 2 3 A  3 10 10 A  A  B . n 
B 2 4 G  4 11 11 G  G  B . n 
B 2 5 C  5 12 12 C  C  B . n 
B 2 6 DT 6 13 13 DT DT B . n 
B 2 7 A  7 14 14 A  A  B . n 
C 1 1 U  1 1  1  U  U  C . n 
C 1 2 A  2 2  2  A  A  C . n 
C 1 3 G  3 3  3  G  G  C . n 
C 1 4 C  4 4  4  C  C  C . n 
C 1 5 U  5 5  5  U  U  C . n 
C 1 6 C  6 6  6  C  C  C . n 
C 1 7 C  7 7  7  C  C  C . n 
D 2 1 G  1 8  8  G  G  D . n 
D 2 2 G  2 9  9  G  G  D . n 
D 2 3 A  3 10 10 A  A  D . n 
D 2 4 G  4 11 11 G  G  D . n 
D 2 5 C  5 12 12 C  C  D . n 
D 2 6 DT 6 13 13 DT DT D . n 
D 2 7 A  7 14 14 A  A  D . n 
# 
loop_
_pdbx_nonpoly_scheme.asym_id 
_pdbx_nonpoly_scheme.entity_id 
_pdbx_nonpoly_scheme.mon_id 
_pdbx_nonpoly_scheme.ndb_seq_num 
_pdbx_nonpoly_scheme.pdb_seq_num 
_pdbx_nonpoly_scheme.auth_seq_num 
_pdbx_nonpoly_scheme.pdb_mon_id 
_pdbx_nonpoly_scheme.auth_mon_id 
_pdbx_nonpoly_scheme.pdb_strand_id 
_pdbx_nonpoly_scheme.pdb_ins_code 
E 3 MG  1  101 21  MG  MG  B . 
F 4 CO  1  101 21  CO  CO  C . 
G 3 MG  1  102 22  MG  MG  C . 
H 3 MG  1  101 21  MG  MG  D . 
I 5 HOH 1  101 122 HOH HOH A . 
I 5 HOH 2  102 115 HOH HOH A . 
I 5 HOH 3  103 110 HOH HOH A . 
I 5 HOH 4  104 133 HOH HOH A . 
I 5 HOH 5  105 101 HOH HOH A . 
I 5 HOH 6  106 116 HOH HOH A . 
I 5 HOH 7  107 119 HOH HOH A . 
I 5 HOH 8  108 104 HOH HOH A . 
I 5 HOH 9  109 112 HOH HOH A . 
I 5 HOH 10 110 125 HOH HOH A . 
I 5 HOH 11 111 127 HOH HOH A . 
I 5 HOH 12 112 123 HOH HOH A . 
I 5 HOH 13 113 109 HOH HOH A . 
I 5 HOH 14 114 108 HOH HOH A . 
I 5 HOH 15 115 121 HOH HOH A . 
I 5 HOH 16 116 118 HOH HOH A . 
I 5 HOH 17 117 111 HOH HOH A . 
I 5 HOH 18 118 114 HOH HOH A . 
I 5 HOH 19 119 106 HOH HOH A . 
I 5 HOH 20 120 131 HOH HOH A . 
I 5 HOH 21 121 130 HOH HOH A . 
I 5 HOH 22 122 103 HOH HOH A . 
I 5 HOH 23 123 134 HOH HOH A . 
I 5 HOH 24 124 129 HOH HOH A . 
I 5 HOH 25 125 102 HOH HOH A . 
I 5 HOH 26 126 126 HOH HOH A . 
I 5 HOH 27 127 105 HOH HOH A . 
I 5 HOH 28 128 124 HOH HOH A . 
I 5 HOH 29 129 117 HOH HOH A . 
I 5 HOH 30 130 120 HOH HOH A . 
I 5 HOH 31 131 113 HOH HOH A . 
I 5 HOH 32 132 128 HOH HOH A . 
I 5 HOH 33 133 132 HOH HOH A . 
J 5 HOH 1  201 115 HOH HOH B . 
J 5 HOH 2  202 106 HOH HOH B . 
J 5 HOH 3  203 113 HOH HOH B . 
J 5 HOH 4  204 103 HOH HOH B . 
J 5 HOH 5  205 117 HOH HOH B . 
J 5 HOH 6  206 124 HOH HOH B . 
J 5 HOH 7  207 123 HOH HOH B . 
J 5 HOH 8  208 109 HOH HOH B . 
J 5 HOH 9  209 107 HOH HOH B . 
J 5 HOH 10 210 110 HOH HOH B . 
J 5 HOH 11 211 126 HOH HOH B . 
J 5 HOH 12 212 102 HOH HOH B . 
J 5 HOH 13 213 119 HOH HOH B . 
J 5 HOH 14 214 129 HOH HOH B . 
J 5 HOH 15 215 133 HOH HOH B . 
J 5 HOH 16 216 118 HOH HOH B . 
J 5 HOH 17 217 105 HOH HOH B . 
J 5 HOH 18 218 112 HOH HOH B . 
J 5 HOH 19 219 104 HOH HOH B . 
J 5 HOH 20 220 114 HOH HOH B . 
J 5 HOH 21 221 116 HOH HOH B . 
J 5 HOH 22 222 121 HOH HOH B . 
J 5 HOH 23 223 125 HOH HOH B . 
J 5 HOH 24 224 111 HOH HOH B . 
J 5 HOH 25 225 108 HOH HOH B . 
J 5 HOH 26 226 127 HOH HOH B . 
J 5 HOH 27 227 101 HOH HOH B . 
J 5 HOH 28 228 131 HOH HOH B . 
J 5 HOH 29 229 120 HOH HOH B . 
J 5 HOH 30 230 130 HOH HOH B . 
J 5 HOH 31 231 128 HOH HOH B . 
J 5 HOH 32 232 122 HOH HOH B . 
J 5 HOH 33 233 132 HOH HOH B . 
K 5 HOH 1  201 115 HOH HOH C . 
K 5 HOH 2  202 118 HOH HOH C . 
K 5 HOH 3  203 103 HOH HOH C . 
K 5 HOH 4  204 121 HOH HOH C . 
K 5 HOH 5  205 107 HOH HOH C . 
K 5 HOH 6  206 110 HOH HOH C . 
K 5 HOH 7  207 108 HOH HOH C . 
K 5 HOH 8  208 113 HOH HOH C . 
K 5 HOH 9  209 125 HOH HOH C . 
K 5 HOH 10 210 106 HOH HOH C . 
K 5 HOH 11 211 102 HOH HOH C . 
K 5 HOH 12 212 124 HOH HOH C . 
K 5 HOH 13 213 127 HOH HOH C . 
K 5 HOH 14 214 104 HOH HOH C . 
K 5 HOH 15 215 126 HOH HOH C . 
K 5 HOH 16 216 105 HOH HOH C . 
K 5 HOH 17 217 111 HOH HOH C . 
K 5 HOH 18 218 119 HOH HOH C . 
K 5 HOH 19 219 109 HOH HOH C . 
K 5 HOH 20 220 112 HOH HOH C . 
K 5 HOH 21 221 122 HOH HOH C . 
K 5 HOH 22 222 116 HOH HOH C . 
K 5 HOH 23 223 114 HOH HOH C . 
K 5 HOH 24 224 117 HOH HOH C . 
K 5 HOH 25 225 102 HOH HOH C . 
K 5 HOH 26 226 101 HOH HOH C . 
K 5 HOH 27 227 123 HOH HOH C . 
L 5 HOH 1  201 105 HOH HOH D . 
L 5 HOH 2  202 108 HOH HOH D . 
L 5 HOH 3  203 120 HOH HOH D . 
L 5 HOH 4  204 106 HOH HOH D . 
L 5 HOH 5  205 115 HOH HOH D . 
L 5 HOH 6  206 109 HOH HOH D . 
L 5 HOH 7  207 114 HOH HOH D . 
L 5 HOH 8  208 110 HOH HOH D . 
L 5 HOH 9  209 107 HOH HOH D . 
L 5 HOH 10 210 116 HOH HOH D . 
L 5 HOH 11 211 113 HOH HOH D . 
L 5 HOH 12 212 107 HOH HOH D . 
L 5 HOH 13 213 103 HOH HOH D . 
L 5 HOH 14 214 121 HOH HOH D . 
L 5 HOH 15 215 104 HOH HOH D . 
L 5 HOH 16 216 123 HOH HOH D . 
L 5 HOH 17 217 117 HOH HOH D . 
L 5 HOH 18 218 111 HOH HOH D . 
L 5 HOH 19 219 119 HOH HOH D . 
L 5 HOH 20 220 101 HOH HOH D . 
L 5 HOH 21 221 118 HOH HOH D . 
L 5 HOH 22 222 120 HOH HOH D . 
L 5 HOH 23 223 122 HOH HOH D . 
L 5 HOH 24 224 124 HOH HOH D . 
L 5 HOH 25 225 112 HOH HOH D . 
# 
loop_
_pdbx_struct_assembly.id 
_pdbx_struct_assembly.details 
_pdbx_struct_assembly.method_details 
_pdbx_struct_assembly.oligomeric_details 
_pdbx_struct_assembly.oligomeric_count 
1 author_and_software_defined_assembly PISA dimeric 2 
2 author_and_software_defined_assembly PISA dimeric 2 
# 
loop_
_pdbx_struct_assembly_gen.assembly_id 
_pdbx_struct_assembly_gen.oper_expression 
_pdbx_struct_assembly_gen.asym_id_list 
1 1 A,B,E,I,J     
2 1 C,D,F,G,H,K,L 
# 
loop_
_pdbx_struct_assembly_prop.biol_id 
_pdbx_struct_assembly_prop.type 
_pdbx_struct_assembly_prop.value 
_pdbx_struct_assembly_prop.details 
1 'ABSA (A^2)' 720  ? 
1 MORE         -4   ? 
1 'SSA (A^2)'  2790 ? 
2 'ABSA (A^2)' 960  ? 
2 MORE         -20  ? 
2 'SSA (A^2)'  3000 ? 
# 
_pdbx_struct_oper_list.id                   1 
_pdbx_struct_oper_list.type                 'identity operation' 
_pdbx_struct_oper_list.name                 1_555 
_pdbx_struct_oper_list.symmetry_operation   x,y,z 
_pdbx_struct_oper_list.matrix[1][1]         1.0000000000 
_pdbx_struct_oper_list.matrix[1][2]         0.0000000000 
_pdbx_struct_oper_list.matrix[1][3]         0.0000000000 
_pdbx_struct_oper_list.vector[1]            0.0000000000 
_pdbx_struct_oper_list.matrix[2][1]         0.0000000000 
_pdbx_struct_oper_list.matrix[2][2]         1.0000000000 
_pdbx_struct_oper_list.matrix[2][3]         0.0000000000 
_pdbx_struct_oper_list.vector[2]            0.0000000000 
_pdbx_struct_oper_list.matrix[3][1]         0.0000000000 
_pdbx_struct_oper_list.matrix[3][2]         0.0000000000 
_pdbx_struct_oper_list.matrix[3][3]         1.0000000000 
_pdbx_struct_oper_list.vector[3]            0.0000000000 
# 
_pdbx_struct_conn_angle.id                    1 
_pdbx_struct_conn_angle.ptnr1_label_atom_id   O 
_pdbx_struct_conn_angle.ptnr1_label_alt_id    ? 
_pdbx_struct_conn_angle.ptnr1_label_asym_id   K 
_pdbx_struct_conn_angle.ptnr1_label_comp_id   HOH 
_pdbx_struct_conn_angle.ptnr1_label_seq_id    . 
_pdbx_struct_conn_angle.ptnr1_auth_atom_id    ? 
_pdbx_struct_conn_angle.ptnr1_auth_asym_id    C 
_pdbx_struct_conn_angle.ptnr1_auth_comp_id    HOH 
_pdbx_struct_conn_angle.ptnr1_auth_seq_id     212 
_pdbx_struct_conn_angle.ptnr1_PDB_ins_code    ? 
_pdbx_struct_conn_angle.ptnr1_symmetry        1_555 
_pdbx_struct_conn_angle.ptnr2_label_atom_id   CO 
_pdbx_struct_conn_angle.ptnr2_label_alt_id    ? 
_pdbx_struct_conn_angle.ptnr2_label_asym_id   F 
_pdbx_struct_conn_angle.ptnr2_label_comp_id   CO 
_pdbx_struct_conn_angle.ptnr2_label_seq_id    . 
_pdbx_struct_conn_angle.ptnr2_auth_atom_id    ? 
_pdbx_struct_conn_angle.ptnr2_auth_asym_id    C 
_pdbx_struct_conn_angle.ptnr2_auth_comp_id    CO 
_pdbx_struct_conn_angle.ptnr2_auth_seq_id     101 
_pdbx_struct_conn_angle.ptnr2_PDB_ins_code    ? 
_pdbx_struct_conn_angle.ptnr2_symmetry        1_555 
_pdbx_struct_conn_angle.ptnr3_label_atom_id   O 
_pdbx_struct_conn_angle.ptnr3_label_alt_id    ? 
_pdbx_struct_conn_angle.ptnr3_label_asym_id   K 
_pdbx_struct_conn_angle.ptnr3_label_comp_id   HOH 
_pdbx_struct_conn_angle.ptnr3_label_seq_id    . 
_pdbx_struct_conn_angle.ptnr3_auth_atom_id    ? 
_pdbx_struct_conn_angle.ptnr3_auth_asym_id    C 
_pdbx_struct_conn_angle.ptnr3_auth_comp_id    HOH 
_pdbx_struct_conn_angle.ptnr3_auth_seq_id     227 
_pdbx_struct_conn_angle.ptnr3_PDB_ins_code    ? 
_pdbx_struct_conn_angle.ptnr3_symmetry        1_555 
_pdbx_struct_conn_angle.value                 166.9 
_pdbx_struct_conn_angle.value_esd             ? 
# 
loop_
_pdbx_audit_revision_history.ordinal 
_pdbx_audit_revision_history.data_content_type 
_pdbx_audit_revision_history.major_revision 
_pdbx_audit_revision_history.minor_revision 
_pdbx_audit_revision_history.revision_date 
1 'Structure model' 1 0 2017-11-29 
2 'Structure model' 1 1 2018-01-17 
3 'Structure model' 1 2 2018-03-28 
4 'Structure model' 1 3 2023-10-04 
# 
_pdbx_audit_revision_details.ordinal             1 
_pdbx_audit_revision_details.revision_ordinal    1 
_pdbx_audit_revision_details.data_content_type   'Structure model' 
_pdbx_audit_revision_details.provider            repository 
_pdbx_audit_revision_details.type                'Initial release' 
_pdbx_audit_revision_details.description         ? 
_pdbx_audit_revision_details.details             ? 
# 
loop_
_pdbx_audit_revision_group.ordinal 
_pdbx_audit_revision_group.revision_ordinal 
_pdbx_audit_revision_group.data_content_type 
_pdbx_audit_revision_group.group 
1 2 'Structure model' 'Author supporting evidence' 
2 3 'Structure model' 'Data collection'            
3 3 'Structure model' 'Source and taxonomy'        
4 4 'Structure model' 'Data collection'            
5 4 'Structure model' 'Database references'        
6 4 'Structure model' 'Refinement description'     
# 
loop_
_pdbx_audit_revision_category.ordinal 
_pdbx_audit_revision_category.revision_ordinal 
_pdbx_audit_revision_category.data_content_type 
_pdbx_audit_revision_category.category 
1 2 'Structure model' pdbx_audit_support            
2 3 'Structure model' pdbx_entity_src_syn           
3 4 'Structure model' chem_comp_atom                
4 4 'Structure model' chem_comp_bond                
5 4 'Structure model' database_2                    
6 4 'Structure model' pdbx_initial_refinement_model 
# 
loop_
_pdbx_audit_revision_item.ordinal 
_pdbx_audit_revision_item.revision_ordinal 
_pdbx_audit_revision_item.data_content_type 
_pdbx_audit_revision_item.item 
1 3 'Structure model' '_pdbx_entity_src_syn.ncbi_taxonomy_id'    
2 3 'Structure model' '_pdbx_entity_src_syn.organism_scientific' 
3 4 'Structure model' '_database_2.pdbx_DOI'                     
4 4 'Structure model' '_database_2.pdbx_database_accession'      
# 
loop_
_software.citation_id 
_software.classification 
_software.compiler_name 
_software.compiler_version 
_software.contact_author 
_software.contact_author_email 
_software.date 
_software.description 
_software.dependencies 
_software.hardware 
_software.language 
_software.location 
_software.mods 
_software.name 
_software.os 
_software.os_version 
_software.type 
_software.version 
_software.pdbx_ordinal 
? refinement       ? ? ? ? ? ? ? ? ? ? ? REFMAC   ? ? ? 5.8.0103 1 
? 'data reduction' ? ? ? ? ? ? ? ? ? ? ? HKL-2000 ? ? ? .        2 
? 'data scaling'   ? ? ? ? ? ? ? ? ? ? ? HKL-2000 ? ? ? .        3 
? phasing          ? ? ? ? ? ? ? ? ? ? ? PHASER   ? ? ? .        4 
# 
_pdbx_validate_close_contact.id               1 
_pdbx_validate_close_contact.PDB_model_num    1 
_pdbx_validate_close_contact.auth_atom_id_1   O 
_pdbx_validate_close_contact.auth_asym_id_1   B 
_pdbx_validate_close_contact.auth_comp_id_1   HOH 
_pdbx_validate_close_contact.auth_seq_id_1    204 
_pdbx_validate_close_contact.PDB_ins_code_1   ? 
_pdbx_validate_close_contact.label_alt_id_1   ? 
_pdbx_validate_close_contact.auth_atom_id_2   O 
_pdbx_validate_close_contact.auth_asym_id_2   B 
_pdbx_validate_close_contact.auth_comp_id_2   HOH 
_pdbx_validate_close_contact.auth_seq_id_2    232 
_pdbx_validate_close_contact.PDB_ins_code_2   ? 
_pdbx_validate_close_contact.label_alt_id_2   ? 
_pdbx_validate_close_contact.dist             1.92 
# 
loop_
_pdbx_validate_rmsd_bond.id 
_pdbx_validate_rmsd_bond.PDB_model_num 
_pdbx_validate_rmsd_bond.auth_atom_id_1 
_pdbx_validate_rmsd_bond.auth_asym_id_1 
_pdbx_validate_rmsd_bond.auth_comp_id_1 
_pdbx_validate_rmsd_bond.auth_seq_id_1 
_pdbx_validate_rmsd_bond.PDB_ins_code_1 
_pdbx_validate_rmsd_bond.label_alt_id_1 
_pdbx_validate_rmsd_bond.auth_atom_id_2 
_pdbx_validate_rmsd_bond.auth_asym_id_2 
_pdbx_validate_rmsd_bond.auth_comp_id_2 
_pdbx_validate_rmsd_bond.auth_seq_id_2 
_pdbx_validate_rmsd_bond.PDB_ins_code_2 
_pdbx_validate_rmsd_bond.label_alt_id_2 
_pdbx_validate_rmsd_bond.bond_value 
_pdbx_validate_rmsd_bond.bond_target_value 
_pdbx_validate_rmsd_bond.bond_deviation 
_pdbx_validate_rmsd_bond.bond_standard_deviation 
_pdbx_validate_rmsd_bond.linker_flag 
1 1 "O3'" B DT 13 ? ? P B A 14 ? ? 1.506 1.607 -0.101 0.012 Y 
2 1 "O3'" D DT 13 ? ? P D A 14 ? ? 1.509 1.607 -0.098 0.012 Y 
# 
loop_
_pdbx_validate_rmsd_angle.id 
_pdbx_validate_rmsd_angle.PDB_model_num 
_pdbx_validate_rmsd_angle.auth_atom_id_1 
_pdbx_validate_rmsd_angle.auth_asym_id_1 
_pdbx_validate_rmsd_angle.auth_comp_id_1 
_pdbx_validate_rmsd_angle.auth_seq_id_1 
_pdbx_validate_rmsd_angle.PDB_ins_code_1 
_pdbx_validate_rmsd_angle.label_alt_id_1 
_pdbx_validate_rmsd_angle.auth_atom_id_2 
_pdbx_validate_rmsd_angle.auth_asym_id_2 
_pdbx_validate_rmsd_angle.auth_comp_id_2 
_pdbx_validate_rmsd_angle.auth_seq_id_2 
_pdbx_validate_rmsd_angle.PDB_ins_code_2 
_pdbx_validate_rmsd_angle.label_alt_id_2 
_pdbx_validate_rmsd_angle.auth_atom_id_3 
_pdbx_validate_rmsd_angle.auth_asym_id_3 
_pdbx_validate_rmsd_angle.auth_comp_id_3 
_pdbx_validate_rmsd_angle.auth_seq_id_3 
_pdbx_validate_rmsd_angle.PDB_ins_code_3 
_pdbx_validate_rmsd_angle.label_alt_id_3 
_pdbx_validate_rmsd_angle.angle_value 
_pdbx_validate_rmsd_angle.angle_target_value 
_pdbx_validate_rmsd_angle.angle_deviation 
_pdbx_validate_rmsd_angle.angle_standard_deviation 
_pdbx_validate_rmsd_angle.linker_flag 
1 1 "C5'" A U 1 ? ? "C4'" A U 1 ? ? "O4'" A U 1 ? ? 115.36 109.80 5.56  0.90 N 
2 1 "C5'" B G 8 ? ? "C4'" B G 8 ? ? "O4'" B G 8 ? ? 116.40 109.80 6.60  0.90 N 
3 1 "C5'" C U 1 ? ? "C4'" C U 1 ? ? "O4'" C U 1 ? ? 115.85 109.80 6.05  0.90 N 
4 1 "O5'" C C 4 ? ? P     C C 4 ? ? OP2   C C 4 ? ? 98.58  105.70 -7.12 0.90 N 
5 1 "O5'" C C 6 ? ? "C5'" C C 6 ? ? "C4'" C C 6 ? ? 104.50 109.40 -4.90 0.80 N 
# 
loop_
_chem_comp_atom.comp_id 
_chem_comp_atom.atom_id 
_chem_comp_atom.type_symbol 
_chem_comp_atom.pdbx_aromatic_flag 
_chem_comp_atom.pdbx_stereo_config 
_chem_comp_atom.pdbx_ordinal 
A   OP3    O  N N 1   
A   P      P  N N 2   
A   OP1    O  N N 3   
A   OP2    O  N N 4   
A   "O5'"  O  N N 5   
A   "C5'"  C  N N 6   
A   "C4'"  C  N R 7   
A   "O4'"  O  N N 8   
A   "C3'"  C  N S 9   
A   "O3'"  O  N N 10  
A   "C2'"  C  N R 11  
A   "O2'"  O  N N 12  
A   "C1'"  C  N R 13  
A   N9     N  Y N 14  
A   C8     C  Y N 15  
A   N7     N  Y N 16  
A   C5     C  Y N 17  
A   C6     C  Y N 18  
A   N6     N  N N 19  
A   N1     N  Y N 20  
A   C2     C  Y N 21  
A   N3     N  Y N 22  
A   C4     C  Y N 23  
A   HOP3   H  N N 24  
A   HOP2   H  N N 25  
A   "H5'"  H  N N 26  
A   "H5''" H  N N 27  
A   "H4'"  H  N N 28  
A   "H3'"  H  N N 29  
A   "HO3'" H  N N 30  
A   "H2'"  H  N N 31  
A   "HO2'" H  N N 32  
A   "H1'"  H  N N 33  
A   H8     H  N N 34  
A   H61    H  N N 35  
A   H62    H  N N 36  
A   H2     H  N N 37  
C   OP3    O  N N 38  
C   P      P  N N 39  
C   OP1    O  N N 40  
C   OP2    O  N N 41  
C   "O5'"  O  N N 42  
C   "C5'"  C  N N 43  
C   "C4'"  C  N R 44  
C   "O4'"  O  N N 45  
C   "C3'"  C  N S 46  
C   "O3'"  O  N N 47  
C   "C2'"  C  N R 48  
C   "O2'"  O  N N 49  
C   "C1'"  C  N R 50  
C   N1     N  N N 51  
C   C2     C  N N 52  
C   O2     O  N N 53  
C   N3     N  N N 54  
C   C4     C  N N 55  
C   N4     N  N N 56  
C   C5     C  N N 57  
C   C6     C  N N 58  
C   HOP3   H  N N 59  
C   HOP2   H  N N 60  
C   "H5'"  H  N N 61  
C   "H5''" H  N N 62  
C   "H4'"  H  N N 63  
C   "H3'"  H  N N 64  
C   "HO3'" H  N N 65  
C   "H2'"  H  N N 66  
C   "HO2'" H  N N 67  
C   "H1'"  H  N N 68  
C   H41    H  N N 69  
C   H42    H  N N 70  
C   H5     H  N N 71  
C   H6     H  N N 72  
CO  CO     CO N N 73  
DT  OP3    O  N N 74  
DT  P      P  N N 75  
DT  OP1    O  N N 76  
DT  OP2    O  N N 77  
DT  "O5'"  O  N N 78  
DT  "C5'"  C  N N 79  
DT  "C4'"  C  N R 80  
DT  "O4'"  O  N N 81  
DT  "C3'"  C  N S 82  
DT  "O3'"  O  N N 83  
DT  "C2'"  C  N N 84  
DT  "C1'"  C  N R 85  
DT  N1     N  N N 86  
DT  C2     C  N N 87  
DT  O2     O  N N 88  
DT  N3     N  N N 89  
DT  C4     C  N N 90  
DT  O4     O  N N 91  
DT  C5     C  N N 92  
DT  C7     C  N N 93  
DT  C6     C  N N 94  
DT  HOP3   H  N N 95  
DT  HOP2   H  N N 96  
DT  "H5'"  H  N N 97  
DT  "H5''" H  N N 98  
DT  "H4'"  H  N N 99  
DT  "H3'"  H  N N 100 
DT  "HO3'" H  N N 101 
DT  "H2'"  H  N N 102 
DT  "H2''" H  N N 103 
DT  "H1'"  H  N N 104 
DT  H3     H  N N 105 
DT  H71    H  N N 106 
DT  H72    H  N N 107 
DT  H73    H  N N 108 
DT  H6     H  N N 109 
G   OP3    O  N N 110 
G   P      P  N N 111 
G   OP1    O  N N 112 
G   OP2    O  N N 113 
G   "O5'"  O  N N 114 
G   "C5'"  C  N N 115 
G   "C4'"  C  N R 116 
G   "O4'"  O  N N 117 
G   "C3'"  C  N S 118 
G   "O3'"  O  N N 119 
G   "C2'"  C  N R 120 
G   "O2'"  O  N N 121 
G   "C1'"  C  N R 122 
G   N9     N  Y N 123 
G   C8     C  Y N 124 
G   N7     N  Y N 125 
G   C5     C  Y N 126 
G   C6     C  N N 127 
G   O6     O  N N 128 
G   N1     N  N N 129 
G   C2     C  N N 130 
G   N2     N  N N 131 
G   N3     N  N N 132 
G   C4     C  Y N 133 
G   HOP3   H  N N 134 
G   HOP2   H  N N 135 
G   "H5'"  H  N N 136 
G   "H5''" H  N N 137 
G   "H4'"  H  N N 138 
G   "H3'"  H  N N 139 
G   "HO3'" H  N N 140 
G   "H2'"  H  N N 141 
G   "HO2'" H  N N 142 
G   "H1'"  H  N N 143 
G   H8     H  N N 144 
G   H1     H  N N 145 
G   H21    H  N N 146 
G   H22    H  N N 147 
HOH O      O  N N 148 
HOH H1     H  N N 149 
HOH H2     H  N N 150 
MG  MG     MG N N 151 
U   OP3    O  N N 152 
U   P      P  N N 153 
U   OP1    O  N N 154 
U   OP2    O  N N 155 
U   "O5'"  O  N N 156 
U   "C5'"  C  N N 157 
U   "C4'"  C  N R 158 
U   "O4'"  O  N N 159 
U   "C3'"  C  N S 160 
U   "O3'"  O  N N 161 
U   "C2'"  C  N R 162 
U   "O2'"  O  N N 163 
U   "C1'"  C  N R 164 
U   N1     N  N N 165 
U   C2     C  N N 166 
U   O2     O  N N 167 
U   N3     N  N N 168 
U   C4     C  N N 169 
U   O4     O  N N 170 
U   C5     C  N N 171 
U   C6     C  N N 172 
U   HOP3   H  N N 173 
U   HOP2   H  N N 174 
U   "H5'"  H  N N 175 
U   "H5''" H  N N 176 
U   "H4'"  H  N N 177 
U   "H3'"  H  N N 178 
U   "HO3'" H  N N 179 
U   "H2'"  H  N N 180 
U   "HO2'" H  N N 181 
U   "H1'"  H  N N 182 
U   H3     H  N N 183 
U   H5     H  N N 184 
U   H6     H  N N 185 
# 
loop_
_chem_comp_bond.comp_id 
_chem_comp_bond.atom_id_1 
_chem_comp_bond.atom_id_2 
_chem_comp_bond.value_order 
_chem_comp_bond.pdbx_aromatic_flag 
_chem_comp_bond.pdbx_stereo_config 
_chem_comp_bond.pdbx_ordinal 
A   OP3   P      sing N N 1   
A   OP3   HOP3   sing N N 2   
A   P     OP1    doub N N 3   
A   P     OP2    sing N N 4   
A   P     "O5'"  sing N N 5   
A   OP2   HOP2   sing N N 6   
A   "O5'" "C5'"  sing N N 7   
A   "C5'" "C4'"  sing N N 8   
A   "C5'" "H5'"  sing N N 9   
A   "C5'" "H5''" sing N N 10  
A   "C4'" "O4'"  sing N N 11  
A   "C4'" "C3'"  sing N N 12  
A   "C4'" "H4'"  sing N N 13  
A   "O4'" "C1'"  sing N N 14  
A   "C3'" "O3'"  sing N N 15  
A   "C3'" "C2'"  sing N N 16  
A   "C3'" "H3'"  sing N N 17  
A   "O3'" "HO3'" sing N N 18  
A   "C2'" "O2'"  sing N N 19  
A   "C2'" "C1'"  sing N N 20  
A   "C2'" "H2'"  sing N N 21  
A   "O2'" "HO2'" sing N N 22  
A   "C1'" N9     sing N N 23  
A   "C1'" "H1'"  sing N N 24  
A   N9    C8     sing Y N 25  
A   N9    C4     sing Y N 26  
A   C8    N7     doub Y N 27  
A   C8    H8     sing N N 28  
A   N7    C5     sing Y N 29  
A   C5    C6     sing Y N 30  
A   C5    C4     doub Y N 31  
A   C6    N6     sing N N 32  
A   C6    N1     doub Y N 33  
A   N6    H61    sing N N 34  
A   N6    H62    sing N N 35  
A   N1    C2     sing Y N 36  
A   C2    N3     doub Y N 37  
A   C2    H2     sing N N 38  
A   N3    C4     sing Y N 39  
C   OP3   P      sing N N 40  
C   OP3   HOP3   sing N N 41  
C   P     OP1    doub N N 42  
C   P     OP2    sing N N 43  
C   P     "O5'"  sing N N 44  
C   OP2   HOP2   sing N N 45  
C   "O5'" "C5'"  sing N N 46  
C   "C5'" "C4'"  sing N N 47  
C   "C5'" "H5'"  sing N N 48  
C   "C5'" "H5''" sing N N 49  
C   "C4'" "O4'"  sing N N 50  
C   "C4'" "C3'"  sing N N 51  
C   "C4'" "H4'"  sing N N 52  
C   "O4'" "C1'"  sing N N 53  
C   "C3'" "O3'"  sing N N 54  
C   "C3'" "C2'"  sing N N 55  
C   "C3'" "H3'"  sing N N 56  
C   "O3'" "HO3'" sing N N 57  
C   "C2'" "O2'"  sing N N 58  
C   "C2'" "C1'"  sing N N 59  
C   "C2'" "H2'"  sing N N 60  
C   "O2'" "HO2'" sing N N 61  
C   "C1'" N1     sing N N 62  
C   "C1'" "H1'"  sing N N 63  
C   N1    C2     sing N N 64  
C   N1    C6     sing N N 65  
C   C2    O2     doub N N 66  
C   C2    N3     sing N N 67  
C   N3    C4     doub N N 68  
C   C4    N4     sing N N 69  
C   C4    C5     sing N N 70  
C   N4    H41    sing N N 71  
C   N4    H42    sing N N 72  
C   C5    C6     doub N N 73  
C   C5    H5     sing N N 74  
C   C6    H6     sing N N 75  
DT  OP3   P      sing N N 76  
DT  OP3   HOP3   sing N N 77  
DT  P     OP1    doub N N 78  
DT  P     OP2    sing N N 79  
DT  P     "O5'"  sing N N 80  
DT  OP2   HOP2   sing N N 81  
DT  "O5'" "C5'"  sing N N 82  
DT  "C5'" "C4'"  sing N N 83  
DT  "C5'" "H5'"  sing N N 84  
DT  "C5'" "H5''" sing N N 85  
DT  "C4'" "O4'"  sing N N 86  
DT  "C4'" "C3'"  sing N N 87  
DT  "C4'" "H4'"  sing N N 88  
DT  "O4'" "C1'"  sing N N 89  
DT  "C3'" "O3'"  sing N N 90  
DT  "C3'" "C2'"  sing N N 91  
DT  "C3'" "H3'"  sing N N 92  
DT  "O3'" "HO3'" sing N N 93  
DT  "C2'" "C1'"  sing N N 94  
DT  "C2'" "H2'"  sing N N 95  
DT  "C2'" "H2''" sing N N 96  
DT  "C1'" N1     sing N N 97  
DT  "C1'" "H1'"  sing N N 98  
DT  N1    C2     sing N N 99  
DT  N1    C6     sing N N 100 
DT  C2    O2     doub N N 101 
DT  C2    N3     sing N N 102 
DT  N3    C4     sing N N 103 
DT  N3    H3     sing N N 104 
DT  C4    O4     doub N N 105 
DT  C4    C5     sing N N 106 
DT  C5    C7     sing N N 107 
DT  C5    C6     doub N N 108 
DT  C7    H71    sing N N 109 
DT  C7    H72    sing N N 110 
DT  C7    H73    sing N N 111 
DT  C6    H6     sing N N 112 
G   OP3   P      sing N N 113 
G   OP3   HOP3   sing N N 114 
G   P     OP1    doub N N 115 
G   P     OP2    sing N N 116 
G   P     "O5'"  sing N N 117 
G   OP2   HOP2   sing N N 118 
G   "O5'" "C5'"  sing N N 119 
G   "C5'" "C4'"  sing N N 120 
G   "C5'" "H5'"  sing N N 121 
G   "C5'" "H5''" sing N N 122 
G   "C4'" "O4'"  sing N N 123 
G   "C4'" "C3'"  sing N N 124 
G   "C4'" "H4'"  sing N N 125 
G   "O4'" "C1'"  sing N N 126 
G   "C3'" "O3'"  sing N N 127 
G   "C3'" "C2'"  sing N N 128 
G   "C3'" "H3'"  sing N N 129 
G   "O3'" "HO3'" sing N N 130 
G   "C2'" "O2'"  sing N N 131 
G   "C2'" "C1'"  sing N N 132 
G   "C2'" "H2'"  sing N N 133 
G   "O2'" "HO2'" sing N N 134 
G   "C1'" N9     sing N N 135 
G   "C1'" "H1'"  sing N N 136 
G   N9    C8     sing Y N 137 
G   N9    C4     sing Y N 138 
G   C8    N7     doub Y N 139 
G   C8    H8     sing N N 140 
G   N7    C5     sing Y N 141 
G   C5    C6     sing N N 142 
G   C5    C4     doub Y N 143 
G   C6    O6     doub N N 144 
G   C6    N1     sing N N 145 
G   N1    C2     sing N N 146 
G   N1    H1     sing N N 147 
G   C2    N2     sing N N 148 
G   C2    N3     doub N N 149 
G   N2    H21    sing N N 150 
G   N2    H22    sing N N 151 
G   N3    C4     sing N N 152 
HOH O     H1     sing N N 153 
HOH O     H2     sing N N 154 
U   OP3   P      sing N N 155 
U   OP3   HOP3   sing N N 156 
U   P     OP1    doub N N 157 
U   P     OP2    sing N N 158 
U   P     "O5'"  sing N N 159 
U   OP2   HOP2   sing N N 160 
U   "O5'" "C5'"  sing N N 161 
U   "C5'" "C4'"  sing N N 162 
U   "C5'" "H5'"  sing N N 163 
U   "C5'" "H5''" sing N N 164 
U   "C4'" "O4'"  sing N N 165 
U   "C4'" "C3'"  sing N N 166 
U   "C4'" "H4'"  sing N N 167 
U   "O4'" "C1'"  sing N N 168 
U   "C3'" "O3'"  sing N N 169 
U   "C3'" "C2'"  sing N N 170 
U   "C3'" "H3'"  sing N N 171 
U   "O3'" "HO3'" sing N N 172 
U   "C2'" "O2'"  sing N N 173 
U   "C2'" "C1'"  sing N N 174 
U   "C2'" "H2'"  sing N N 175 
U   "O2'" "HO2'" sing N N 176 
U   "C1'" N1     sing N N 177 
U   "C1'" "H1'"  sing N N 178 
U   N1    C2     sing N N 179 
U   N1    C6     sing N N 180 
U   C2    O2     doub N N 181 
U   C2    N3     sing N N 182 
U   N3    C4     sing N N 183 
U   N3    H3     sing N N 184 
U   C4    O4     doub N N 185 
U   C4    C5     sing N N 186 
U   C5    C6     doub N N 187 
U   C5    H5     sing N N 188 
U   C6    H6     sing N N 189 
# 
loop_
_ndb_struct_conf_na.entry_id 
_ndb_struct_conf_na.feature 
5U0Q 'double helix'        
5U0Q 'a-form double helix' 
# 
loop_
_ndb_struct_na_base_pair.model_number 
_ndb_struct_na_base_pair.i_label_asym_id 
_ndb_struct_na_base_pair.i_label_comp_id 
_ndb_struct_na_base_pair.i_label_seq_id 
_ndb_struct_na_base_pair.i_symmetry 
_ndb_struct_na_base_pair.j_label_asym_id 
_ndb_struct_na_base_pair.j_label_comp_id 
_ndb_struct_na_base_pair.j_label_seq_id 
_ndb_struct_na_base_pair.j_symmetry 
_ndb_struct_na_base_pair.shear 
_ndb_struct_na_base_pair.stretch 
_ndb_struct_na_base_pair.stagger 
_ndb_struct_na_base_pair.buckle 
_ndb_struct_na_base_pair.propeller 
_ndb_struct_na_base_pair.opening 
_ndb_struct_na_base_pair.pair_number 
_ndb_struct_na_base_pair.pair_name 
_ndb_struct_na_base_pair.i_auth_asym_id 
_ndb_struct_na_base_pair.i_auth_seq_id 
_ndb_struct_na_base_pair.i_PDB_ins_code 
_ndb_struct_na_base_pair.j_auth_asym_id 
_ndb_struct_na_base_pair.j_auth_seq_id 
_ndb_struct_na_base_pair.j_PDB_ins_code 
_ndb_struct_na_base_pair.hbond_type_28 
_ndb_struct_na_base_pair.hbond_type_12 
1 A A  2 1_555 B DT 6 1_555 -2.185 2.241  0.375  -2.474 -2.555  110.585  1  A_A2:DT13_B A 2  ? B 13 ? ?  ? 
1 A G  3 1_555 B C  5 1_555 -0.151 -0.110 0.219  7.668  -3.949  -2.176   2  A_G3:C12_B  A 3  ? B 12 ? 19 1 
1 A C  4 1_555 B G  4 1_555 0.177  -0.066 -0.149 11.544 -6.532  -1.102   3  A_C4:G11_B  A 4  ? B 11 ? 19 1 
1 A U  5 1_555 B A  3 1_555 0.008  -0.046 -0.219 12.873 -5.573  0.054    4  A_U5:A10_B  A 5  ? B 10 ? 20 1 
1 A C  6 1_555 B G  2 1_555 0.244  -0.114 0.009  4.590  -14.079 2.435    5  A_C6:G9_B   A 6  ? B 9  ? 19 1 
1 A C  7 1_555 B G  1 1_555 0.302  -0.118 -0.103 4.627  -5.335  -0.654   6  A_C7:G8_B   A 7  ? B 8  ? 19 1 
1 D G  1 1_555 C C  7 1_555 -0.360 -0.170 -0.050 -6.239 -0.950  -0.948   7  D_G8:C7_C   D 8  ? C 7  ? 19 1 
1 D G  2 1_555 C C  6 1_555 -0.428 -0.078 0.023  -3.334 -8.253  2.912    8  D_G9:C6_C   D 9  ? C 6  ? 19 1 
1 D A  3 1_555 C U  5 1_555 0.087  -0.110 0.018  1.586  -6.717  5.348    9  D_A10:U5_C  D 10 ? C 5  ? 20 1 
1 D G  4 1_555 C C  4 1_555 -0.191 -0.071 -0.205 -9.922 -12.802 2.420    10 D_G11:C4_C  D 11 ? C 4  ? 19 1 
1 D C  5 1_555 C G  3 1_555 0.146  -0.103 -0.046 -3.403 -4.353  -1.304   11 D_C12:G3_C  D 12 ? C 3  ? 19 1 
1 D DT 6 1_555 C A  2 1_555 2.243  -2.546 -0.634 9.681  2.329   -107.297 12 D_DT13:A2_C D 13 ? C 2  ? ?  ? 
# 
loop_
_ndb_struct_na_base_pair_step.model_number 
_ndb_struct_na_base_pair_step.i_label_asym_id_1 
_ndb_struct_na_base_pair_step.i_label_comp_id_1 
_ndb_struct_na_base_pair_step.i_label_seq_id_1 
_ndb_struct_na_base_pair_step.i_symmetry_1 
_ndb_struct_na_base_pair_step.j_label_asym_id_1 
_ndb_struct_na_base_pair_step.j_label_comp_id_1 
_ndb_struct_na_base_pair_step.j_label_seq_id_1 
_ndb_struct_na_base_pair_step.j_symmetry_1 
_ndb_struct_na_base_pair_step.i_label_asym_id_2 
_ndb_struct_na_base_pair_step.i_label_comp_id_2 
_ndb_struct_na_base_pair_step.i_label_seq_id_2 
_ndb_struct_na_base_pair_step.i_symmetry_2 
_ndb_struct_na_base_pair_step.j_label_asym_id_2 
_ndb_struct_na_base_pair_step.j_label_comp_id_2 
_ndb_struct_na_base_pair_step.j_label_seq_id_2 
_ndb_struct_na_base_pair_step.j_symmetry_2 
_ndb_struct_na_base_pair_step.shift 
_ndb_struct_na_base_pair_step.slide 
_ndb_struct_na_base_pair_step.rise 
_ndb_struct_na_base_pair_step.tilt 
_ndb_struct_na_base_pair_step.roll 
_ndb_struct_na_base_pair_step.twist 
_ndb_struct_na_base_pair_step.x_displacement 
_ndb_struct_na_base_pair_step.y_displacement 
_ndb_struct_na_base_pair_step.helical_rise 
_ndb_struct_na_base_pair_step.inclination 
_ndb_struct_na_base_pair_step.tip 
_ndb_struct_na_base_pair_step.helical_twist 
_ndb_struct_na_base_pair_step.step_number 
_ndb_struct_na_base_pair_step.step_name 
_ndb_struct_na_base_pair_step.i_auth_asym_id_1 
_ndb_struct_na_base_pair_step.i_auth_seq_id_1 
_ndb_struct_na_base_pair_step.i_PDB_ins_code_1 
_ndb_struct_na_base_pair_step.j_auth_asym_id_1 
_ndb_struct_na_base_pair_step.j_auth_seq_id_1 
_ndb_struct_na_base_pair_step.j_PDB_ins_code_1 
_ndb_struct_na_base_pair_step.i_auth_asym_id_2 
_ndb_struct_na_base_pair_step.i_auth_seq_id_2 
_ndb_struct_na_base_pair_step.i_PDB_ins_code_2 
_ndb_struct_na_base_pair_step.j_auth_asym_id_2 
_ndb_struct_na_base_pair_step.j_auth_seq_id_2 
_ndb_struct_na_base_pair_step.j_PDB_ins_code_2 
1 A A 2 1_555 B DT 6 1_555 A G  3 1_555 B C 5 1_555 -2.758 -1.610 -1.564 109.422 -131.213 -18.289 0.384  -1.736 0.274 68.560 
57.174 -170.968 1  AA_A2G3:C12DT13_BB A 2  ? B 13 ? A 3  ? B 12 ? 
1 A G 3 1_555 B C  5 1_555 A C  4 1_555 B G 4 1_555 0.197  -1.975 3.258  1.060   1.828    32.024  -3.895 -0.169 3.148 3.309  
-1.919 32.092   2  AA_G3C4:G11C12_BB  A 3  ? B 12 ? A 4  ? B 11 ? 
1 A C 4 1_555 B G  4 1_555 A U  5 1_555 B A 3 1_555 -0.846 -2.100 3.290  -3.846  4.442    24.083  -6.196 0.844  2.958 10.449 9.046 
24.780   3  AA_C4U5:A10G11_BB  A 4  ? B 11 ? A 5  ? B 10 ? 
1 A U 5 1_555 B A  3 1_555 A C  6 1_555 B G 2 1_555 0.808  -1.947 3.344  -0.486  6.947    36.651  -3.936 -1.327 2.929 10.926 0.765 
37.285   4  AA_U5C6:G9A10_BB   A 5  ? B 10 ? A 6  ? B 9  ? 
1 A C 6 1_555 B G  2 1_555 A C  7 1_555 B G 1 1_555 -0.687 -2.023 3.220  0.236   6.283    30.183  -4.936 1.336  2.747 11.903 
-0.447 30.816   5  AA_C6C7:G8G9_BB    A 6  ? B 9  ? A 7  ? B 8  ? 
1 A C 7 1_555 B G  1 1_555 D G  1 1_555 C C 7 1_555 -0.227 -3.642 3.572  -0.101  2.500    -19.142 9.406  -0.735 4.008 -7.476 
-0.303 -19.304  6  AD_C7G8:C7G8_CB    A 7  ? B 8  ? D 8  ? C 7  ? 
1 D G 1 1_555 C C  7 1_555 D G  2 1_555 C C 6 1_555 0.553  -2.315 3.176  1.011   3.548    30.367  -5.044 -0.862 2.909 6.742  
-1.922 30.585   7  DD_G8G9:C6C7_CC    D 8  ? C 7  ? D 9  ? C 6  ? 
1 D G 2 1_555 C C  6 1_555 D A  3 1_555 C U 5 1_555 -0.591 -2.047 3.130  -1.465  4.530    26.901  -5.362 0.919  2.781 9.641  3.117 
27.312   8  DD_G9A10:U5C6_CC   D 9  ? C 6  ? D 10 ? C 5  ? 
1 D A 3 1_555 C U  5 1_555 D G  4 1_555 C C 4 1_555 0.837  -2.254 3.527  4.897   8.681    30.884  -5.577 -0.631 2.899 15.794 
-8.909 32.415   9  DD_A10G11:C4U5_CC  D 10 ? C 5  ? D 11 ? C 4  ? 
1 D G 4 1_555 C C  4 1_555 D C  5 1_555 C G 3 1_555 -0.827 -2.568 3.127  -1.064  2.363    26.663  -6.111 1.529  2.923 5.109  2.299 
26.787   10 DD_G11C12:G3C4_CC  D 11 ? C 4  ? D 12 ? C 3  ? 
1 D C 5 1_555 C G  3 1_555 D DT 6 1_555 C A 2 1_555 0.286  -1.700 3.268  8.153   1.215    97.589  -1.147 -0.055 3.264 0.806  
-5.411 97.848   11 DD_C12DT13:A2G3_CC D 12 ? C 3  ? D 13 ? C 2  ? 
# 
loop_
_pdbx_entity_nonpoly.entity_id 
_pdbx_entity_nonpoly.name 
_pdbx_entity_nonpoly.comp_id 
3 'MAGNESIUM ION'   MG  
4 'COBALT (II) ION' CO  
5 water             HOH 
# 
_pdbx_initial_refinement_model.id               1 
_pdbx_initial_refinement_model.entity_id_list   ? 
_pdbx_initial_refinement_model.type             'experimental model' 
_pdbx_initial_refinement_model.source_name      PDB 
_pdbx_initial_refinement_model.accession_code   5TKO 
_pdbx_initial_refinement_model.details          ? 
# 
